data_8SDB
#
_entry.id   8SDB
#
_cell.length_a   146.489
_cell.length_b   146.489
_cell.length_c   294.920
_cell.angle_alpha   90.000
_cell.angle_beta   90.000
_cell.angle_gamma   120.000
#
_symmetry.space_group_name_H-M   'P 32 2 1'
#
loop_
_entity.id
_entity.type
_entity.pdbx_description
1 polymer '1,4-alpha-glucan branching enzyme GlgB'
2 branched alpha-D-glucopyranose-(1-4)-alpha-D-glucopyranose-(1-4)-alpha-D-glucopyranose-(1-4)-alpha-D-glucopyranose-(1-4)-alpha-D-glucopyranose
3 branched alpha-D-glucopyranose-(1-4)-alpha-D-glucopyranose-(1-4)-alpha-D-glucopyranose-(1-4)-alpha-D-glucopyranose
4 branched alpha-D-glucopyranose-(1-4)-alpha-D-glucopyranose-(1-4)-alpha-D-glucopyranose
5 branched alpha-D-glucopyranose-(1-4)-alpha-D-glucopyranose-(1-4)-alpha-D-glucopyranose-(1-4)-alpha-D-glucopyranose-(1-4)-alpha-D-glucopyranose-(1-4)-alpha-D-glucopyranose-(1-4)-alpha-D-glucopyranose
6 branched alpha-D-glucopyranose-(1-4)-alpha-D-glucopyranose
7 non-polymer alpha-D-glucopyranose
#
_entity_poly.entity_id   1
_entity_poly.type   'polypeptide(L)'
_entity_poly.pdbx_seq_one_letter_code
;GTHLRPYETLGAHADTMDGVTGTRFSVWAPNARRVSVVGQFNYWDGRRHPMRLRKESGIWELFIPGAHNGQLYKYEMIDA
NGNLRLKSDPYAFEAQMRPETASLICGLPEKVVQTEERKKANQFDAPISIYEVHLGSWRRHTDNNFWLSYRELADQLVPY
AKWMGFTHLELLPINEHPFDGSWGYQPTGLYAPTRRFGTRDDFRYFIDAAHAAGLNVILDWVPGHFPTDDFALAEFDGTN
LYEHSDPREGYHQDWNTLIYNYGRREVSNFLVGNALYWIERFGIDALRVDAVASMIYRDYSRKEGEWIPNEFGGRENLEA
IEFLRNTNRILGEQVSGAVTMAEESTDFPGVSRPQDMGGLGFWYKWNLGWMHDTLDYMKLDPVYRQYHHDKLTFGILYNY
TENFVLPLSHDEVVHGKKSILDRMPGDAWQKFANLRAYYGWMWAFPGKKLLFMGNEFAQGREWNHDASLDWHLLEGGDNW
HHGVQRLVRDLNLTYRHHKAMHELDFDPYGFEWLVVDDKERSVLIFVRRDKEGNEIIVASNFTPVPRHDYRFGINQPGKW
REILNTDSMHYHGSNAGNGGTVHSDEIASHGRQHSLSLTLPPLATIWLVREAE
;
_entity_poly.pdbx_strand_id   A,B,C,D
#
# COMPACT_ATOMS: atom_id res chain seq x y z
N THR A 2 32.33 2.22 2.35
CA THR A 2 33.70 2.12 1.82
C THR A 2 34.54 1.07 2.64
N HIS A 3 34.00 0.67 3.79
CA HIS A 3 34.49 -0.44 4.59
C HIS A 3 33.74 -1.74 4.33
N LEU A 4 33.14 -1.89 3.15
CA LEU A 4 32.42 -3.10 2.77
C LEU A 4 33.25 -4.00 1.84
N ARG A 5 34.51 -3.67 1.61
CA ARG A 5 35.36 -4.54 0.85
C ARG A 5 36.71 -4.53 1.52
N PRO A 6 36.75 -4.74 2.85
CA PRO A 6 38.01 -4.87 3.56
C PRO A 6 38.97 -5.75 2.80
N TYR A 7 38.44 -6.81 2.17
CA TYR A 7 39.27 -7.78 1.47
C TYR A 7 40.02 -7.15 0.31
N GLU A 8 39.47 -6.09 -0.29
CA GLU A 8 40.12 -5.45 -1.42
C GLU A 8 41.42 -4.77 -1.00
N THR A 9 41.57 -4.49 0.28
CA THR A 9 42.74 -3.79 0.77
C THR A 9 43.50 -4.52 1.87
N LEU A 10 42.83 -5.25 2.74
CA LEU A 10 43.52 -6.03 3.76
C LEU A 10 44.02 -7.33 3.16
N GLY A 11 44.70 -8.11 3.99
CA GLY A 11 45.21 -9.37 3.51
C GLY A 11 46.56 -9.15 2.85
N ALA A 12 46.84 -9.99 1.85
CA ALA A 12 48.08 -9.91 1.09
C ALA A 12 47.78 -9.68 -0.38
N HIS A 13 48.28 -8.57 -0.93
CA HIS A 13 48.03 -8.15 -2.30
C HIS A 13 49.29 -7.73 -3.03
N ALA A 14 49.36 -8.09 -4.30
CA ALA A 14 50.43 -7.61 -5.16
C ALA A 14 50.45 -6.08 -5.20
N ASP A 15 51.64 -5.51 -5.11
CA ASP A 15 51.84 -4.07 -5.24
C ASP A 15 53.22 -3.84 -5.84
N THR A 16 53.43 -2.63 -6.35
CA THR A 16 54.73 -2.27 -6.91
C THR A 16 55.22 -0.97 -6.29
N MET A 17 56.43 -1.01 -5.75
CA MET A 17 57.06 0.13 -5.10
C MET A 17 58.33 0.50 -5.86
N ASP A 18 58.36 1.72 -6.44
CA ASP A 18 59.53 2.23 -7.16
C ASP A 18 59.81 1.52 -8.47
N GLY A 19 58.93 0.64 -8.92
CA GLY A 19 59.23 -0.26 -10.00
C GLY A 19 59.88 -1.57 -9.61
N VAL A 20 59.83 -1.95 -8.33
CA VAL A 20 60.28 -3.28 -7.89
C VAL A 20 59.07 -4.05 -7.42
N THR A 21 58.74 -5.13 -8.15
CA THR A 21 57.57 -5.92 -7.79
C THR A 21 57.79 -6.63 -6.47
N GLY A 22 56.78 -6.57 -5.62
CA GLY A 22 56.73 -7.44 -4.47
C GLY A 22 55.28 -7.69 -4.10
N THR A 23 55.02 -7.96 -2.81
CA THR A 23 53.66 -8.14 -2.31
C THR A 23 53.45 -7.32 -1.04
N ARG A 24 52.25 -6.82 -0.85
CA ARG A 24 51.95 -5.91 0.25
C ARG A 24 51.10 -6.62 1.30
N PHE A 25 51.47 -6.43 2.57
CA PHE A 25 50.85 -7.19 3.64
C PHE A 25 50.23 -6.25 4.67
N SER A 26 48.99 -6.54 5.04
CA SER A 26 48.28 -5.79 6.06
C SER A 26 47.44 -6.73 6.90
N VAL A 27 47.46 -6.50 8.21
CA VAL A 27 46.71 -7.35 9.13
C VAL A 27 46.22 -6.48 10.28
N TRP A 28 44.94 -6.64 10.60
CA TRP A 28 44.33 -5.91 11.71
C TRP A 28 44.63 -6.64 13.01
N ALA A 29 45.45 -6.03 13.86
CA ALA A 29 45.91 -6.66 15.10
C ALA A 29 46.35 -5.57 16.07
N PRO A 30 45.39 -4.82 16.62
CA PRO A 30 45.69 -3.54 17.26
C PRO A 30 46.22 -3.61 18.67
N ASN A 31 46.32 -4.77 19.29
CA ASN A 31 46.94 -4.92 20.60
C ASN A 31 48.20 -5.75 20.54
N ALA A 32 48.78 -5.88 19.37
CA ALA A 32 50.01 -6.62 19.25
C ALA A 32 51.12 -5.80 19.86
N ARG A 33 52.13 -6.47 20.36
CA ARG A 33 53.32 -5.70 20.61
C ARG A 33 54.23 -5.69 19.40
N ARG A 34 54.15 -6.72 18.54
CA ARG A 34 54.99 -6.84 17.35
C ARG A 34 54.41 -7.86 16.38
N VAL A 35 54.46 -7.52 15.09
CA VAL A 35 53.99 -8.39 14.02
C VAL A 35 55.08 -8.46 12.96
N SER A 36 55.30 -9.65 12.43
CA SER A 36 56.22 -9.84 11.31
C SER A 36 55.60 -10.80 10.30
N VAL A 37 55.85 -10.59 9.02
CA VAL A 37 55.51 -11.63 8.05
C VAL A 37 56.68 -12.57 7.95
N VAL A 38 56.39 -13.84 8.02
CA VAL A 38 57.33 -14.92 7.85
C VAL A 38 56.89 -15.68 6.62
N GLY A 39 57.84 -16.07 5.79
CA GLY A 39 57.43 -16.88 4.67
C GLY A 39 58.59 -17.61 4.04
N GLN A 40 58.29 -18.26 2.91
CA GLN A 40 59.34 -18.86 2.11
C GLN A 40 60.35 -17.80 1.67
N PHE A 41 59.86 -16.62 1.28
CA PHE A 41 60.72 -15.57 0.74
C PHE A 41 61.81 -15.09 1.71
N ASN A 42 61.66 -15.34 3.02
CA ASN A 42 62.70 -15.01 3.99
C ASN A 42 63.02 -16.18 4.93
N TYR A 43 62.84 -17.39 4.44
CA TYR A 43 63.20 -18.60 5.17
C TYR A 43 62.58 -18.61 6.57
N TRP A 44 61.30 -18.22 6.64
CA TRP A 44 60.51 -18.22 7.87
C TRP A 44 61.26 -17.57 9.04
N ASP A 45 61.97 -16.50 8.75
CA ASP A 45 62.63 -15.71 9.78
C ASP A 45 61.92 -14.37 9.88
N GLY A 46 61.13 -14.21 10.91
CA GLY A 46 60.50 -12.92 10.98
C GLY A 46 61.39 -11.79 11.44
N ARG A 47 62.67 -12.02 11.72
CA ARG A 47 63.49 -10.86 12.06
C ARG A 47 63.63 -9.97 10.83
N ARG A 48 63.59 -10.58 9.65
CA ARG A 48 63.93 -9.91 8.40
C ARG A 48 62.97 -8.76 8.12
N HIS A 49 61.66 -9.01 8.32
CA HIS A 49 60.60 -8.18 7.77
C HIS A 49 59.57 -7.87 8.85
N PRO A 50 59.93 -7.06 9.84
CA PRO A 50 59.00 -6.72 10.92
C PRO A 50 58.06 -5.63 10.44
N MET A 51 56.78 -5.76 10.78
CA MET A 51 55.75 -4.96 10.12
C MET A 51 55.65 -3.58 10.76
N ARG A 52 54.82 -2.72 10.18
CA ARG A 52 54.67 -1.36 10.68
C ARG A 52 53.21 -1.08 11.08
N LEU A 53 53.03 -0.50 12.25
CA LEU A 53 51.71 -0.31 12.81
C LEU A 53 51.21 1.09 12.52
N ARG A 54 49.96 1.20 12.07
CA ARG A 54 49.25 2.47 12.01
C ARG A 54 48.36 2.51 13.22
N LYS A 55 48.71 3.33 14.22
CA LYS A 55 47.90 3.35 15.44
C LYS A 55 46.46 3.73 15.14
N GLU A 56 46.27 4.57 14.14
CA GLU A 56 44.95 5.12 13.90
C GLU A 56 43.93 4.00 13.68
N SER A 57 44.22 3.12 12.73
CA SER A 57 43.35 2.01 12.34
C SER A 57 43.69 0.67 12.99
N GLY A 58 44.89 0.53 13.56
CA GLY A 58 45.24 -0.75 14.15
C GLY A 58 45.79 -1.74 13.17
N ILE A 59 46.03 -1.32 11.93
CA ILE A 59 46.49 -2.21 10.88
C ILE A 59 47.99 -2.24 10.87
N TRP A 60 48.55 -3.40 10.63
CA TRP A 60 49.98 -3.49 10.43
C TRP A 60 50.25 -3.60 8.95
N GLU A 61 51.30 -2.93 8.50
CA GLU A 61 51.61 -2.86 7.08
C GLU A 61 53.10 -3.11 6.83
N LEU A 62 53.40 -3.48 5.60
CA LEU A 62 54.76 -3.78 5.19
C LEU A 62 54.73 -4.40 3.80
N PHE A 63 55.65 -3.97 2.96
CA PHE A 63 55.72 -4.40 1.58
C PHE A 63 57.01 -5.18 1.42
N ILE A 64 56.92 -6.37 0.85
CA ILE A 64 58.10 -7.21 0.67
C ILE A 64 58.38 -7.33 -0.82
N PRO A 65 59.53 -6.89 -1.31
CA PRO A 65 59.84 -7.03 -2.74
C PRO A 65 60.29 -8.42 -3.09
N GLY A 66 59.94 -8.86 -4.30
CA GLY A 66 60.27 -10.20 -4.72
C GLY A 66 59.40 -11.30 -4.12
N ALA A 67 58.46 -10.95 -3.24
CA ALA A 67 57.51 -11.91 -2.67
C ALA A 67 56.32 -12.01 -3.61
N HIS A 68 56.13 -13.17 -4.23
CA HIS A 68 55.20 -13.31 -5.34
C HIS A 68 54.20 -14.40 -5.06
N ASN A 69 53.11 -14.37 -5.80
CA ASN A 69 52.04 -15.28 -5.44
C ASN A 69 52.40 -16.71 -5.82
N GLY A 70 51.97 -17.63 -4.97
CA GLY A 70 52.52 -18.96 -4.84
C GLY A 70 53.19 -19.24 -3.52
N GLN A 71 53.72 -18.22 -2.83
CA GLN A 71 54.60 -18.45 -1.67
C GLN A 71 53.84 -18.43 -0.35
N LEU A 72 54.05 -19.45 0.49
CA LEU A 72 53.34 -19.57 1.75
C LEU A 72 53.89 -18.60 2.80
N TYR A 73 53.02 -18.13 3.70
CA TYR A 73 53.45 -17.21 4.74
C TYR A 73 52.62 -17.37 6.01
N LYS A 74 53.02 -16.61 7.03
CA LYS A 74 52.26 -16.50 8.26
C LYS A 74 52.54 -15.13 8.84
N TYR A 75 51.76 -14.73 9.82
CA TYR A 75 52.11 -13.57 10.62
C TYR A 75 52.61 -14.13 11.93
N GLU A 76 53.83 -13.75 12.28
CA GLU A 76 54.43 -14.09 13.56
C GLU A 76 54.37 -12.83 14.39
N MET A 77 53.53 -12.84 15.41
CA MET A 77 53.43 -11.71 16.30
C MET A 77 53.89 -12.13 17.68
N ILE A 78 54.19 -11.13 18.50
CA ILE A 78 54.11 -11.27 19.94
C ILE A 78 52.84 -10.51 20.32
N ASP A 79 51.88 -11.20 20.96
CA ASP A 79 50.54 -10.67 21.19
C ASP A 79 50.53 -9.52 22.16
N ALA A 80 49.33 -9.20 22.67
CA ALA A 80 49.17 -8.13 23.63
C ALA A 80 49.73 -8.48 25.00
N ASN A 81 49.87 -9.78 25.31
CA ASN A 81 50.33 -10.24 26.61
C ASN A 81 51.76 -10.73 26.60
N GLY A 82 52.48 -10.55 25.50
CA GLY A 82 53.88 -10.91 25.42
C GLY A 82 54.12 -12.35 25.09
N ASN A 83 53.07 -13.11 24.76
CA ASN A 83 53.25 -14.45 24.28
C ASN A 83 53.74 -14.40 22.83
N LEU A 84 54.10 -15.56 22.27
CA LEU A 84 54.54 -15.63 20.88
C LEU A 84 53.70 -16.67 20.15
N ARG A 85 52.99 -16.25 19.10
CA ARG A 85 52.31 -17.22 18.24
C ARG A 85 52.34 -16.71 16.81
N LEU A 86 52.25 -17.67 15.86
CA LEU A 86 52.00 -17.38 14.46
C LEU A 86 50.51 -17.49 14.19
N LYS A 87 50.06 -16.66 13.26
CA LYS A 87 48.67 -16.56 12.91
C LYS A 87 48.56 -16.72 11.40
N SER A 88 47.50 -17.40 10.96
CA SER A 88 47.18 -17.44 9.53
C SER A 88 46.40 -16.18 9.14
N ASP A 89 46.54 -15.77 7.87
CA ASP A 89 45.89 -14.52 7.44
C ASP A 89 44.39 -14.67 7.50
N PRO A 90 43.70 -13.92 8.35
CA PRO A 90 42.24 -13.97 8.33
C PRO A 90 41.67 -13.67 6.96
N TYR A 91 42.47 -13.08 6.08
CA TYR A 91 42.07 -12.78 4.70
C TYR A 91 42.81 -13.65 3.69
N ALA A 92 43.39 -14.76 4.14
CA ALA A 92 43.94 -15.76 3.21
C ALA A 92 42.92 -16.09 2.14
N PHE A 93 43.31 -15.89 0.87
CA PHE A 93 42.50 -16.25 -0.28
C PHE A 93 42.76 -17.66 -0.76
N GLU A 94 43.72 -18.34 -0.14
CA GLU A 94 44.18 -19.66 -0.52
C GLU A 94 45.04 -20.17 0.62
N ALA A 95 44.86 -21.42 1.02
CA ALA A 95 45.50 -21.92 2.24
C ALA A 95 46.04 -23.31 2.03
N GLN A 96 47.04 -23.66 2.84
CA GLN A 96 47.49 -25.03 2.85
C GLN A 96 46.35 -25.95 3.26
N MET A 97 46.57 -27.25 3.08
CA MET A 97 45.54 -28.26 3.34
C MET A 97 45.71 -28.90 4.70
N ARG A 98 44.60 -29.31 5.30
CA ARG A 98 44.39 -29.65 6.70
C ARG A 98 45.47 -29.26 7.63
N PRO A 99 46.30 -30.23 8.03
CA PRO A 99 47.15 -29.94 9.18
C PRO A 99 48.11 -28.81 8.92
N GLU A 100 48.37 -28.49 7.65
CA GLU A 100 49.40 -27.53 7.28
C GLU A 100 49.04 -26.10 7.71
N THR A 101 47.87 -25.62 7.32
CA THR A 101 47.30 -24.41 7.88
C THR A 101 48.24 -23.21 7.77
N ALA A 102 48.56 -22.84 6.54
CA ALA A 102 49.31 -21.61 6.29
C ALA A 102 48.84 -20.99 4.98
N SER A 103 48.92 -19.67 4.93
CA SER A 103 48.30 -18.92 3.86
C SER A 103 49.23 -18.85 2.66
N LEU A 104 48.64 -18.97 1.47
CA LEU A 104 49.33 -18.80 0.20
C LEU A 104 49.02 -17.42 -0.34
N ILE A 105 50.00 -16.82 -0.94
CA ILE A 105 49.85 -15.46 -1.41
C ILE A 105 49.34 -15.49 -2.85
N CYS A 106 48.15 -14.94 -3.03
CA CYS A 106 47.69 -14.49 -4.31
C CYS A 106 46.71 -13.38 -4.02
N GLY A 107 46.17 -12.77 -5.06
CA GLY A 107 45.38 -11.58 -4.90
C GLY A 107 43.93 -11.91 -5.09
N LEU A 108 43.17 -10.88 -5.47
CA LEU A 108 41.79 -11.18 -5.75
C LEU A 108 41.66 -11.69 -7.17
N PRO A 109 40.72 -12.58 -7.42
CA PRO A 109 40.27 -12.80 -8.79
C PRO A 109 39.64 -11.54 -9.35
N GLU A 110 39.32 -11.60 -10.64
CA GLU A 110 38.65 -10.50 -11.34
C GLU A 110 37.17 -10.50 -10.96
N LYS A 111 36.61 -9.29 -10.75
CA LYS A 111 35.19 -9.19 -10.43
C LYS A 111 34.36 -9.87 -11.51
N VAL A 112 33.25 -10.47 -11.09
CA VAL A 112 32.33 -11.18 -11.97
C VAL A 112 31.00 -10.44 -11.96
N VAL A 113 30.57 -10.01 -13.15
CA VAL A 113 29.33 -9.24 -13.28
C VAL A 113 28.18 -10.21 -13.51
N GLN A 114 27.09 -10.01 -12.74
CA GLN A 114 25.97 -10.94 -12.75
C GLN A 114 25.04 -10.63 -13.91
N THR A 115 24.67 -11.65 -14.65
CA THR A 115 23.92 -11.39 -15.85
C THR A 115 22.47 -11.13 -15.52
N GLU A 116 21.76 -10.53 -16.46
CA GLU A 116 20.37 -10.28 -16.28
C GLU A 116 19.69 -11.62 -16.23
N GLU A 117 20.30 -12.63 -16.80
CA GLU A 117 19.67 -13.93 -16.81
C GLU A 117 19.75 -14.60 -15.45
N ARG A 118 20.93 -14.52 -14.82
CA ARG A 118 21.05 -15.08 -13.48
C ARG A 118 20.14 -14.34 -12.51
N LYS A 119 19.99 -13.02 -12.66
CA LYS A 119 19.16 -12.24 -11.75
C LYS A 119 17.69 -12.62 -11.88
N LYS A 120 17.21 -12.86 -13.10
CA LYS A 120 15.83 -13.35 -13.25
C LYS A 120 15.64 -14.71 -12.61
N ALA A 121 16.65 -15.58 -12.65
CA ALA A 121 16.51 -16.90 -12.04
C ALA A 121 16.35 -16.86 -10.53
N ASN A 122 16.69 -15.77 -9.86
CA ASN A 122 16.51 -15.75 -8.42
C ASN A 122 15.17 -15.19 -8.01
N GLN A 123 14.40 -14.62 -8.92
CA GLN A 123 13.24 -13.80 -8.57
C GLN A 123 12.04 -14.67 -8.17
N PHE A 124 11.09 -14.09 -7.44
CA PHE A 124 10.04 -14.92 -6.85
C PHE A 124 9.10 -15.53 -7.87
N ASP A 125 9.00 -14.96 -9.07
CA ASP A 125 8.14 -15.57 -10.09
C ASP A 125 8.82 -16.73 -10.82
N ALA A 126 10.14 -17.00 -10.54
CA ALA A 126 11.05 -17.90 -11.26
C ALA A 126 10.85 -19.35 -10.83
N PRO A 127 10.91 -20.30 -11.77
CA PRO A 127 10.99 -21.70 -11.35
C PRO A 127 12.37 -21.92 -10.74
N ILE A 128 12.38 -22.44 -9.52
CA ILE A 128 13.61 -22.55 -8.76
C ILE A 128 13.67 -23.96 -8.22
N SER A 129 14.35 -24.85 -8.95
CA SER A 129 14.64 -26.18 -8.44
C SER A 129 16.13 -26.31 -8.15
N ILE A 130 16.47 -26.46 -6.86
CA ILE A 130 17.84 -26.55 -6.39
C ILE A 130 18.26 -28.01 -6.32
N TYR A 131 19.52 -28.27 -6.64
CA TYR A 131 20.17 -29.57 -6.48
C TYR A 131 21.28 -29.39 -5.44
N GLU A 132 21.12 -29.96 -4.26
CA GLU A 132 22.02 -29.61 -3.17
C GLU A 132 23.11 -30.65 -3.15
N VAL A 133 24.37 -30.20 -3.04
CA VAL A 133 25.52 -31.08 -3.17
C VAL A 133 26.58 -30.78 -2.14
N HIS A 134 27.25 -31.84 -1.69
CA HIS A 134 28.45 -31.77 -0.90
C HIS A 134 29.58 -32.24 -1.81
N LEU A 135 30.44 -31.33 -2.26
CA LEU A 135 31.39 -31.68 -3.31
C LEU A 135 32.30 -32.85 -2.91
N GLY A 136 32.61 -32.98 -1.61
CA GLY A 136 33.52 -34.01 -1.14
C GLY A 136 32.98 -35.44 -1.21
N SER A 137 31.70 -35.63 -1.47
CA SER A 137 31.19 -36.98 -1.36
C SER A 137 30.16 -37.30 -2.43
N TRP A 138 30.20 -36.60 -3.56
CA TRP A 138 29.20 -36.79 -4.60
C TRP A 138 29.62 -37.89 -5.58
N ARG A 139 30.80 -37.78 -6.14
CA ARG A 139 31.41 -38.91 -6.81
C ARG A 139 32.87 -38.99 -6.38
N ARG A 140 33.49 -40.16 -6.61
CA ARG A 140 34.92 -40.26 -6.38
C ARG A 140 35.59 -41.09 -7.46
N HIS A 141 36.91 -41.04 -7.54
CA HIS A 141 37.63 -41.92 -8.44
C HIS A 141 37.58 -43.29 -7.83
N THR A 142 37.17 -44.27 -8.61
CA THR A 142 36.96 -45.60 -8.08
C THR A 142 38.15 -46.36 -7.55
N ASP A 143 39.30 -46.16 -8.14
CA ASP A 143 40.41 -46.98 -7.73
C ASP A 143 41.08 -46.40 -6.51
N ASN A 144 41.33 -45.12 -6.60
CA ASN A 144 41.92 -44.35 -5.53
C ASN A 144 40.97 -44.22 -4.37
N ASN A 145 39.71 -44.09 -4.73
CA ASN A 145 38.70 -43.39 -3.93
C ASN A 145 39.15 -41.96 -3.63
N PHE A 146 39.68 -41.31 -4.66
CA PHE A 146 40.13 -39.94 -4.56
C PHE A 146 38.98 -38.99 -4.88
N TRP A 147 39.11 -37.75 -4.41
CA TRP A 147 38.11 -36.73 -4.69
C TRP A 147 38.17 -36.28 -6.14
N LEU A 148 37.00 -36.03 -6.72
CA LEU A 148 36.93 -35.26 -7.96
C LEU A 148 37.43 -33.86 -7.69
N SER A 149 38.28 -33.36 -8.57
CA SER A 149 38.79 -32.00 -8.45
C SER A 149 37.71 -31.00 -8.85
N TYR A 150 37.90 -29.73 -8.45
CA TYR A 150 37.03 -28.69 -9.00
C TYR A 150 36.91 -28.85 -10.51
N ARG A 151 38.03 -29.18 -11.17
CA ARG A 151 37.96 -29.26 -12.63
C ARG A 151 37.17 -30.50 -13.06
N GLU A 152 37.36 -31.61 -12.39
CA GLU A 152 36.58 -32.79 -12.75
C GLU A 152 35.11 -32.56 -12.45
N LEU A 153 34.81 -31.78 -11.40
CA LEU A 153 33.41 -31.53 -11.05
C LEU A 153 32.71 -30.68 -12.11
N ALA A 154 33.47 -29.77 -12.74
CA ALA A 154 32.97 -29.09 -13.92
C ALA A 154 32.62 -30.08 -15.02
N ASP A 155 33.55 -31.00 -15.37
CA ASP A 155 33.33 -32.04 -16.38
C ASP A 155 32.08 -32.89 -16.11
N GLN A 156 31.84 -33.22 -14.84
CA GLN A 156 30.78 -34.15 -14.50
C GLN A 156 29.54 -33.48 -13.88
N LEU A 157 29.70 -32.73 -12.77
CA LEU A 157 28.52 -32.25 -12.05
C LEU A 157 27.64 -31.39 -12.96
N VAL A 158 28.21 -30.32 -13.54
CA VAL A 158 27.39 -29.34 -14.26
C VAL A 158 26.62 -29.98 -15.42
N PRO A 159 27.22 -30.79 -16.30
CA PRO A 159 26.39 -31.41 -17.33
C PRO A 159 25.31 -32.26 -16.72
N TYR A 160 25.54 -32.74 -15.51
CA TYR A 160 24.59 -33.64 -14.89
C TYR A 160 23.46 -32.88 -14.22
N ALA A 161 23.81 -31.86 -13.46
CA ALA A 161 22.79 -30.96 -12.95
C ALA A 161 21.98 -30.36 -14.11
N LYS A 162 22.65 -29.79 -15.10
CA LYS A 162 21.87 -29.19 -16.19
C LYS A 162 20.97 -30.23 -16.84
N TRP A 163 21.55 -31.41 -17.16
CA TRP A 163 20.75 -32.46 -17.77
C TRP A 163 19.49 -32.70 -16.95
N MET A 164 19.64 -32.96 -15.67
CA MET A 164 18.52 -33.29 -14.83
C MET A 164 17.49 -32.19 -14.74
N GLY A 165 17.77 -31.01 -15.28
CA GLY A 165 16.77 -29.97 -15.28
C GLY A 165 16.74 -29.06 -14.08
N PHE A 166 17.62 -29.27 -13.11
CA PHE A 166 17.72 -28.35 -11.99
C PHE A 166 18.03 -26.94 -12.45
N THR A 167 17.67 -26.00 -11.61
CA THR A 167 17.72 -24.58 -11.93
C THR A 167 18.93 -23.92 -11.32
N HIS A 168 19.20 -24.30 -10.07
CA HIS A 168 20.28 -23.85 -9.21
C HIS A 168 21.08 -25.05 -8.75
N LEU A 169 22.26 -24.73 -8.25
CA LEU A 169 23.17 -25.71 -7.68
C LEU A 169 23.61 -25.16 -6.35
N GLU A 170 23.32 -25.86 -5.27
CA GLU A 170 23.68 -25.40 -3.95
C GLU A 170 24.78 -26.28 -3.35
N LEU A 171 25.88 -25.68 -2.95
CA LEU A 171 27.03 -26.40 -2.42
C LEU A 171 27.10 -26.23 -0.90
N LEU A 172 27.33 -27.32 -0.18
CA LEU A 172 27.68 -27.23 1.22
C LEU A 172 29.00 -26.44 1.38
N PRO A 173 29.25 -25.85 2.55
CA PRO A 173 30.30 -24.83 2.61
C PRO A 173 31.58 -25.30 1.97
N ILE A 174 32.20 -24.42 1.18
CA ILE A 174 33.52 -24.66 0.62
C ILE A 174 34.56 -23.75 1.20
N ASN A 175 34.20 -22.86 2.13
CA ASN A 175 35.27 -22.25 2.92
C ASN A 175 36.22 -23.34 3.37
N GLU A 176 37.49 -23.00 3.43
CA GLU A 176 38.50 -23.90 3.96
C GLU A 176 38.13 -24.28 5.39
N HIS A 177 38.13 -25.58 5.69
CA HIS A 177 37.92 -26.13 7.02
C HIS A 177 38.84 -27.33 7.20
N PRO A 178 39.13 -27.71 8.47
CA PRO A 178 40.19 -28.70 8.71
C PRO A 178 39.74 -30.15 8.78
N PHE A 179 38.47 -30.40 9.06
CA PHE A 179 37.97 -31.76 9.19
C PHE A 179 36.78 -32.02 8.30
N ASP A 180 36.77 -33.17 7.64
CA ASP A 180 35.76 -33.45 6.64
C ASP A 180 34.40 -33.44 7.23
N GLY A 181 34.28 -34.02 8.41
CA GLY A 181 32.99 -34.37 8.94
C GLY A 181 32.25 -33.15 9.41
N SER A 182 32.93 -32.02 9.51
CA SER A 182 32.16 -30.78 9.66
C SER A 182 31.31 -30.49 8.45
N TRP A 183 31.63 -31.08 7.30
CA TRP A 183 30.93 -30.80 6.06
C TRP A 183 31.26 -29.42 5.54
N GLY A 184 32.07 -28.67 6.27
CA GLY A 184 32.33 -27.30 5.95
C GLY A 184 31.65 -26.31 6.85
N TYR A 185 30.91 -26.77 7.86
CA TYR A 185 30.20 -25.81 8.67
C TYR A 185 30.98 -25.43 9.90
N GLN A 186 32.24 -25.83 10.00
CA GLN A 186 33.13 -25.41 11.07
C GLN A 186 34.42 -24.92 10.42
N PRO A 187 34.51 -23.67 9.96
CA PRO A 187 35.59 -23.25 9.06
C PRO A 187 36.80 -22.72 9.79
N THR A 188 37.86 -22.58 9.02
CA THR A 188 39.07 -21.91 9.42
C THR A 188 39.35 -20.69 8.54
N GLY A 189 39.30 -20.83 7.23
CA GLY A 189 39.67 -19.72 6.37
C GLY A 189 38.48 -19.24 5.57
N LEU A 190 37.92 -18.09 5.95
CA LEU A 190 36.59 -17.71 5.44
C LEU A 190 36.66 -17.25 4.00
N TYR A 191 37.83 -16.81 3.56
CA TYR A 191 37.99 -16.28 2.25
C TYR A 191 38.68 -17.25 1.32
N ALA A 192 38.96 -18.46 1.78
CA ALA A 192 39.68 -19.40 0.93
C ALA A 192 38.79 -20.60 0.61
N PRO A 193 38.56 -20.90 -0.68
CA PRO A 193 37.87 -22.14 -1.04
C PRO A 193 38.75 -23.35 -0.80
N THR A 194 38.16 -24.41 -0.25
CA THR A 194 38.98 -25.49 0.29
C THR A 194 39.94 -26.05 -0.76
N ARG A 195 41.15 -26.36 -0.32
CA ARG A 195 42.13 -26.93 -1.24
C ARG A 195 41.88 -28.39 -1.59
N ARG A 196 40.93 -29.04 -0.92
CA ARG A 196 40.58 -30.42 -1.25
C ARG A 196 40.54 -30.62 -2.74
N PHE A 197 39.84 -29.76 -3.47
CA PHE A 197 39.52 -30.11 -4.84
C PHE A 197 40.31 -29.30 -5.86
N GLY A 198 41.36 -28.60 -5.45
CA GLY A 198 42.10 -27.88 -6.46
C GLY A 198 42.53 -26.54 -5.95
N THR A 199 42.73 -25.56 -6.83
CA THR A 199 43.19 -24.23 -6.44
C THR A 199 42.07 -23.20 -6.47
N ARG A 200 42.37 -21.99 -5.98
CA ARG A 200 41.32 -20.99 -5.97
C ARG A 200 40.76 -20.79 -7.35
N ASP A 201 41.64 -20.85 -8.37
CA ASP A 201 41.20 -20.57 -9.72
C ASP A 201 40.55 -21.78 -10.39
N ASP A 202 40.80 -23.01 -9.92
CA ASP A 202 39.96 -24.13 -10.34
C ASP A 202 38.53 -23.93 -9.88
N PHE A 203 38.35 -23.50 -8.63
CA PHE A 203 37.00 -23.20 -8.17
C PHE A 203 36.35 -22.22 -9.12
N ARG A 204 37.03 -21.11 -9.41
CA ARG A 204 36.50 -20.15 -10.37
C ARG A 204 36.06 -20.85 -11.65
N TYR A 205 37.00 -21.58 -12.26
CA TYR A 205 36.73 -22.32 -13.49
C TYR A 205 35.50 -23.21 -13.33
N PHE A 206 35.25 -23.68 -12.11
CA PHE A 206 34.13 -24.60 -11.94
C PHE A 206 32.80 -23.85 -11.93
N ILE A 207 32.72 -22.68 -11.26
CA ILE A 207 31.45 -21.96 -11.25
C ILE A 207 31.25 -21.24 -12.56
N ASP A 208 32.33 -20.76 -13.17
CA ASP A 208 32.20 -20.26 -14.53
C ASP A 208 31.58 -21.34 -15.42
N ALA A 209 32.00 -22.59 -15.25
CA ALA A 209 31.47 -23.67 -16.07
C ALA A 209 29.98 -23.91 -15.80
N ALA A 210 29.60 -23.94 -14.54
CA ALA A 210 28.18 -24.02 -14.18
C ALA A 210 27.40 -22.87 -14.82
N HIS A 211 27.83 -21.64 -14.56
CA HIS A 211 27.22 -20.48 -15.18
C HIS A 211 26.96 -20.73 -16.66
N ALA A 212 28.00 -21.10 -17.40
CA ALA A 212 27.92 -21.26 -18.84
C ALA A 212 26.89 -22.29 -19.26
N ALA A 213 26.54 -23.23 -18.38
CA ALA A 213 25.53 -24.26 -18.60
C ALA A 213 24.13 -23.89 -18.13
N GLY A 214 23.92 -22.67 -17.65
CA GLY A 214 22.56 -22.26 -17.32
C GLY A 214 22.16 -22.48 -15.87
N LEU A 215 23.12 -22.64 -14.99
CA LEU A 215 22.86 -22.86 -13.58
C LEU A 215 23.27 -21.64 -12.77
N ASN A 216 22.49 -21.30 -11.77
CA ASN A 216 22.94 -20.40 -10.73
C ASN A 216 23.61 -21.25 -9.65
N VAL A 217 24.46 -20.63 -8.84
CA VAL A 217 25.12 -21.37 -7.77
C VAL A 217 24.77 -20.69 -6.45
N ILE A 218 24.02 -21.43 -5.59
CA ILE A 218 23.86 -21.08 -4.19
C ILE A 218 25.03 -21.65 -3.40
N LEU A 219 25.53 -20.87 -2.45
CA LEU A 219 26.68 -21.23 -1.62
C LEU A 219 26.30 -21.14 -0.14
N ASP A 220 26.45 -22.25 0.59
CA ASP A 220 26.21 -22.20 2.03
C ASP A 220 27.26 -21.32 2.67
N TRP A 221 26.82 -20.30 3.38
CA TRP A 221 27.71 -19.28 3.96
C TRP A 221 27.67 -19.38 5.48
N VAL A 222 28.79 -19.16 6.13
CA VAL A 222 28.91 -19.58 7.54
C VAL A 222 29.44 -18.45 8.43
N PRO A 223 28.67 -17.37 8.58
CA PRO A 223 29.02 -16.34 9.56
C PRO A 223 28.59 -16.68 10.96
N GLY A 224 28.03 -17.88 11.17
CA GLY A 224 27.46 -18.22 12.44
C GLY A 224 28.34 -19.06 13.34
N HIS A 225 29.44 -19.58 12.80
CA HIS A 225 30.26 -20.51 13.57
C HIS A 225 31.67 -19.95 13.68
N PHE A 226 32.01 -19.45 14.87
CA PHE A 226 33.33 -18.88 15.06
C PHE A 226 34.41 -19.94 14.81
N PRO A 227 35.58 -19.52 14.34
CA PRO A 227 36.65 -20.50 14.10
C PRO A 227 37.45 -20.83 15.35
N THR A 228 37.10 -21.97 15.93
CA THR A 228 37.67 -22.38 17.21
C THR A 228 39.14 -22.88 17.12
N ASP A 229 39.63 -23.27 15.94
CA ASP A 229 40.86 -24.04 15.88
C ASP A 229 42.13 -23.19 16.04
N ASP A 230 43.26 -23.88 16.05
CA ASP A 230 44.52 -23.18 16.22
C ASP A 230 44.85 -22.45 14.93
N PHE A 231 45.35 -21.22 15.09
CA PHE A 231 45.66 -20.23 14.06
C PHE A 231 44.40 -19.49 13.67
N ALA A 232 43.24 -19.84 14.25
CA ALA A 232 41.97 -19.25 13.86
C ALA A 232 41.94 -17.79 14.25
N LEU A 233 40.77 -17.25 14.53
CA LEU A 233 40.73 -15.86 14.97
C LEU A 233 40.76 -15.76 16.49
N ALA A 234 40.54 -16.88 17.19
CA ALA A 234 40.37 -16.83 18.63
C ALA A 234 41.55 -16.12 19.28
N GLU A 235 41.24 -15.10 20.07
CA GLU A 235 42.22 -14.31 20.79
C GLU A 235 43.32 -13.81 19.87
N PHE A 236 42.91 -13.14 18.80
CA PHE A 236 43.77 -13.01 17.65
C PHE A 236 45.06 -12.23 17.94
N ASP A 237 45.01 -11.24 18.79
CA ASP A 237 46.21 -10.48 19.11
C ASP A 237 46.50 -10.54 20.60
N GLY A 238 46.18 -11.67 21.22
CA GLY A 238 46.25 -11.79 22.65
C GLY A 238 45.07 -11.24 23.38
N THR A 239 44.29 -10.37 22.75
CA THR A 239 43.00 -9.92 23.27
C THR A 239 41.86 -10.71 22.65
N ASN A 240 40.66 -10.48 23.15
CA ASN A 240 39.48 -11.02 22.47
C ASN A 240 39.15 -10.04 21.38
N LEU A 241 39.54 -10.38 20.15
CA LEU A 241 39.48 -9.44 19.06
C LEU A 241 38.24 -9.71 18.21
N TYR A 242 38.20 -10.85 17.50
CA TYR A 242 37.04 -11.14 16.69
C TYR A 242 35.89 -11.64 17.53
N GLU A 243 36.19 -12.24 18.69
CA GLU A 243 35.26 -12.96 19.54
C GLU A 243 34.87 -12.13 20.76
N HIS A 244 33.83 -12.59 21.43
CA HIS A 244 33.35 -11.99 22.67
C HIS A 244 33.99 -12.58 23.93
N SER A 245 34.02 -11.79 24.99
CA SER A 245 34.49 -12.28 26.31
C SER A 245 33.53 -13.31 26.94
N THR A 257 29.60 -21.18 23.35
CA THR A 257 31.04 -21.40 23.19
C THR A 257 31.75 -20.07 22.90
N LEU A 258 31.95 -19.79 21.61
CA LEU A 258 32.62 -18.58 21.16
C LEU A 258 31.77 -17.92 20.08
N ILE A 259 31.44 -16.64 20.28
CA ILE A 259 30.61 -15.93 19.31
C ILE A 259 31.36 -14.72 18.80
N TYR A 260 31.09 -14.39 17.54
CA TYR A 260 31.67 -13.20 16.96
C TYR A 260 31.13 -11.99 17.69
N ASN A 261 31.99 -11.02 17.95
CA ASN A 261 31.55 -9.72 18.44
C ASN A 261 31.08 -8.94 17.23
N TYR A 262 29.86 -9.25 16.78
CA TYR A 262 29.38 -8.62 15.55
C TYR A 262 29.28 -7.11 15.70
N GLY A 263 29.03 -6.62 16.92
CA GLY A 263 28.96 -5.18 17.14
C GLY A 263 30.22 -4.41 16.79
N ARG A 264 31.36 -5.08 16.66
CA ARG A 264 32.61 -4.37 16.37
C ARG A 264 32.82 -4.19 14.87
N ARG A 265 33.08 -2.96 14.47
CA ARG A 265 33.04 -2.60 13.05
C ARG A 265 33.85 -3.58 12.21
N GLU A 266 35.10 -3.81 12.59
CA GLU A 266 35.98 -4.60 11.75
C GLU A 266 35.47 -6.03 11.59
N VAL A 267 34.81 -6.57 12.61
CA VAL A 267 34.27 -7.92 12.50
C VAL A 267 33.13 -7.96 11.50
N SER A 268 32.19 -7.03 11.59
CA SER A 268 31.17 -6.93 10.57
C SER A 268 31.78 -6.65 9.20
N ASN A 269 32.77 -5.74 9.15
CA ASN A 269 33.46 -5.51 7.88
C ASN A 269 34.04 -6.82 7.35
N PHE A 270 34.58 -7.63 8.26
CA PHE A 270 35.12 -8.93 7.89
C PHE A 270 34.05 -9.82 7.26
N LEU A 271 32.88 -9.93 7.91
CA LEU A 271 31.90 -10.95 7.52
C LEU A 271 30.97 -10.47 6.42
N VAL A 272 30.44 -9.25 6.52
CA VAL A 272 29.71 -8.68 5.38
C VAL A 272 30.58 -8.69 4.12
N GLY A 273 31.88 -8.38 4.28
CA GLY A 273 32.79 -8.45 3.15
C GLY A 273 32.90 -9.84 2.59
N ASN A 274 32.98 -10.84 3.47
CA ASN A 274 32.99 -12.22 3.00
C ASN A 274 31.86 -12.44 2.00
N ALA A 275 30.65 -11.97 2.30
CA ALA A 275 29.56 -12.18 1.37
C ALA A 275 29.84 -11.53 0.03
N LEU A 276 30.24 -10.25 0.05
CA LEU A 276 30.45 -9.51 -1.19
C LEU A 276 31.55 -10.13 -2.03
N TYR A 277 32.68 -10.40 -1.39
CA TYR A 277 33.68 -11.26 -2.00
C TYR A 277 33.11 -12.44 -2.81
N TRP A 278 32.40 -13.37 -2.16
CA TRP A 278 31.90 -14.56 -2.87
C TRP A 278 30.98 -14.16 -4.01
N ILE A 279 30.17 -13.13 -3.82
CA ILE A 279 29.27 -12.74 -4.90
C ILE A 279 30.03 -11.97 -5.95
N GLU A 280 30.72 -10.92 -5.54
CA GLU A 280 31.41 -10.06 -6.49
C GLU A 280 32.64 -10.72 -7.11
N ARG A 281 33.34 -11.56 -6.38
CA ARG A 281 34.65 -11.99 -6.86
C ARG A 281 34.68 -13.42 -7.37
N PHE A 282 33.64 -14.20 -7.13
CA PHE A 282 33.51 -15.50 -7.76
C PHE A 282 32.21 -15.65 -8.51
N GLY A 283 31.31 -14.66 -8.43
CA GLY A 283 30.06 -14.76 -9.15
C GLY A 283 29.02 -15.68 -8.56
N ILE A 284 29.11 -15.99 -7.27
CA ILE A 284 28.06 -16.74 -6.59
C ILE A 284 26.78 -15.94 -6.64
N ASP A 285 25.67 -16.59 -6.93
CA ASP A 285 24.41 -15.86 -7.11
C ASP A 285 23.48 -15.90 -5.92
N ALA A 286 23.83 -16.60 -4.84
CA ALA A 286 22.97 -16.65 -3.66
C ALA A 286 23.75 -17.28 -2.54
N LEU A 287 23.44 -16.86 -1.32
CA LEU A 287 24.06 -17.39 -0.10
C LEU A 287 22.98 -17.93 0.82
N ARG A 288 23.27 -19.01 1.51
CA ARG A 288 22.38 -19.55 2.50
C ARG A 288 23.09 -19.64 3.79
N VAL A 289 22.40 -19.34 4.87
CA VAL A 289 22.93 -19.61 6.20
C VAL A 289 22.23 -20.75 6.86
N ASP A 290 22.97 -21.79 7.21
CA ASP A 290 22.49 -22.89 8.02
C ASP A 290 22.31 -22.44 9.43
N ALA A 291 21.31 -22.98 10.10
CA ALA A 291 21.18 -22.87 11.52
C ALA A 291 21.22 -21.46 12.04
N VAL A 292 20.37 -20.62 11.50
CA VAL A 292 20.27 -19.27 12.01
C VAL A 292 19.90 -19.29 13.47
N ALA A 293 19.21 -20.35 13.90
CA ALA A 293 18.79 -20.37 15.30
C ALA A 293 20.01 -20.29 16.21
N SER A 294 21.07 -21.02 15.88
CA SER A 294 22.30 -20.96 16.66
C SER A 294 22.82 -19.54 16.75
N MET A 295 22.86 -18.85 15.62
CA MET A 295 23.42 -17.50 15.56
C MET A 295 22.66 -16.53 16.44
N ILE A 296 21.32 -16.52 16.31
CA ILE A 296 20.50 -15.43 16.84
C ILE A 296 20.02 -15.66 18.27
N TYR A 297 20.34 -16.80 18.88
CA TYR A 297 20.04 -17.03 20.28
C TYR A 297 21.36 -17.27 21.01
N ARG A 298 21.27 -17.33 22.34
CA ARG A 298 22.37 -17.84 23.13
C ARG A 298 21.82 -18.55 24.36
N ASP A 299 22.63 -19.44 24.92
CA ASP A 299 22.14 -20.35 25.94
C ASP A 299 21.65 -19.63 27.19
N TYR A 300 22.29 -18.52 27.52
CA TYR A 300 21.95 -17.84 28.74
C TYR A 300 21.13 -16.56 28.60
N SER A 301 20.26 -16.35 29.59
CA SER A 301 19.40 -15.18 29.63
C SER A 301 20.21 -13.94 29.89
N ARG A 302 19.73 -12.81 29.42
CA ARG A 302 20.52 -11.59 29.51
C ARG A 302 21.04 -11.18 30.87
N LYS A 303 20.18 -11.28 31.88
CA LYS A 303 20.46 -10.92 33.28
C LYS A 303 20.52 -9.43 33.63
N GLU A 304 20.38 -8.57 32.64
CA GLU A 304 20.30 -7.15 32.86
C GLU A 304 18.87 -6.88 33.29
N GLY A 305 17.94 -7.68 32.77
CA GLY A 305 16.56 -7.55 33.13
C GLY A 305 15.61 -8.02 32.06
N GLU A 306 14.44 -7.41 32.08
CA GLU A 306 13.40 -7.73 31.13
C GLU A 306 12.97 -6.51 30.34
N TRP A 307 13.71 -6.24 29.28
CA TRP A 307 13.37 -5.20 28.33
C TRP A 307 13.26 -6.13 27.15
N ILE A 308 12.30 -7.04 27.20
CA ILE A 308 12.11 -8.00 26.12
C ILE A 308 10.68 -8.06 25.62
N PRO A 309 10.44 -7.50 24.42
CA PRO A 309 9.10 -7.47 23.80
C PRO A 309 8.69 -8.87 23.36
N ASN A 310 9.26 -9.34 22.25
CA ASN A 310 8.95 -10.67 21.74
C ASN A 310 9.54 -11.75 22.64
N GLU A 311 8.96 -11.90 23.82
CA GLU A 311 9.41 -12.88 24.80
C GLU A 311 10.07 -14.14 24.28
N PHE A 312 11.37 -14.23 24.47
CA PHE A 312 12.15 -15.38 24.06
C PHE A 312 12.95 -15.79 25.26
N GLY A 313 12.59 -15.27 26.41
CA GLY A 313 13.35 -15.55 27.61
C GLY A 313 14.56 -14.68 27.77
N GLY A 314 14.69 -13.72 26.87
CA GLY A 314 15.86 -12.87 26.83
C GLY A 314 17.16 -13.59 26.59
N ARG A 315 17.13 -14.63 25.79
CA ARG A 315 18.33 -15.21 25.26
C ARG A 315 18.53 -14.78 23.82
N GLU A 316 17.73 -13.85 23.34
CA GLU A 316 17.97 -13.36 22.02
C GLU A 316 19.31 -12.64 21.99
N ASN A 317 20.09 -12.88 20.95
CA ASN A 317 21.21 -12.02 20.66
C ASN A 317 20.87 -10.96 19.65
N LEU A 318 20.48 -9.81 20.16
CA LEU A 318 20.18 -8.66 19.30
C LEU A 318 21.36 -8.32 18.41
N GLU A 319 22.55 -8.21 19.01
CA GLU A 319 23.78 -7.93 18.26
C GLU A 319 23.85 -8.77 16.99
N ALA A 320 23.51 -10.07 17.10
CA ALA A 320 23.53 -10.95 15.96
C ALA A 320 22.36 -10.69 15.03
N ILE A 321 21.18 -10.44 15.63
CA ILE A 321 19.98 -10.13 14.85
C ILE A 321 20.16 -8.86 14.04
N GLU A 322 20.78 -7.84 14.63
CA GLU A 322 21.05 -6.70 13.77
C GLU A 322 21.96 -7.11 12.64
N PHE A 323 22.87 -8.05 12.89
CA PHE A 323 23.84 -8.41 11.86
C PHE A 323 23.17 -8.98 10.63
N LEU A 324 22.38 -10.04 10.79
CA LEU A 324 21.64 -10.59 9.65
C LEU A 324 20.83 -9.51 8.92
N ARG A 325 20.10 -8.69 9.68
CA ARG A 325 19.36 -7.57 9.09
C ARG A 325 20.26 -6.66 8.30
N ASN A 326 21.33 -6.21 8.93
CA ASN A 326 22.19 -5.29 8.24
C ASN A 326 22.82 -5.94 7.03
N THR A 327 23.18 -7.22 7.13
CA THR A 327 23.82 -7.86 5.99
C THR A 327 22.86 -7.90 4.82
N ASN A 328 21.63 -8.32 5.05
CA ASN A 328 20.69 -8.36 3.96
C ASN A 328 20.52 -6.98 3.31
N ARG A 329 20.49 -5.90 4.09
CA ARG A 329 20.29 -4.60 3.45
C ARG A 329 21.48 -4.24 2.58
N ILE A 330 22.67 -4.37 3.12
CA ILE A 330 23.86 -4.10 2.32
C ILE A 330 23.85 -4.95 1.04
N LEU A 331 23.54 -6.23 1.15
CA LEU A 331 23.52 -7.05 -0.04
C LEU A 331 22.46 -6.58 -1.04
N GLY A 332 21.37 -5.99 -0.56
CA GLY A 332 20.41 -5.41 -1.47
C GLY A 332 20.96 -4.19 -2.19
N GLU A 333 21.52 -3.25 -1.43
CA GLU A 333 22.07 -2.04 -2.06
C GLU A 333 23.20 -2.37 -3.02
N GLN A 334 24.13 -3.23 -2.60
CA GLN A 334 25.39 -3.32 -3.31
C GLN A 334 25.38 -4.32 -4.43
N VAL A 335 24.59 -5.39 -4.33
CA VAL A 335 24.74 -6.44 -5.32
C VAL A 335 23.38 -6.97 -5.71
N SER A 336 22.49 -6.06 -6.15
CA SER A 336 21.10 -6.43 -6.42
C SER A 336 20.98 -7.55 -7.45
N GLY A 337 20.12 -8.52 -7.15
CA GLY A 337 19.96 -9.69 -7.99
C GLY A 337 20.45 -10.97 -7.34
N ALA A 338 21.47 -10.87 -6.50
CA ALA A 338 21.80 -11.94 -5.58
C ALA A 338 20.85 -11.90 -4.40
N VAL A 339 20.59 -13.05 -3.79
CA VAL A 339 19.55 -13.21 -2.78
C VAL A 339 20.10 -14.04 -1.63
N THR A 340 19.40 -14.06 -0.51
CA THR A 340 19.85 -14.90 0.60
C THR A 340 18.71 -15.74 1.15
N MET A 341 19.07 -16.93 1.65
CA MET A 341 18.12 -17.91 2.13
C MET A 341 18.55 -18.35 3.51
N ALA A 342 17.59 -18.80 4.31
CA ALA A 342 17.86 -19.18 5.68
C ALA A 342 17.09 -20.42 6.05
N GLU A 343 17.64 -21.17 7.00
CA GLU A 343 16.94 -22.25 7.67
C GLU A 343 16.97 -21.94 9.15
N GLU A 344 15.79 -21.74 9.73
CA GLU A 344 15.64 -21.35 11.12
C GLU A 344 14.60 -22.26 11.75
N SER A 345 14.83 -22.71 12.99
CA SER A 345 13.99 -23.76 13.55
C SER A 345 13.19 -23.35 14.77
N THR A 346 13.41 -22.17 15.32
CA THR A 346 12.67 -21.76 16.50
C THR A 346 11.37 -21.07 16.15
N ASP A 347 10.94 -21.16 14.91
CA ASP A 347 9.75 -20.45 14.45
C ASP A 347 9.87 -18.93 14.59
N PHE A 348 11.10 -18.40 14.67
CA PHE A 348 11.37 -16.96 14.78
C PHE A 348 10.53 -16.21 13.73
N PRO A 349 10.15 -14.96 14.02
CA PRO A 349 9.17 -14.27 13.15
C PRO A 349 9.85 -13.64 11.95
N GLY A 350 9.32 -13.94 10.77
CA GLY A 350 9.69 -13.20 9.57
C GLY A 350 11.15 -13.27 9.22
N VAL A 351 11.72 -14.48 9.17
CA VAL A 351 13.07 -14.57 8.65
C VAL A 351 13.11 -14.06 7.21
N SER A 352 12.07 -14.33 6.42
CA SER A 352 12.05 -13.88 5.03
C SER A 352 11.20 -12.65 4.81
N ARG A 353 10.90 -11.92 5.87
CA ARG A 353 10.15 -10.69 5.64
C ARG A 353 11.09 -9.51 5.61
N PRO A 354 10.72 -8.45 4.92
CA PRO A 354 11.64 -7.34 4.74
C PRO A 354 12.14 -6.81 6.08
N GLN A 355 13.39 -6.34 6.06
CA GLN A 355 13.97 -5.74 7.25
C GLN A 355 13.07 -4.62 7.82
N ASP A 356 12.53 -3.74 6.94
CA ASP A 356 11.65 -2.64 7.39
C ASP A 356 10.45 -3.13 8.18
N MET A 357 9.84 -4.24 7.75
CA MET A 357 8.71 -4.82 8.50
C MET A 357 9.17 -5.38 9.84
N GLY A 358 10.46 -5.29 10.13
CA GLY A 358 11.07 -5.93 11.28
C GLY A 358 11.49 -7.37 11.06
N GLY A 359 11.59 -7.84 9.81
CA GLY A 359 11.96 -9.21 9.56
C GLY A 359 13.46 -9.40 9.61
N LEU A 360 13.90 -10.62 9.34
CA LEU A 360 15.33 -10.83 9.22
C LEU A 360 15.85 -10.31 7.89
N GLY A 361 15.02 -10.26 6.87
CA GLY A 361 15.41 -9.74 5.59
C GLY A 361 15.89 -10.77 4.60
N PHE A 362 15.66 -12.04 4.86
CA PHE A 362 16.01 -13.09 3.93
C PHE A 362 14.92 -13.21 2.88
N TRP A 363 15.31 -13.67 1.69
CA TRP A 363 14.40 -13.80 0.55
C TRP A 363 13.56 -15.07 0.63
N TYR A 364 14.20 -16.22 0.83
CA TYR A 364 13.48 -17.47 1.01
C TYR A 364 13.86 -18.12 2.35
N LYS A 365 12.90 -18.80 2.97
CA LYS A 365 13.16 -19.62 4.14
C LYS A 365 12.97 -21.08 3.78
N TRP A 366 13.77 -21.95 4.40
CA TRP A 366 13.58 -23.37 4.19
C TRP A 366 12.38 -23.84 4.98
N ASN A 367 11.45 -24.52 4.33
CA ASN A 367 10.17 -24.84 4.96
C ASN A 367 10.27 -26.15 5.73
N LEU A 368 10.94 -26.08 6.89
CA LEU A 368 11.20 -27.31 7.63
C LEU A 368 9.92 -27.93 8.15
N GLY A 369 8.91 -27.11 8.46
CA GLY A 369 7.68 -27.66 8.97
C GLY A 369 6.93 -28.48 7.95
N TRP A 370 6.89 -28.01 6.70
CA TRP A 370 6.24 -28.79 5.66
C TRP A 370 7.01 -30.05 5.35
N MET A 371 8.33 -30.05 5.50
CA MET A 371 9.00 -31.31 5.24
C MET A 371 8.71 -32.28 6.38
N HIS A 372 8.80 -31.82 7.63
CA HIS A 372 8.41 -32.69 8.74
C HIS A 372 7.00 -33.23 8.56
N ASP A 373 6.02 -32.35 8.28
CA ASP A 373 4.63 -32.78 8.18
C ASP A 373 4.43 -33.81 7.07
N THR A 374 4.93 -33.55 5.87
CA THR A 374 4.66 -34.49 4.77
C THR A 374 5.37 -35.84 5.02
N LEU A 375 6.67 -35.84 5.27
CA LEU A 375 7.37 -37.11 5.41
C LEU A 375 6.70 -38.01 6.45
N ASP A 376 6.41 -37.48 7.64
CA ASP A 376 5.58 -38.20 8.61
C ASP A 376 4.39 -38.87 7.93
N TYR A 377 3.53 -38.07 7.31
CA TYR A 377 2.40 -38.62 6.56
C TYR A 377 2.87 -39.73 5.61
N MET A 378 3.79 -39.41 4.70
CA MET A 378 4.30 -40.42 3.77
C MET A 378 4.89 -41.60 4.50
N LYS A 379 5.51 -41.37 5.67
CA LYS A 379 6.00 -42.46 6.51
C LYS A 379 4.92 -43.49 6.77
N LEU A 380 3.71 -43.03 7.11
CA LEU A 380 2.62 -43.86 7.62
C LEU A 380 2.20 -44.93 6.61
N ASP A 381 1.50 -45.95 7.13
CA ASP A 381 0.96 -46.99 6.27
C ASP A 381 -0.25 -46.48 5.51
N PRO A 382 -0.41 -46.84 4.23
CA PRO A 382 -1.47 -46.22 3.43
C PRO A 382 -2.85 -46.41 4.03
N VAL A 383 -3.00 -47.44 4.87
CA VAL A 383 -4.29 -47.76 5.48
C VAL A 383 -4.62 -46.79 6.61
N TYR A 384 -3.64 -46.05 7.13
CA TYR A 384 -3.88 -45.02 8.13
C TYR A 384 -3.83 -43.59 7.56
N ARG A 385 -3.59 -43.40 6.27
CA ARG A 385 -3.50 -42.01 5.84
C ARG A 385 -4.87 -41.34 5.80
N GLN A 386 -5.93 -42.13 5.97
CA GLN A 386 -7.27 -41.57 6.09
C GLN A 386 -7.41 -40.67 7.32
N TYR A 387 -6.67 -40.97 8.39
CA TYR A 387 -6.80 -40.27 9.68
C TYR A 387 -5.82 -39.13 9.85
N HIS A 388 -5.03 -38.80 8.84
CA HIS A 388 -4.00 -37.80 8.97
C HIS A 388 -3.96 -36.89 7.76
N HIS A 389 -5.11 -36.65 7.15
CA HIS A 389 -5.19 -35.73 6.04
C HIS A 389 -4.53 -34.40 6.37
N ASP A 390 -4.57 -34.00 7.64
CA ASP A 390 -4.11 -32.66 8.00
C ASP A 390 -2.68 -32.37 7.54
N LYS A 391 -1.82 -33.39 7.48
CA LYS A 391 -0.40 -33.13 7.18
C LYS A 391 -0.19 -32.67 5.74
N LEU A 392 -1.00 -33.16 4.82
CA LEU A 392 -0.91 -32.60 3.48
C LEU A 392 -1.67 -31.29 3.39
N THR A 393 -2.84 -31.23 4.02
CA THR A 393 -3.77 -30.11 3.80
C THR A 393 -3.40 -28.84 4.57
N PHE A 394 -2.99 -28.95 5.85
CA PHE A 394 -2.63 -27.76 6.60
C PHE A 394 -1.38 -27.06 6.07
N GLY A 395 -0.65 -27.67 5.15
CA GLY A 395 0.51 -27.01 4.61
C GLY A 395 0.17 -25.63 4.07
N ILE A 396 -0.89 -25.55 3.28
CA ILE A 396 -1.21 -24.30 2.61
C ILE A 396 -1.51 -23.23 3.62
N LEU A 397 -1.99 -23.62 4.80
CA LEU A 397 -2.44 -22.63 5.75
C LEU A 397 -1.32 -21.64 6.10
N TYR A 398 -0.14 -22.15 6.48
CA TYR A 398 0.93 -21.23 6.84
C TYR A 398 1.76 -20.74 5.68
N ASN A 399 1.47 -21.19 4.45
CA ASN A 399 2.37 -20.94 3.33
C ASN A 399 2.64 -19.46 3.12
N TYR A 400 1.65 -18.61 3.35
CA TYR A 400 1.80 -17.20 3.01
C TYR A 400 2.40 -16.36 4.14
N THR A 401 3.04 -17.01 5.11
CA THR A 401 3.75 -16.32 6.17
C THR A 401 5.24 -16.21 5.90
N GLU A 402 5.74 -16.97 4.92
CA GLU A 402 7.13 -16.89 4.49
C GLU A 402 7.19 -17.16 3.00
N ASN A 403 8.35 -16.84 2.41
CA ASN A 403 8.67 -17.25 1.03
C ASN A 403 9.46 -18.54 1.13
N PHE A 404 8.77 -19.66 0.90
CA PHE A 404 9.26 -20.96 1.32
C PHE A 404 9.99 -21.74 0.24
N VAL A 405 10.90 -22.56 0.72
CA VAL A 405 11.58 -23.56 -0.08
C VAL A 405 11.26 -24.90 0.57
N LEU A 406 10.63 -25.78 -0.20
CA LEU A 406 10.43 -27.15 0.25
C LEU A 406 11.78 -27.90 0.25
N PRO A 407 12.36 -28.24 1.44
CA PRO A 407 13.77 -28.67 1.50
C PRO A 407 14.14 -30.10 1.10
N LEU A 408 13.85 -31.15 1.88
CA LEU A 408 14.50 -32.46 1.65
C LEU A 408 16.03 -32.37 1.57
N SER A 409 16.64 -31.90 2.67
CA SER A 409 18.04 -31.51 2.74
C SER A 409 18.98 -32.67 3.01
N HIS A 410 20.28 -32.33 3.06
CA HIS A 410 21.30 -33.24 3.58
C HIS A 410 21.07 -33.62 5.05
N ASP A 411 20.50 -32.73 5.86
CA ASP A 411 20.29 -33.06 7.28
C ASP A 411 19.24 -34.16 7.51
N GLU A 412 18.48 -34.53 6.49
CA GLU A 412 17.35 -35.42 6.69
C GLU A 412 17.66 -36.82 6.20
N VAL A 413 18.92 -37.11 5.95
CA VAL A 413 19.32 -38.33 5.28
C VAL A 413 20.62 -38.81 5.91
N VAL A 414 20.78 -38.59 7.21
CA VAL A 414 22.05 -38.83 7.89
C VAL A 414 21.79 -39.10 9.37
N HIS A 415 22.72 -39.81 10.02
CA HIS A 415 22.71 -39.92 11.48
C HIS A 415 21.46 -40.64 11.99
N GLY A 416 21.16 -41.78 11.41
CA GLY A 416 20.05 -42.55 11.93
C GLY A 416 18.68 -42.20 11.37
N LYS A 417 18.51 -41.06 10.71
CA LYS A 417 17.32 -40.88 9.88
C LYS A 417 17.50 -41.68 8.59
N LYS A 418 16.60 -42.60 8.33
CA LYS A 418 16.81 -43.39 7.14
C LYS A 418 16.83 -42.48 5.90
N SER A 419 17.32 -43.02 4.77
CA SER A 419 17.18 -42.37 3.48
C SER A 419 15.75 -41.94 3.24
N ILE A 420 15.49 -41.06 2.26
CA ILE A 420 14.10 -40.73 1.94
C ILE A 420 13.37 -41.96 1.41
N LEU A 421 14.08 -42.87 0.70
CA LEU A 421 13.45 -44.10 0.22
C LEU A 421 13.04 -45.02 1.35
N ASP A 422 13.87 -45.16 2.38
CA ASP A 422 13.60 -46.09 3.48
C ASP A 422 12.34 -45.76 4.26
N ARG A 423 11.82 -44.53 4.19
CA ARG A 423 10.64 -44.21 4.98
C ARG A 423 9.35 -44.67 4.33
N MET A 424 9.37 -44.98 3.03
CA MET A 424 8.12 -45.31 2.36
C MET A 424 7.59 -46.67 2.83
N PRO A 425 6.26 -46.89 2.77
CA PRO A 425 5.67 -48.04 3.45
C PRO A 425 5.83 -49.38 2.74
N GLY A 426 5.66 -49.41 1.44
CA GLY A 426 5.18 -50.60 0.78
C GLY A 426 6.14 -51.79 0.72
N ASP A 427 5.55 -52.91 0.33
CA ASP A 427 6.29 -53.92 -0.38
C ASP A 427 6.87 -53.25 -1.61
N ALA A 428 8.13 -53.52 -1.92
CA ALA A 428 8.93 -52.90 -2.99
C ALA A 428 8.25 -52.01 -4.04
N TRP A 429 7.33 -52.59 -4.78
CA TRP A 429 6.58 -51.81 -5.76
C TRP A 429 5.83 -50.66 -5.11
N GLN A 430 5.07 -50.94 -4.04
CA GLN A 430 4.52 -49.87 -3.23
C GLN A 430 5.61 -48.86 -2.91
N LYS A 431 6.75 -49.36 -2.49
CA LYS A 431 7.69 -48.55 -1.77
C LYS A 431 8.25 -47.48 -2.67
N PHE A 432 8.32 -47.75 -3.94
CA PHE A 432 8.81 -46.74 -4.84
C PHE A 432 7.67 -45.87 -5.27
N ALA A 433 6.49 -46.46 -5.33
CA ALA A 433 5.31 -45.73 -5.78
C ALA A 433 5.09 -44.48 -4.94
N ASN A 434 5.22 -44.59 -3.62
CA ASN A 434 5.09 -43.42 -2.74
C ASN A 434 6.01 -42.29 -3.19
N LEU A 435 7.30 -42.60 -3.30
CA LEU A 435 8.27 -41.63 -3.75
C LEU A 435 7.85 -40.96 -5.05
N ARG A 436 7.63 -41.75 -6.10
CA ARG A 436 7.20 -41.16 -7.36
C ARG A 436 5.97 -40.27 -7.17
N ALA A 437 5.01 -40.70 -6.34
CA ALA A 437 3.82 -39.90 -6.11
C ALA A 437 4.10 -38.75 -5.16
N TYR A 438 4.97 -38.99 -4.18
CA TYR A 438 5.45 -37.92 -3.31
C TYR A 438 6.09 -36.77 -4.10
N TYR A 439 7.17 -37.07 -4.81
CA TYR A 439 7.88 -36.00 -5.50
C TYR A 439 6.92 -35.14 -6.33
N GLY A 440 5.96 -35.78 -7.01
CA GLY A 440 5.06 -35.04 -7.87
C GLY A 440 4.04 -34.22 -7.11
N TRP A 441 3.75 -34.60 -5.86
CA TRP A 441 3.14 -33.67 -4.91
C TRP A 441 4.11 -32.54 -4.60
N MET A 442 5.25 -32.86 -3.97
CA MET A 442 6.25 -31.82 -3.69
C MET A 442 6.38 -30.79 -4.80
N TRP A 443 6.65 -31.23 -6.02
CA TRP A 443 6.88 -30.26 -7.09
C TRP A 443 5.63 -29.45 -7.39
N ALA A 444 4.45 -30.00 -7.12
CA ALA A 444 3.24 -29.27 -7.43
C ALA A 444 2.81 -28.36 -6.30
N PHE A 445 3.30 -28.59 -5.07
CA PHE A 445 2.88 -27.81 -3.91
C PHE A 445 3.57 -26.45 -3.87
N PRO A 446 2.90 -25.44 -3.34
CA PRO A 446 3.49 -24.10 -3.35
C PRO A 446 4.82 -24.05 -2.62
N GLY A 447 5.79 -23.40 -3.28
CA GLY A 447 7.14 -23.21 -2.77
C GLY A 447 8.19 -23.60 -3.78
N LYS A 448 9.37 -22.99 -3.66
CA LYS A 448 10.51 -23.48 -4.43
C LYS A 448 10.98 -24.83 -3.88
N LYS A 449 11.79 -25.51 -4.68
CA LYS A 449 12.15 -26.89 -4.41
C LYS A 449 13.66 -27.02 -4.29
N LEU A 450 14.10 -27.73 -3.25
CA LEU A 450 15.50 -28.12 -3.06
C LEU A 450 15.59 -29.61 -2.81
N LEU A 451 16.56 -30.29 -3.44
CA LEU A 451 16.67 -31.74 -3.31
C LEU A 451 18.13 -32.10 -3.18
N PHE A 452 18.43 -33.02 -2.26
CA PHE A 452 19.81 -33.38 -1.98
C PHE A 452 20.30 -34.55 -2.84
N MET A 453 21.52 -34.40 -3.37
CA MET A 453 22.15 -35.41 -4.22
C MET A 453 21.94 -36.79 -3.65
N GLY A 454 21.49 -37.72 -4.50
CA GLY A 454 21.24 -39.07 -4.04
C GLY A 454 19.76 -39.37 -3.99
N ASN A 455 18.99 -38.45 -3.40
CA ASN A 455 17.54 -38.58 -3.43
C ASN A 455 17.01 -38.70 -4.85
N GLU A 456 17.72 -38.16 -5.84
CA GLU A 456 17.08 -38.09 -7.14
C GLU A 456 16.98 -39.47 -7.77
N PHE A 457 17.93 -40.37 -7.49
CA PHE A 457 17.78 -41.74 -7.95
C PHE A 457 17.37 -42.70 -6.83
N ALA A 458 16.86 -42.17 -5.73
CA ALA A 458 16.27 -43.02 -4.70
C ALA A 458 17.33 -43.91 -4.05
N GLN A 459 18.52 -43.35 -3.82
CA GLN A 459 19.51 -44.06 -3.03
C GLN A 459 18.85 -44.63 -1.79
N GLY A 460 19.39 -45.74 -1.31
CA GLY A 460 18.74 -46.45 -0.24
C GLY A 460 19.43 -46.32 1.11
N ARG A 461 20.74 -46.27 1.13
CA ARG A 461 21.31 -46.04 2.43
C ARG A 461 21.56 -44.56 2.63
N GLU A 462 21.84 -44.19 3.88
CA GLU A 462 22.08 -42.81 4.22
C GLU A 462 23.25 -42.24 3.44
N TRP A 463 23.29 -40.92 3.33
CA TRP A 463 24.43 -40.26 2.69
C TRP A 463 25.65 -40.39 3.60
N ASN A 464 26.79 -40.71 2.96
CA ASN A 464 28.08 -40.90 3.62
C ASN A 464 29.06 -39.84 3.13
N HIS A 465 29.31 -38.81 3.95
CA HIS A 465 30.21 -37.75 3.52
C HIS A 465 31.61 -38.22 3.26
N ASP A 466 31.86 -39.51 3.47
CA ASP A 466 33.17 -40.10 3.38
C ASP A 466 33.28 -41.06 2.21
N ALA A 467 32.31 -41.03 1.31
CA ALA A 467 32.22 -41.99 0.22
C ALA A 467 31.46 -41.38 -0.95
N SER A 468 31.76 -41.85 -2.16
CA SER A 468 30.89 -41.53 -3.29
C SER A 468 29.48 -42.03 -3.03
N LEU A 469 28.55 -41.48 -3.78
CA LEU A 469 27.18 -41.94 -3.73
C LEU A 469 27.06 -43.24 -4.53
N ASP A 470 26.06 -44.05 -4.13
CA ASP A 470 25.81 -45.34 -4.77
C ASP A 470 25.32 -45.21 -6.21
N TRP A 471 26.21 -44.69 -7.05
CA TRP A 471 25.96 -44.58 -8.48
C TRP A 471 25.76 -45.93 -9.11
N HIS A 472 26.35 -46.96 -8.51
CA HIS A 472 26.19 -48.31 -9.02
C HIS A 472 24.72 -48.74 -9.09
N LEU A 473 23.83 -48.08 -8.34
CA LEU A 473 22.39 -48.33 -8.45
C LEU A 473 21.86 -48.09 -9.85
N LEU A 474 22.58 -47.30 -10.65
CA LEU A 474 22.15 -46.97 -11.99
C LEU A 474 22.92 -47.72 -13.06
N GLU A 475 23.86 -48.59 -12.67
CA GLU A 475 24.48 -49.55 -13.57
C GLU A 475 23.59 -50.79 -13.67
N GLY A 476 23.43 -51.29 -14.90
CA GLY A 476 22.44 -52.30 -15.24
C GLY A 476 21.27 -51.69 -16.01
N GLY A 477 20.38 -52.56 -16.45
CA GLY A 477 19.24 -52.14 -17.25
C GLY A 477 18.26 -51.25 -16.49
N ASP A 478 17.29 -50.68 -17.22
CA ASP A 478 16.30 -49.83 -16.58
C ASP A 478 15.68 -50.53 -15.39
N ASN A 479 15.67 -49.86 -14.23
CA ASN A 479 15.14 -50.45 -13.01
C ASN A 479 14.41 -49.39 -12.19
N TRP A 480 13.99 -49.78 -10.99
CA TRP A 480 13.22 -48.89 -10.13
C TRP A 480 13.95 -47.56 -9.93
N HIS A 481 15.28 -47.62 -9.79
CA HIS A 481 16.07 -46.42 -9.58
C HIS A 481 16.14 -45.54 -10.82
N HIS A 482 16.29 -46.12 -12.01
CA HIS A 482 16.22 -45.31 -13.23
C HIS A 482 14.90 -44.57 -13.34
N GLY A 483 13.86 -45.10 -12.69
CA GLY A 483 12.52 -44.55 -12.81
C GLY A 483 12.33 -43.31 -11.96
N VAL A 484 12.76 -43.38 -10.68
CA VAL A 484 12.77 -42.17 -9.86
C VAL A 484 13.58 -41.07 -10.52
N GLN A 485 14.79 -41.38 -10.98
CA GLN A 485 15.60 -40.36 -11.64
C GLN A 485 14.86 -39.75 -12.83
N ARG A 486 14.34 -40.59 -13.73
CA ARG A 486 13.68 -40.04 -14.91
C ARG A 486 12.45 -39.21 -14.54
N LEU A 487 11.65 -39.66 -13.57
CA LEU A 487 10.51 -38.87 -13.12
C LEU A 487 10.96 -37.48 -12.70
N VAL A 488 11.97 -37.41 -11.84
CA VAL A 488 12.50 -36.14 -11.34
C VAL A 488 12.89 -35.25 -12.51
N ARG A 489 13.61 -35.81 -13.47
CA ARG A 489 13.95 -35.02 -14.65
C ARG A 489 12.69 -34.47 -15.32
N ASP A 490 11.60 -35.26 -15.34
CA ASP A 490 10.36 -34.77 -15.92
C ASP A 490 9.67 -33.72 -15.02
N LEU A 491 9.59 -33.99 -13.71
CA LEU A 491 9.02 -33.01 -12.77
C LEU A 491 9.62 -31.62 -12.95
N ASN A 492 10.93 -31.52 -12.74
CA ASN A 492 11.68 -30.32 -13.10
C ASN A 492 11.26 -29.76 -14.46
N LEU A 493 11.56 -30.48 -15.52
CA LEU A 493 11.36 -29.92 -16.85
C LEU A 493 9.90 -29.50 -17.10
N THR A 494 8.93 -30.28 -16.61
CA THR A 494 7.57 -29.77 -16.70
C THR A 494 7.39 -28.61 -15.73
N TYR A 495 7.88 -28.75 -14.49
CA TYR A 495 7.81 -27.64 -13.52
C TYR A 495 8.29 -26.35 -14.13
N ARG A 496 9.42 -26.41 -14.86
CA ARG A 496 9.99 -25.19 -15.41
C ARG A 496 9.15 -24.62 -16.53
N HIS A 497 8.34 -25.44 -17.20
CA HIS A 497 7.71 -24.99 -18.45
C HIS A 497 6.44 -24.21 -18.18
N HIS A 498 5.70 -24.58 -17.14
CA HIS A 498 4.37 -24.05 -16.88
C HIS A 498 4.42 -22.95 -15.84
N LYS A 499 4.16 -21.71 -16.29
CA LYS A 499 4.14 -20.56 -15.39
C LYS A 499 3.28 -20.84 -14.16
N ALA A 500 2.19 -21.60 -14.34
CA ALA A 500 1.29 -21.93 -13.23
C ALA A 500 2.03 -22.55 -12.06
N MET A 501 3.00 -23.42 -12.33
CA MET A 501 3.66 -24.18 -11.26
C MET A 501 4.56 -23.31 -10.39
N HIS A 502 4.93 -22.11 -10.86
CA HIS A 502 5.90 -21.28 -10.16
C HIS A 502 5.58 -19.80 -10.09
N GLU A 503 4.67 -19.26 -10.91
CA GLU A 503 4.48 -17.82 -10.93
C GLU A 503 3.91 -17.30 -9.60
N LEU A 504 2.82 -17.89 -9.10
CA LEU A 504 2.13 -17.32 -7.95
C LEU A 504 2.38 -18.08 -6.66
N ASP A 505 3.57 -18.66 -6.48
CA ASP A 505 3.85 -19.46 -5.30
C ASP A 505 3.44 -18.73 -4.01
N PHE A 506 3.62 -17.41 -3.96
CA PHE A 506 3.39 -16.67 -2.73
C PHE A 506 2.14 -15.80 -2.79
N ASP A 507 1.25 -16.07 -3.75
CA ASP A 507 0.00 -15.38 -3.83
C ASP A 507 -1.14 -16.38 -3.64
N PRO A 508 -2.13 -16.08 -2.82
CA PRO A 508 -3.19 -17.06 -2.58
C PRO A 508 -3.85 -17.49 -3.85
N TYR A 509 -3.73 -16.64 -4.88
CA TYR A 509 -4.31 -16.92 -6.19
C TYR A 509 -3.74 -18.21 -6.78
N GLY A 510 -2.42 -18.42 -6.63
CA GLY A 510 -1.71 -19.47 -7.35
C GLY A 510 -2.12 -20.87 -6.95
N PHE A 511 -2.98 -21.00 -5.95
CA PHE A 511 -3.40 -22.29 -5.44
C PHE A 511 -4.85 -22.23 -5.00
N GLU A 512 -5.53 -23.35 -5.19
CA GLU A 512 -6.95 -23.54 -4.87
C GLU A 512 -7.19 -25.04 -4.68
N TRP A 513 -7.95 -25.40 -3.64
CA TRP A 513 -8.33 -26.79 -3.40
C TRP A 513 -9.52 -27.18 -4.27
N LEU A 514 -9.46 -28.39 -4.80
CA LEU A 514 -10.58 -29.05 -5.45
C LEU A 514 -11.19 -30.17 -4.63
N VAL A 515 -10.50 -30.67 -3.60
CA VAL A 515 -10.96 -31.82 -2.83
C VAL A 515 -10.15 -31.88 -1.54
N VAL A 516 -10.36 -30.94 -0.65
CA VAL A 516 -9.59 -31.02 0.57
C VAL A 516 -9.94 -32.21 1.44
N ASP A 517 -11.22 -32.53 1.59
CA ASP A 517 -11.54 -33.77 2.26
C ASP A 517 -12.15 -34.79 1.34
N ASP A 518 -11.38 -35.80 1.00
CA ASP A 518 -11.91 -37.06 0.61
C ASP A 518 -11.10 -37.96 1.46
N LYS A 519 -11.26 -37.80 2.75
CA LYS A 519 -10.27 -38.30 3.66
C LYS A 519 -10.18 -39.79 3.63
N GLU A 520 -11.30 -40.48 3.47
CA GLU A 520 -11.28 -41.92 3.58
C GLU A 520 -10.42 -42.54 2.49
N ARG A 521 -10.52 -42.01 1.29
CA ARG A 521 -9.72 -42.50 0.19
C ARG A 521 -8.28 -42.00 0.19
N SER A 522 -7.98 -41.01 1.02
CA SER A 522 -6.75 -40.27 0.97
C SER A 522 -6.50 -39.80 -0.41
N VAL A 523 -7.44 -39.05 -0.93
CA VAL A 523 -7.31 -38.40 -2.23
C VAL A 523 -7.38 -36.89 -2.03
N LEU A 524 -6.46 -36.19 -2.70
CA LEU A 524 -6.34 -34.75 -2.59
C LEU A 524 -6.11 -34.20 -3.97
N ILE A 525 -6.77 -33.07 -4.25
CA ILE A 525 -6.79 -32.42 -5.57
C ILE A 525 -6.72 -30.91 -5.36
N PHE A 526 -5.96 -30.24 -6.22
CA PHE A 526 -5.87 -28.79 -6.22
C PHE A 526 -5.36 -28.34 -7.58
N VAL A 527 -5.30 -27.03 -7.75
CA VAL A 527 -4.87 -26.40 -9.00
C VAL A 527 -3.82 -25.35 -8.65
N ARG A 528 -2.95 -25.07 -9.61
CA ARG A 528 -2.03 -23.94 -9.54
C ARG A 528 -2.25 -23.09 -10.77
N ARG A 529 -2.35 -21.79 -10.59
CA ARG A 529 -2.66 -20.90 -11.71
C ARG A 529 -1.70 -19.74 -11.72
N ASP A 530 -1.47 -19.20 -12.91
CA ASP A 530 -0.55 -18.08 -13.08
C ASP A 530 -1.34 -16.77 -13.03
N LYS A 531 -0.75 -15.70 -13.54
CA LYS A 531 -1.38 -14.39 -13.47
C LYS A 531 -2.43 -14.22 -14.54
N GLU A 532 -2.35 -15.01 -15.61
CA GLU A 532 -3.36 -14.95 -16.66
C GLU A 532 -4.63 -15.72 -16.31
N GLY A 533 -4.55 -16.71 -15.44
CA GLY A 533 -5.73 -17.49 -15.10
C GLY A 533 -5.72 -18.91 -15.56
N ASN A 534 -4.71 -19.34 -16.34
CA ASN A 534 -4.60 -20.75 -16.72
C ASN A 534 -4.29 -21.58 -15.49
N GLU A 535 -4.82 -22.79 -15.47
CA GLU A 535 -4.70 -23.64 -14.32
C GLU A 535 -4.07 -24.95 -14.74
N ILE A 536 -3.54 -25.65 -13.74
CA ILE A 536 -3.03 -26.99 -13.86
C ILE A 536 -3.62 -27.79 -12.72
N ILE A 537 -4.34 -28.86 -13.06
CA ILE A 537 -4.95 -29.70 -12.03
C ILE A 537 -3.92 -30.73 -11.60
N VAL A 538 -3.73 -30.88 -10.29
CA VAL A 538 -2.88 -31.93 -9.76
C VAL A 538 -3.75 -32.86 -8.95
N ALA A 539 -3.53 -34.16 -9.10
CA ALA A 539 -4.27 -35.19 -8.38
C ALA A 539 -3.33 -36.24 -7.83
N SER A 540 -3.46 -36.51 -6.54
CA SER A 540 -2.66 -37.51 -5.86
C SER A 540 -3.59 -38.52 -5.22
N ASN A 541 -3.32 -39.80 -5.47
CA ASN A 541 -3.98 -40.90 -4.79
C ASN A 541 -2.95 -41.55 -3.87
N PHE A 542 -3.04 -41.25 -2.57
CA PHE A 542 -2.07 -41.74 -1.59
C PHE A 542 -2.49 -43.04 -0.92
N THR A 543 -3.23 -43.89 -1.64
CA THR A 543 -3.59 -45.23 -1.19
C THR A 543 -3.34 -46.21 -2.32
N PRO A 544 -2.96 -47.44 -2.02
CA PRO A 544 -2.56 -48.38 -3.09
C PRO A 544 -3.72 -48.75 -4.00
N VAL A 545 -4.90 -48.21 -3.71
CA VAL A 545 -6.13 -48.61 -4.39
C VAL A 545 -6.27 -47.80 -5.69
N PRO A 546 -6.43 -48.45 -6.84
CA PRO A 546 -6.77 -47.69 -8.05
C PRO A 546 -8.15 -47.07 -7.91
N ARG A 547 -8.39 -46.07 -8.74
CA ARG A 547 -9.63 -45.30 -8.67
C ARG A 547 -10.08 -44.94 -10.07
N HIS A 548 -11.26 -45.40 -10.47
CA HIS A 548 -11.83 -45.07 -11.76
C HIS A 548 -13.09 -44.24 -11.59
N ASP A 549 -13.48 -43.58 -12.68
CA ASP A 549 -14.64 -42.69 -12.70
C ASP A 549 -14.70 -41.82 -11.44
N TYR A 550 -13.56 -41.20 -11.14
CA TYR A 550 -13.52 -40.24 -10.06
C TYR A 550 -13.92 -38.87 -10.60
N ARG A 551 -14.78 -38.19 -9.84
CA ARG A 551 -15.40 -36.97 -10.32
C ARG A 551 -15.27 -35.84 -9.28
N PHE A 552 -15.06 -34.63 -9.79
CA PHE A 552 -14.76 -33.45 -8.98
C PHE A 552 -14.83 -32.19 -9.83
N GLY A 553 -15.14 -31.05 -9.17
CA GLY A 553 -15.43 -29.84 -9.91
C GLY A 553 -14.19 -29.14 -10.46
N ILE A 554 -14.40 -28.39 -11.55
CA ILE A 554 -13.36 -27.66 -12.27
C ILE A 554 -13.86 -26.24 -12.52
N ASN A 555 -12.93 -25.28 -12.60
CA ASN A 555 -13.38 -23.94 -12.98
C ASN A 555 -13.45 -23.79 -14.48
N GLN A 556 -12.61 -24.50 -15.23
CA GLN A 556 -12.47 -24.25 -16.65
C GLN A 556 -12.77 -25.51 -17.43
N PRO A 557 -13.87 -25.53 -18.20
CA PRO A 557 -14.16 -26.70 -19.05
C PRO A 557 -13.41 -26.54 -20.37
N GLY A 558 -13.37 -27.64 -21.12
CA GLY A 558 -12.59 -27.69 -22.33
C GLY A 558 -11.93 -29.02 -22.36
N LYS A 559 -10.74 -29.06 -22.96
CA LYS A 559 -9.96 -30.29 -23.16
C LYS A 559 -8.81 -30.35 -22.16
N TRP A 560 -8.70 -31.45 -21.43
CA TRP A 560 -7.68 -31.64 -20.40
C TRP A 560 -6.75 -32.78 -20.79
N ARG A 561 -5.45 -32.52 -20.80
CA ARG A 561 -4.47 -33.50 -21.24
C ARG A 561 -3.44 -33.83 -20.18
N GLU A 562 -3.24 -35.12 -19.94
CA GLU A 562 -2.31 -35.60 -18.93
C GLU A 562 -0.89 -35.25 -19.31
N ILE A 563 -0.28 -34.34 -18.56
CA ILE A 563 1.08 -33.93 -18.87
C ILE A 563 2.15 -34.68 -18.11
N LEU A 564 1.78 -35.31 -17.00
CA LEU A 564 2.71 -36.09 -16.21
C LEU A 564 1.97 -37.03 -15.30
N ASN A 565 2.19 -38.33 -15.46
CA ASN A 565 1.58 -39.27 -14.57
C ASN A 565 2.72 -39.89 -13.89
N THR A 566 2.64 -39.90 -12.59
CA THR A 566 3.71 -40.39 -11.80
C THR A 566 3.83 -41.89 -11.96
N ASP A 567 2.81 -42.53 -12.52
CA ASP A 567 2.70 -43.98 -12.43
C ASP A 567 3.09 -44.72 -13.67
N SER A 568 3.68 -44.01 -14.62
CA SER A 568 3.79 -44.50 -15.97
C SER A 568 4.89 -45.49 -16.10
N MET A 569 4.96 -46.16 -17.23
CA MET A 569 5.90 -47.26 -17.41
C MET A 569 7.33 -46.78 -17.22
N HIS A 570 7.67 -45.61 -17.72
CA HIS A 570 9.01 -45.11 -17.64
C HIS A 570 9.51 -44.94 -16.22
N TYR A 571 8.64 -44.57 -15.30
CA TYR A 571 8.99 -44.56 -13.91
C TYR A 571 8.77 -45.90 -13.19
N HIS A 572 8.52 -46.95 -13.95
CA HIS A 572 8.18 -48.27 -13.41
C HIS A 572 6.94 -48.18 -12.54
N GLY A 573 6.00 -47.36 -12.99
CA GLY A 573 4.63 -47.37 -12.52
C GLY A 573 3.75 -48.39 -13.22
N SER A 574 2.46 -48.37 -12.91
CA SER A 574 1.50 -49.29 -13.49
C SER A 574 1.46 -49.08 -14.99
N ASN A 575 1.59 -47.84 -15.40
CA ASN A 575 1.49 -47.49 -16.81
C ASN A 575 0.02 -47.32 -17.21
N ALA A 576 -0.83 -47.44 -16.19
CA ALA A 576 -2.26 -47.32 -16.37
C ALA A 576 -2.67 -45.91 -15.98
N GLY A 577 -3.21 -45.18 -16.94
CA GLY A 577 -3.65 -43.81 -16.71
C GLY A 577 -5.03 -43.55 -17.27
N ASN A 578 -5.29 -42.29 -17.60
CA ASN A 578 -6.59 -41.90 -18.16
C ASN A 578 -6.71 -42.26 -19.62
N GLY A 579 -5.60 -42.18 -20.35
CA GLY A 579 -5.58 -42.49 -21.77
C GLY A 579 -5.15 -41.32 -22.61
N GLY A 580 -6.12 -40.67 -23.26
CA GLY A 580 -5.85 -39.53 -24.11
C GLY A 580 -6.45 -38.24 -23.56
N THR A 581 -6.56 -37.24 -24.42
CA THR A 581 -7.13 -35.95 -24.03
C THR A 581 -8.53 -36.13 -23.45
N VAL A 582 -8.71 -35.65 -22.23
CA VAL A 582 -9.99 -35.76 -21.55
C VAL A 582 -10.82 -34.48 -21.71
N HIS A 583 -12.08 -34.64 -22.07
CA HIS A 583 -12.98 -33.51 -22.26
C HIS A 583 -13.96 -33.41 -21.09
N SER A 584 -14.08 -32.22 -20.53
CA SER A 584 -14.95 -32.00 -19.39
C SER A 584 -16.41 -32.30 -19.72
N ASP A 585 -17.09 -32.96 -18.79
CA ASP A 585 -18.49 -33.32 -18.95
C ASP A 585 -19.30 -32.71 -17.81
N GLU A 586 -20.42 -32.07 -18.16
CA GLU A 586 -21.26 -31.43 -17.17
C GLU A 586 -22.02 -32.47 -16.36
N ILE A 587 -21.72 -32.40 -15.07
CA ILE A 587 -22.28 -33.16 -13.96
C ILE A 587 -22.03 -32.28 -12.71
N ALA A 588 -22.76 -32.49 -11.64
CA ALA A 588 -22.53 -31.63 -10.48
C ALA A 588 -21.62 -32.23 -9.43
N SER A 589 -20.41 -31.67 -9.32
CA SER A 589 -19.45 -32.13 -8.32
C SER A 589 -18.87 -30.96 -7.54
N HIS A 590 -19.08 -30.95 -6.23
CA HIS A 590 -18.56 -29.95 -5.31
C HIS A 590 -18.99 -28.49 -5.57
N GLY A 591 -20.15 -28.31 -6.20
CA GLY A 591 -20.67 -26.98 -6.50
C GLY A 591 -19.83 -26.10 -7.41
N ARG A 592 -19.03 -26.71 -8.28
CA ARG A 592 -18.18 -25.92 -9.17
C ARG A 592 -18.74 -25.80 -10.59
N GLN A 593 -19.87 -26.46 -10.80
CA GLN A 593 -20.62 -26.49 -12.08
C GLN A 593 -19.92 -27.27 -13.19
N HIS A 594 -18.90 -28.04 -12.85
CA HIS A 594 -18.23 -28.85 -13.85
C HIS A 594 -17.50 -29.97 -13.15
N SER A 595 -17.48 -31.15 -13.77
CA SER A 595 -16.83 -32.29 -13.13
C SER A 595 -16.02 -33.15 -14.09
N LEU A 596 -15.05 -33.86 -13.53
CA LEU A 596 -14.22 -34.75 -14.32
C LEU A 596 -14.27 -36.15 -13.78
N SER A 597 -14.38 -37.11 -14.67
CA SER A 597 -14.22 -38.49 -14.26
C SER A 597 -12.82 -38.93 -14.71
N LEU A 598 -12.00 -39.33 -13.74
CA LEU A 598 -10.61 -39.60 -14.01
C LEU A 598 -10.21 -40.90 -13.36
N THR A 599 -9.13 -41.46 -13.89
CA THR A 599 -8.43 -42.58 -13.26
C THR A 599 -7.44 -42.00 -12.25
N LEU A 600 -7.59 -42.38 -10.99
CA LEU A 600 -6.56 -42.00 -10.05
C LEU A 600 -5.67 -43.19 -9.83
N PRO A 601 -4.54 -43.31 -10.53
CA PRO A 601 -3.75 -44.53 -10.48
C PRO A 601 -3.35 -44.84 -9.05
N PRO A 602 -2.75 -45.99 -8.82
CA PRO A 602 -2.40 -46.39 -7.43
C PRO A 602 -1.09 -45.79 -6.94
N LEU A 603 -1.09 -45.24 -5.73
CA LEU A 603 0.10 -44.56 -5.22
C LEU A 603 0.75 -43.79 -6.36
N ALA A 604 0.07 -42.75 -6.82
CA ALA A 604 0.59 -41.92 -7.89
C ALA A 604 -0.10 -40.57 -7.84
N THR A 605 0.58 -39.56 -8.37
CA THR A 605 0.03 -38.24 -8.58
C THR A 605 -0.03 -37.93 -10.07
N ILE A 606 -1.01 -37.11 -10.45
CA ILE A 606 -1.34 -36.84 -11.84
C ILE A 606 -1.32 -35.33 -12.02
N TRP A 607 -0.88 -34.88 -13.19
CA TRP A 607 -0.93 -33.47 -13.52
C TRP A 607 -1.65 -33.28 -14.86
N LEU A 608 -2.63 -32.39 -14.90
CA LEU A 608 -3.40 -32.17 -16.11
C LEU A 608 -3.31 -30.71 -16.56
N VAL A 609 -3.24 -30.51 -17.89
CA VAL A 609 -3.27 -29.20 -18.54
C VAL A 609 -4.39 -29.21 -19.58
N ARG A 610 -4.96 -28.02 -19.84
CA ARG A 610 -6.18 -27.91 -20.64
C ARG A 610 -5.86 -27.45 -22.05
N GLU A 611 -6.16 -28.31 -23.03
CA GLU A 611 -5.84 -28.07 -24.43
C GLU A 611 -6.81 -27.12 -25.10
N ALA A 612 -6.27 -26.17 -25.87
CA ALA A 612 -7.07 -25.10 -26.46
C ALA A 612 -7.71 -25.52 -27.77
N HIS B 3 -21.07 10.89 -47.55
CA HIS B 3 -21.57 9.69 -46.85
C HIS B 3 -20.64 9.20 -45.73
N LEU B 4 -21.19 8.43 -44.79
CA LEU B 4 -20.33 7.82 -43.79
C LEU B 4 -19.71 6.54 -44.35
N ARG B 5 -18.57 6.20 -43.80
CA ARG B 5 -17.75 5.12 -44.31
C ARG B 5 -17.17 5.40 -45.70
N PRO B 6 -16.66 6.60 -45.96
CA PRO B 6 -15.90 6.80 -47.19
C PRO B 6 -14.91 5.69 -47.43
N TYR B 7 -14.19 5.33 -46.36
CA TYR B 7 -13.06 4.43 -46.46
C TYR B 7 -13.44 3.05 -47.01
N GLU B 8 -14.71 2.66 -46.90
CA GLU B 8 -15.10 1.38 -47.49
C GLU B 8 -15.04 1.42 -49.01
N THR B 9 -14.96 2.61 -49.59
CA THR B 9 -15.04 2.76 -51.02
C THR B 9 -13.97 3.71 -51.62
N LEU B 10 -13.43 4.67 -50.88
CA LEU B 10 -12.57 5.70 -51.44
C LEU B 10 -11.10 5.33 -51.48
N GLY B 11 -10.76 4.05 -51.39
CA GLY B 11 -9.36 3.71 -51.56
C GLY B 11 -9.10 2.74 -52.70
N ALA B 12 -8.25 1.75 -52.45
CA ALA B 12 -7.99 0.66 -53.39
C ALA B 12 -8.54 -0.60 -52.76
N HIS B 13 -9.74 -1.00 -53.19
CA HIS B 13 -10.37 -2.20 -52.67
C HIS B 13 -10.53 -3.21 -53.79
N ALA B 14 -10.10 -4.43 -53.54
CA ALA B 14 -10.22 -5.46 -54.55
C ALA B 14 -11.70 -5.72 -54.79
N ASP B 15 -12.08 -5.83 -56.05
CA ASP B 15 -13.46 -6.11 -56.41
C ASP B 15 -13.43 -6.95 -57.67
N THR B 16 -14.47 -7.74 -57.91
CA THR B 16 -14.47 -8.59 -59.08
C THR B 16 -15.42 -8.13 -60.19
N MET B 17 -14.85 -7.96 -61.38
CA MET B 17 -15.61 -7.58 -62.56
C MET B 17 -15.55 -8.85 -63.39
N ASP B 18 -16.71 -9.33 -63.83
CA ASP B 18 -16.83 -10.58 -64.60
C ASP B 18 -16.10 -11.74 -63.88
N GLY B 19 -15.27 -12.48 -64.58
CA GLY B 19 -14.53 -13.57 -63.97
C GLY B 19 -13.11 -13.23 -63.60
N VAL B 20 -12.72 -11.97 -63.76
CA VAL B 20 -11.35 -11.55 -63.48
C VAL B 20 -11.14 -10.66 -62.26
N THR B 21 -10.21 -11.05 -61.40
CA THR B 21 -9.87 -10.29 -60.21
C THR B 21 -9.28 -8.94 -60.61
N GLY B 22 -9.64 -7.91 -59.87
CA GLY B 22 -9.16 -6.57 -60.16
C GLY B 22 -9.11 -5.68 -58.93
N THR B 23 -8.44 -4.54 -59.06
CA THR B 23 -8.35 -3.57 -57.97
C THR B 23 -9.03 -2.29 -58.40
N ARG B 24 -9.87 -1.73 -57.53
CA ARG B 24 -10.61 -0.51 -57.86
C ARG B 24 -10.11 0.71 -57.10
N PHE B 25 -9.85 1.78 -57.83
CA PHE B 25 -9.37 3.02 -57.22
C PHE B 25 -10.35 4.17 -57.43
N SER B 26 -10.64 4.90 -56.36
CA SER B 26 -11.53 6.03 -56.44
C SER B 26 -10.92 7.09 -55.55
N VAL B 27 -10.98 8.34 -55.99
CA VAL B 27 -10.35 9.44 -55.29
C VAL B 27 -11.20 10.67 -55.52
N TRP B 28 -11.27 11.53 -54.53
CA TRP B 28 -12.12 12.72 -54.60
C TRP B 28 -11.21 13.91 -54.83
N ALA B 29 -11.10 14.32 -56.09
CA ALA B 29 -10.26 15.46 -56.47
C ALA B 29 -11.01 16.30 -57.48
N PRO B 30 -12.14 16.85 -57.10
CA PRO B 30 -12.88 17.73 -58.01
C PRO B 30 -11.95 18.84 -58.46
N ASN B 31 -12.36 19.67 -59.38
CA ASN B 31 -11.52 20.82 -59.71
C ASN B 31 -10.13 20.42 -60.21
N ALA B 32 -9.94 19.17 -60.62
CA ALA B 32 -8.67 18.68 -61.16
C ALA B 32 -8.83 18.19 -62.59
N ARG B 33 -8.03 18.72 -63.51
CA ARG B 33 -8.23 18.47 -64.94
C ARG B 33 -8.15 16.97 -65.30
N ARG B 34 -7.11 16.27 -64.86
CA ARG B 34 -6.91 14.89 -65.29
C ARG B 34 -6.19 14.11 -64.19
N VAL B 35 -6.54 12.83 -64.07
CA VAL B 35 -5.88 11.91 -63.15
C VAL B 35 -5.75 10.54 -63.81
N SER B 36 -4.62 9.88 -63.55
CA SER B 36 -4.35 8.52 -63.99
C SER B 36 -3.71 7.80 -62.83
N VAL B 37 -4.02 6.52 -62.65
CA VAL B 37 -3.38 5.75 -61.59
C VAL B 37 -2.20 5.01 -62.21
N VAL B 38 -1.05 5.14 -61.56
CA VAL B 38 0.24 4.68 -62.06
C VAL B 38 0.90 3.91 -60.94
N GLY B 39 1.07 2.61 -61.12
CA GLY B 39 1.63 1.81 -60.05
C GLY B 39 2.60 0.79 -60.55
N GLN B 40 2.77 -0.30 -59.79
CA GLN B 40 3.63 -1.38 -60.21
C GLN B 40 3.00 -2.20 -61.35
N PHE B 41 1.69 -2.41 -61.30
CA PHE B 41 0.97 -3.23 -62.29
C PHE B 41 1.14 -2.72 -63.72
N ASN B 42 1.19 -1.40 -63.92
CA ASN B 42 1.42 -0.82 -65.23
C ASN B 42 2.81 -0.19 -65.35
N TYR B 43 3.83 -0.78 -64.71
CA TYR B 43 5.19 -0.28 -64.80
C TYR B 43 5.25 1.23 -64.73
N TRP B 44 4.46 1.84 -63.85
CA TRP B 44 4.47 3.29 -63.55
C TRP B 44 4.27 4.18 -64.79
N ASP B 45 3.35 3.79 -65.67
CA ASP B 45 3.04 4.60 -66.84
C ASP B 45 1.63 5.13 -66.84
N GLY B 46 1.52 6.44 -67.07
CA GLY B 46 0.25 7.13 -66.93
C GLY B 46 -0.74 6.85 -68.04
N ARG B 47 -0.25 6.53 -69.23
CA ARG B 47 -1.18 6.24 -70.32
C ARG B 47 -1.91 4.93 -70.04
N ARG B 48 -3.01 4.73 -70.79
CA ARG B 48 -3.69 3.45 -70.84
C ARG B 48 -4.26 3.04 -69.48
N HIS B 49 -4.11 3.88 -68.45
CA HIS B 49 -4.89 3.75 -67.22
C HIS B 49 -5.28 5.13 -66.72
N PRO B 50 -6.07 5.86 -67.50
CA PRO B 50 -6.57 7.18 -67.06
C PRO B 50 -7.89 7.09 -66.31
N MET B 51 -7.96 7.69 -65.13
CA MET B 51 -9.18 7.54 -64.37
C MET B 51 -10.29 8.43 -64.94
N ARG B 52 -11.53 8.03 -64.68
CA ARG B 52 -12.72 8.74 -65.14
C ARG B 52 -13.34 9.53 -63.99
N LEU B 53 -13.96 10.65 -64.32
CA LEU B 53 -14.53 11.54 -63.31
C LEU B 53 -16.05 11.41 -63.28
N ARG B 54 -16.60 11.14 -62.11
CA ARG B 54 -18.03 11.28 -61.93
C ARG B 54 -18.35 12.75 -61.70
N LYS B 55 -19.11 13.34 -62.61
CA LYS B 55 -19.31 14.79 -62.57
C LYS B 55 -20.12 15.20 -61.34
N GLU B 56 -21.06 14.35 -60.94
CA GLU B 56 -21.89 14.65 -59.79
C GLU B 56 -21.05 14.66 -58.51
N SER B 57 -20.30 13.59 -58.27
CA SER B 57 -19.65 13.36 -56.99
C SER B 57 -18.35 14.17 -56.83
N GLY B 58 -17.46 14.10 -57.81
CA GLY B 58 -16.10 14.61 -57.68
C GLY B 58 -15.07 13.50 -57.69
N ILE B 59 -15.50 12.26 -57.61
CA ILE B 59 -14.61 11.12 -57.41
C ILE B 59 -14.14 10.61 -58.75
N TRP B 60 -12.82 10.57 -58.93
CA TRP B 60 -12.26 9.80 -60.02
C TRP B 60 -12.21 8.34 -59.60
N GLU B 61 -12.49 7.46 -60.54
CA GLU B 61 -12.40 6.05 -60.23
C GLU B 61 -12.03 5.31 -61.49
N LEU B 62 -11.47 4.12 -61.29
CA LEU B 62 -11.03 3.26 -62.37
C LEU B 62 -10.82 1.88 -61.78
N PHE B 63 -11.07 0.87 -62.59
CA PHE B 63 -10.85 -0.51 -62.21
C PHE B 63 -9.74 -1.06 -63.08
N ILE B 64 -8.71 -1.59 -62.45
CA ILE B 64 -7.55 -2.10 -63.17
C ILE B 64 -7.50 -3.61 -62.97
N PRO B 65 -7.72 -4.39 -64.03
CA PRO B 65 -7.64 -5.84 -63.89
C PRO B 65 -6.22 -6.24 -63.55
N GLY B 66 -6.11 -7.40 -62.91
CA GLY B 66 -4.83 -7.97 -62.57
C GLY B 66 -4.05 -7.27 -61.46
N ALA B 67 -4.54 -6.14 -60.95
CA ALA B 67 -3.89 -5.43 -59.85
C ALA B 67 -4.34 -6.05 -58.53
N HIS B 68 -3.38 -6.41 -57.66
CA HIS B 68 -3.72 -7.16 -56.46
C HIS B 68 -3.06 -6.59 -55.20
N ASN B 69 -3.40 -7.18 -54.07
CA ASN B 69 -2.97 -6.64 -52.78
C ASN B 69 -1.49 -6.87 -52.59
N GLY B 70 -0.81 -5.80 -52.19
CA GLY B 70 0.62 -5.80 -52.05
C GLY B 70 1.36 -4.99 -53.08
N GLN B 71 0.66 -4.33 -53.98
CA GLN B 71 1.30 -3.49 -54.98
C GLN B 71 0.98 -2.05 -54.66
N LEU B 72 1.91 -1.18 -54.99
CA LEU B 72 1.80 0.20 -54.59
C LEU B 72 1.71 1.12 -55.80
N TYR B 73 1.28 2.34 -55.54
CA TYR B 73 0.85 3.21 -56.61
C TYR B 73 0.83 4.66 -56.15
N LYS B 74 0.37 5.50 -57.04
CA LYS B 74 0.21 6.92 -56.78
C LYS B 74 -0.78 7.44 -57.81
N TYR B 75 -0.95 8.76 -57.87
CA TYR B 75 -1.92 9.32 -58.79
C TYR B 75 -1.22 10.37 -59.66
N GLU B 76 -1.09 10.12 -60.96
CA GLU B 76 -0.53 11.10 -61.89
C GLU B 76 -1.59 12.13 -62.19
N MET B 77 -1.42 13.33 -61.68
CA MET B 77 -2.53 14.24 -61.54
C MET B 77 -2.17 15.57 -62.15
N ILE B 78 -3.04 16.09 -63.03
CA ILE B 78 -2.87 17.41 -63.62
C ILE B 78 -3.84 18.33 -62.90
N ASP B 79 -3.33 19.13 -61.95
CA ASP B 79 -4.19 19.75 -60.94
C ASP B 79 -5.01 20.89 -61.54
N ALA B 80 -5.62 21.70 -60.66
CA ALA B 80 -6.48 22.80 -61.08
C ALA B 80 -5.70 23.88 -61.82
N ASN B 81 -4.46 24.15 -61.43
CA ASN B 81 -3.58 25.03 -62.18
C ASN B 81 -2.73 24.30 -63.21
N GLY B 82 -3.20 23.14 -63.66
CA GLY B 82 -2.58 22.41 -64.75
C GLY B 82 -1.13 21.99 -64.54
N ASN B 83 -0.78 21.55 -63.35
CA ASN B 83 0.58 21.04 -63.15
C ASN B 83 0.51 19.53 -62.90
N LEU B 84 1.63 18.86 -63.19
CA LEU B 84 1.70 17.44 -62.91
C LEU B 84 2.16 17.28 -61.48
N ARG B 85 1.49 16.37 -60.76
CA ARG B 85 1.88 15.98 -59.41
C ARG B 85 1.63 14.49 -59.24
N LEU B 86 2.38 13.93 -58.29
CA LEU B 86 2.28 12.53 -57.93
C LEU B 86 1.85 12.48 -56.47
N LYS B 87 0.65 12.00 -56.22
CA LYS B 87 0.03 12.17 -54.92
C LYS B 87 -0.31 10.80 -54.34
N SER B 88 -0.54 10.76 -53.02
CA SER B 88 -0.83 9.49 -52.37
C SER B 88 -2.29 9.42 -51.96
N ASP B 89 -2.79 8.19 -51.87
CA ASP B 89 -4.19 7.94 -51.54
C ASP B 89 -4.47 8.45 -50.12
N PRO B 90 -5.28 9.48 -49.94
CA PRO B 90 -5.57 9.89 -48.56
C PRO B 90 -6.08 8.72 -47.77
N TYR B 91 -6.71 7.76 -48.43
CA TYR B 91 -7.18 6.56 -47.73
C TYR B 91 -6.19 5.41 -47.95
N ALA B 92 -4.98 5.63 -47.46
CA ALA B 92 -3.98 4.58 -47.32
C ALA B 92 -4.16 3.89 -45.97
N PHE B 93 -4.18 2.56 -45.98
CA PHE B 93 -4.54 1.76 -44.81
C PHE B 93 -3.34 1.05 -44.18
N GLU B 94 -2.20 1.13 -44.85
CA GLU B 94 -0.97 0.53 -44.40
C GLU B 94 0.08 1.57 -44.68
N ALA B 95 0.61 2.18 -43.63
CA ALA B 95 1.65 3.20 -43.79
C ALA B 95 2.95 2.57 -44.29
N GLN B 96 3.77 3.38 -44.96
CA GLN B 96 5.04 2.90 -45.50
C GLN B 96 6.22 3.43 -44.68
N MET B 97 7.43 3.15 -45.15
CA MET B 97 8.63 3.59 -44.46
C MET B 97 9.40 4.60 -45.32
N ARG B 98 9.70 5.76 -44.74
CA ARG B 98 10.43 6.80 -45.44
C ARG B 98 11.73 6.30 -46.04
N PRO B 99 12.05 6.73 -47.28
CA PRO B 99 11.45 7.92 -47.88
C PRO B 99 10.34 7.57 -48.87
N GLU B 100 9.83 6.34 -48.80
CA GLU B 100 8.77 5.91 -49.70
C GLU B 100 7.56 6.85 -49.65
N THR B 101 7.01 7.14 -50.82
CA THR B 101 5.85 8.03 -50.91
C THR B 101 4.65 7.30 -51.51
N ALA B 102 4.91 6.21 -52.22
CA ALA B 102 3.87 5.43 -52.84
C ALA B 102 2.91 4.90 -51.81
N SER B 103 1.77 4.47 -52.30
CA SER B 103 0.70 3.98 -51.46
C SER B 103 0.48 2.51 -51.75
N LEU B 104 0.15 1.74 -50.73
CA LEU B 104 0.06 0.30 -50.86
C LEU B 104 -1.39 -0.17 -50.89
N ILE B 105 -1.65 -1.13 -51.77
CA ILE B 105 -2.94 -1.79 -51.83
C ILE B 105 -3.03 -2.83 -50.72
N CYS B 106 -3.98 -2.63 -49.79
CA CYS B 106 -4.18 -3.60 -48.72
C CYS B 106 -5.63 -3.87 -48.39
N GLY B 107 -6.57 -3.07 -48.89
CA GLY B 107 -7.93 -3.21 -48.44
C GLY B 107 -8.03 -2.88 -46.96
N LEU B 108 -9.18 -3.26 -46.39
CA LEU B 108 -9.58 -3.12 -45.00
C LEU B 108 -9.51 -4.47 -44.30
N PRO B 109 -9.27 -4.51 -43.00
CA PRO B 109 -9.53 -5.74 -42.25
C PRO B 109 -11.00 -6.08 -42.26
N GLU B 110 -11.34 -7.26 -41.70
CA GLU B 110 -12.73 -7.67 -41.59
C GLU B 110 -13.43 -6.89 -40.48
N LYS B 111 -14.66 -6.48 -40.74
CA LYS B 111 -15.50 -5.81 -39.73
C LYS B 111 -15.45 -6.55 -38.40
N VAL B 112 -15.41 -5.80 -37.31
CA VAL B 112 -15.43 -6.37 -35.95
C VAL B 112 -16.75 -6.00 -35.29
N VAL B 113 -17.41 -6.98 -34.66
CA VAL B 113 -18.69 -6.74 -34.01
C VAL B 113 -18.47 -6.64 -32.51
N GLN B 114 -19.02 -5.59 -31.91
CA GLN B 114 -18.79 -5.29 -30.51
C GLN B 114 -19.64 -6.21 -29.65
N THR B 115 -18.98 -6.96 -28.78
CA THR B 115 -19.70 -7.87 -27.92
C THR B 115 -20.60 -7.08 -26.97
N GLU B 116 -21.60 -7.77 -26.43
CA GLU B 116 -22.38 -7.13 -25.39
C GLU B 116 -21.51 -6.85 -24.18
N GLU B 117 -20.69 -7.84 -23.79
CA GLU B 117 -19.82 -7.63 -22.64
C GLU B 117 -19.01 -6.33 -22.80
N ARG B 118 -18.39 -6.15 -23.96
CA ARG B 118 -17.64 -4.93 -24.19
C ARG B 118 -18.55 -3.71 -24.23
N LYS B 119 -19.74 -3.83 -24.83
CA LYS B 119 -20.69 -2.72 -24.90
C LYS B 119 -21.11 -2.27 -23.50
N LYS B 120 -21.36 -3.23 -22.60
CA LYS B 120 -21.79 -2.90 -21.26
C LYS B 120 -20.67 -2.20 -20.46
N ALA B 121 -19.41 -2.63 -20.63
CA ALA B 121 -18.33 -2.08 -19.81
C ALA B 121 -18.06 -0.60 -20.10
N ASN B 122 -18.63 -0.06 -21.18
CA ASN B 122 -18.64 1.38 -21.41
C ASN B 122 -19.78 2.11 -20.72
N GLN B 123 -20.79 1.40 -20.20
CA GLN B 123 -21.99 2.06 -19.71
C GLN B 123 -21.71 2.86 -18.45
N PHE B 124 -22.52 3.90 -18.23
CA PHE B 124 -22.26 4.83 -17.14
C PHE B 124 -22.27 4.13 -15.79
N ASP B 125 -22.96 3.02 -15.65
CA ASP B 125 -23.04 2.35 -14.36
C ASP B 125 -21.99 1.25 -14.15
N ALA B 126 -21.13 0.97 -15.15
CA ALA B 126 -20.08 -0.01 -14.99
C ALA B 126 -18.90 0.57 -14.24
N PRO B 127 -18.14 -0.26 -13.52
CA PRO B 127 -16.86 0.19 -13.00
C PRO B 127 -15.88 0.30 -14.16
N ILE B 128 -15.26 1.45 -14.28
CA ILE B 128 -14.29 1.66 -15.34
C ILE B 128 -12.99 2.13 -14.68
N SER B 129 -11.93 1.35 -14.88
CA SER B 129 -10.58 1.75 -14.49
C SER B 129 -9.70 1.70 -15.74
N ILE B 130 -9.15 2.85 -16.13
CA ILE B 130 -8.37 2.93 -17.37
C ILE B 130 -6.87 2.98 -17.08
N TYR B 131 -6.12 2.18 -17.84
CA TYR B 131 -4.68 2.12 -17.75
C TYR B 131 -4.13 2.79 -19.00
N GLU B 132 -3.58 3.99 -18.83
CA GLU B 132 -3.27 4.88 -19.95
C GLU B 132 -1.79 4.68 -20.31
N VAL B 133 -1.54 4.10 -21.47
CA VAL B 133 -0.17 3.77 -21.84
C VAL B 133 0.19 4.41 -23.15
N HIS B 134 1.47 4.76 -23.26
CA HIS B 134 2.12 5.18 -24.50
C HIS B 134 2.90 3.97 -25.01
N LEU B 135 2.49 3.41 -26.14
CA LEU B 135 3.11 2.15 -26.60
C LEU B 135 4.61 2.28 -26.81
N GLY B 136 5.10 3.48 -27.11
CA GLY B 136 6.51 3.65 -27.41
C GLY B 136 7.43 3.57 -26.21
N SER B 137 6.93 3.84 -25.00
CA SER B 137 7.81 3.95 -23.86
C SER B 137 7.38 3.15 -22.63
N TRP B 138 6.52 2.13 -22.80
CA TRP B 138 6.14 1.30 -21.66
C TRP B 138 7.28 0.38 -21.26
N ARG B 139 7.67 -0.53 -22.15
CA ARG B 139 8.86 -1.36 -21.95
C ARG B 139 9.70 -1.30 -23.22
N ARG B 140 10.99 -1.59 -23.08
CA ARG B 140 11.88 -1.69 -24.23
C ARG B 140 12.83 -2.86 -23.98
N HIS B 141 13.39 -3.40 -25.07
CA HIS B 141 14.40 -4.46 -24.99
C HIS B 141 15.68 -3.92 -24.38
N THR B 142 16.26 -4.66 -23.43
CA THR B 142 17.37 -4.13 -22.64
C THR B 142 18.65 -3.95 -23.46
N ASP B 143 18.99 -4.89 -24.35
CA ASP B 143 20.28 -4.80 -25.03
C ASP B 143 20.35 -3.65 -26.04
N ASN B 144 19.37 -3.53 -26.95
CA ASN B 144 19.40 -2.47 -27.95
C ASN B 144 18.42 -1.32 -27.73
N ASN B 145 17.64 -1.29 -26.63
CA ASN B 145 16.70 -0.20 -26.34
C ASN B 145 15.63 -0.04 -27.45
N PHE B 146 15.09 -1.17 -27.92
CA PHE B 146 14.15 -1.19 -29.03
C PHE B 146 12.70 -1.16 -28.55
N TRP B 147 11.84 -0.61 -29.39
CA TRP B 147 10.41 -0.74 -29.18
C TRP B 147 10.03 -2.21 -29.13
N LEU B 148 8.88 -2.51 -28.54
CA LEU B 148 8.31 -3.83 -28.62
C LEU B 148 7.26 -3.79 -29.71
N SER B 149 7.18 -4.87 -30.49
CA SER B 149 6.17 -4.95 -31.51
C SER B 149 4.78 -5.00 -30.89
N TYR B 150 3.77 -4.66 -31.71
CA TYR B 150 2.38 -4.93 -31.29
C TYR B 150 2.26 -6.36 -30.80
N ARG B 151 2.88 -7.29 -31.51
CA ARG B 151 2.73 -8.69 -31.13
C ARG B 151 3.42 -8.97 -29.81
N GLU B 152 4.58 -8.37 -29.58
CA GLU B 152 5.17 -8.53 -28.28
C GLU B 152 4.32 -7.85 -27.22
N LEU B 153 3.65 -6.75 -27.58
CA LEU B 153 2.83 -6.07 -26.59
C LEU B 153 1.65 -6.95 -26.20
N ALA B 154 1.03 -7.59 -27.18
CA ALA B 154 -0.02 -8.56 -26.88
C ALA B 154 0.46 -9.58 -25.86
N ASP B 155 1.67 -10.04 -25.98
CA ASP B 155 2.03 -11.08 -25.05
C ASP B 155 2.39 -10.50 -23.69
N GLN B 156 2.76 -9.23 -23.60
CA GLN B 156 3.24 -8.65 -22.34
C GLN B 156 2.29 -7.61 -21.76
N LEU B 157 1.78 -6.69 -22.59
CA LEU B 157 0.97 -5.62 -22.04
C LEU B 157 -0.37 -6.17 -21.60
N VAL B 158 -1.17 -6.65 -22.55
CA VAL B 158 -2.53 -7.06 -22.23
C VAL B 158 -2.52 -7.94 -20.98
N PRO B 159 -1.62 -8.91 -20.80
CA PRO B 159 -1.62 -9.66 -19.54
C PRO B 159 -1.38 -8.79 -18.33
N TYR B 160 -0.43 -7.85 -18.39
CA TYR B 160 -0.18 -6.98 -17.25
C TYR B 160 -1.42 -6.18 -16.91
N ALA B 161 -2.06 -5.58 -17.92
CA ALA B 161 -3.26 -4.80 -17.66
C ALA B 161 -4.35 -5.68 -17.06
N LYS B 162 -4.56 -6.84 -17.66
CA LYS B 162 -5.52 -7.80 -17.12
C LYS B 162 -5.20 -8.14 -15.68
N TRP B 163 -3.94 -8.47 -15.39
CA TRP B 163 -3.58 -8.89 -14.04
C TRP B 163 -3.85 -7.79 -13.01
N MET B 164 -3.56 -6.55 -13.36
CA MET B 164 -3.70 -5.44 -12.44
C MET B 164 -5.14 -5.04 -12.18
N GLY B 165 -6.12 -5.74 -12.76
CA GLY B 165 -7.50 -5.45 -12.44
C GLY B 165 -8.11 -4.30 -13.20
N PHE B 166 -7.48 -3.86 -14.28
CA PHE B 166 -8.04 -2.78 -15.07
C PHE B 166 -9.15 -3.34 -15.96
N THR B 167 -10.03 -2.45 -16.39
CA THR B 167 -11.11 -2.81 -17.29
C THR B 167 -10.86 -2.30 -18.71
N HIS B 168 -10.35 -1.09 -18.84
CA HIS B 168 -10.00 -0.49 -20.10
C HIS B 168 -8.51 -0.29 -20.17
N LEU B 169 -8.03 -0.26 -21.41
CA LEU B 169 -6.66 0.06 -21.81
C LEU B 169 -6.77 1.22 -22.79
N GLU B 170 -6.16 2.34 -22.46
CA GLU B 170 -6.26 3.52 -23.31
C GLU B 170 -4.89 3.85 -23.84
N LEU B 171 -4.77 3.96 -25.16
CA LEU B 171 -3.50 4.18 -25.84
C LEU B 171 -3.37 5.62 -26.29
N LEU B 172 -2.23 6.24 -26.01
CA LEU B 172 -1.95 7.49 -26.71
C LEU B 172 -1.99 7.25 -28.23
N PRO B 173 -2.12 8.29 -29.05
CA PRO B 173 -2.54 8.06 -30.45
C PRO B 173 -1.59 7.15 -31.23
N ILE B 174 -2.14 6.05 -31.77
CA ILE B 174 -1.33 5.13 -32.58
C ILE B 174 -1.37 5.44 -34.07
N ASN B 175 -2.02 6.53 -34.50
CA ASN B 175 -1.98 6.85 -35.91
C ASN B 175 -0.53 7.09 -36.35
N GLU B 176 -0.24 6.84 -37.62
CA GLU B 176 1.12 7.07 -38.07
C GLU B 176 1.48 8.54 -37.93
N HIS B 177 2.59 8.82 -37.26
CA HIS B 177 3.13 10.17 -37.19
C HIS B 177 4.65 10.14 -37.41
N PRO B 178 5.28 11.28 -37.65
CA PRO B 178 6.69 11.29 -38.04
C PRO B 178 7.68 11.42 -36.87
N PHE B 179 7.40 12.28 -35.89
CA PHE B 179 8.32 12.48 -34.77
C PHE B 179 7.83 11.79 -33.50
N ASP B 180 8.77 11.15 -32.79
CA ASP B 180 8.42 10.49 -31.54
C ASP B 180 7.91 11.48 -30.48
N GLY B 181 8.69 12.53 -30.20
CA GLY B 181 8.26 13.53 -29.24
C GLY B 181 6.90 14.16 -29.52
N SER B 182 6.23 13.73 -30.60
CA SER B 182 4.84 14.13 -30.85
C SER B 182 3.89 13.45 -29.88
N TRP B 183 4.21 12.22 -29.48
CA TRP B 183 3.39 11.32 -28.65
C TRP B 183 2.31 10.69 -29.52
N GLY B 184 2.16 11.20 -30.73
CA GLY B 184 1.10 10.79 -31.63
C GLY B 184 0.01 11.80 -31.79
N TYR B 185 0.15 13.00 -31.20
CA TYR B 185 -0.80 14.08 -31.37
C TYR B 185 -0.45 15.02 -32.54
N GLN B 186 0.30 14.55 -33.52
CA GLN B 186 0.63 15.32 -34.72
C GLN B 186 0.75 14.37 -35.89
N PRO B 187 -0.35 13.77 -36.29
CA PRO B 187 -0.29 12.68 -37.26
C PRO B 187 0.17 13.16 -38.63
N THR B 188 0.58 12.18 -39.45
CA THR B 188 0.71 12.33 -40.90
C THR B 188 -0.29 11.48 -41.66
N GLY B 189 -0.80 10.40 -41.06
CA GLY B 189 -1.77 9.54 -41.74
C GLY B 189 -2.82 8.94 -40.83
N LEU B 190 -3.98 9.58 -40.75
CA LEU B 190 -5.06 9.13 -39.88
C LEU B 190 -5.45 7.67 -40.10
N TYR B 191 -5.38 7.15 -41.31
CA TYR B 191 -6.06 5.88 -41.55
C TYR B 191 -5.15 4.66 -41.43
N ALA B 192 -3.86 4.87 -41.11
CA ALA B 192 -2.89 3.80 -40.95
C ALA B 192 -2.26 3.89 -39.57
N PRO B 193 -2.28 2.81 -38.78
CA PRO B 193 -1.53 2.79 -37.52
C PRO B 193 -0.03 2.89 -37.78
N THR B 194 0.72 3.49 -36.83
CA THR B 194 2.15 3.69 -37.06
C THR B 194 2.87 2.37 -37.15
N ARG B 195 3.93 2.35 -37.96
CA ARG B 195 4.76 1.17 -38.21
C ARG B 195 5.80 0.95 -37.14
N ARG B 196 6.09 1.94 -36.32
CA ARG B 196 6.99 1.76 -35.18
C ARG B 196 6.91 0.35 -34.61
N PHE B 197 5.71 -0.24 -34.54
CA PHE B 197 5.52 -1.42 -33.73
C PHE B 197 5.09 -2.63 -34.54
N GLY B 198 5.09 -2.53 -35.86
CA GLY B 198 4.76 -3.64 -36.72
C GLY B 198 3.89 -3.19 -37.86
N THR B 199 3.07 -4.09 -38.36
CA THR B 199 2.13 -3.82 -39.45
C THR B 199 0.71 -3.66 -38.90
N ARG B 200 -0.11 -2.88 -39.60
CA ARG B 200 -1.51 -2.73 -39.22
C ARG B 200 -2.16 -4.06 -38.83
N ASP B 201 -1.93 -5.11 -39.61
CA ASP B 201 -2.46 -6.43 -39.25
C ASP B 201 -1.96 -6.86 -37.87
N ASP B 202 -0.70 -6.59 -37.56
CA ASP B 202 -0.19 -6.80 -36.21
C ASP B 202 -1.01 -6.03 -35.18
N PHE B 203 -1.26 -4.74 -35.43
CA PHE B 203 -2.10 -3.97 -34.51
C PHE B 203 -3.45 -4.67 -34.29
N ARG B 204 -4.09 -5.11 -35.38
CA ARG B 204 -5.34 -5.85 -35.28
C ARG B 204 -5.14 -7.14 -34.49
N TYR B 205 -3.99 -7.78 -34.62
CA TYR B 205 -3.63 -8.82 -33.65
C TYR B 205 -3.74 -8.29 -32.23
N PHE B 206 -3.20 -7.09 -32.01
CA PHE B 206 -3.06 -6.58 -30.65
C PHE B 206 -4.41 -6.32 -30.00
N ILE B 207 -5.28 -5.55 -30.67
CA ILE B 207 -6.60 -5.27 -30.11
C ILE B 207 -7.33 -6.58 -29.82
N ASP B 208 -7.40 -7.44 -30.83
CA ASP B 208 -8.10 -8.70 -30.67
C ASP B 208 -7.55 -9.48 -29.47
N ALA B 209 -6.27 -9.35 -29.19
CA ALA B 209 -5.71 -9.98 -28.00
C ALA B 209 -6.07 -9.20 -26.74
N ALA B 210 -6.33 -7.90 -26.86
CA ALA B 210 -6.83 -7.17 -25.70
C ALA B 210 -8.24 -7.61 -25.38
N HIS B 211 -9.12 -7.56 -26.38
CA HIS B 211 -10.49 -8.06 -26.18
C HIS B 211 -10.44 -9.45 -25.55
N ALA B 212 -9.80 -10.41 -26.21
CA ALA B 212 -9.70 -11.77 -25.68
C ALA B 212 -9.35 -11.84 -24.20
N ALA B 213 -8.79 -10.80 -23.62
CA ALA B 213 -8.39 -10.86 -22.23
C ALA B 213 -9.46 -10.29 -21.31
N GLY B 214 -10.51 -9.72 -21.88
CA GLY B 214 -11.51 -9.05 -21.09
C GLY B 214 -11.37 -7.56 -21.07
N LEU B 215 -10.47 -7.01 -21.88
CA LEU B 215 -10.17 -5.59 -21.86
C LEU B 215 -10.93 -4.84 -22.95
N ASN B 216 -11.55 -3.72 -22.59
CA ASN B 216 -11.82 -2.76 -23.64
C ASN B 216 -10.61 -1.89 -23.93
N VAL B 217 -10.63 -1.26 -25.09
CA VAL B 217 -9.54 -0.38 -25.47
C VAL B 217 -10.08 0.98 -25.88
N ILE B 218 -9.47 2.03 -25.31
CA ILE B 218 -9.76 3.42 -25.67
C ILE B 218 -8.62 3.90 -26.54
N LEU B 219 -8.94 4.63 -27.60
CA LEU B 219 -7.94 5.09 -28.56
C LEU B 219 -7.98 6.60 -28.61
N ASP B 220 -6.84 7.21 -28.30
CA ASP B 220 -6.71 8.65 -28.51
C ASP B 220 -6.87 8.95 -29.98
N TRP B 221 -7.80 9.83 -30.30
CA TRP B 221 -8.17 10.09 -31.67
C TRP B 221 -7.98 11.58 -31.93
N VAL B 222 -7.37 11.92 -33.05
CA VAL B 222 -6.83 13.27 -33.23
C VAL B 222 -7.42 13.92 -34.46
N PRO B 223 -8.73 14.18 -34.47
CA PRO B 223 -9.34 14.84 -35.63
C PRO B 223 -9.02 16.33 -35.76
N GLY B 224 -8.29 16.93 -34.82
CA GLY B 224 -8.20 18.38 -34.81
C GLY B 224 -6.87 18.97 -35.23
N HIS B 225 -6.06 18.22 -35.96
CA HIS B 225 -4.72 18.66 -36.33
C HIS B 225 -4.54 18.38 -37.81
N PHE B 226 -4.37 19.43 -38.62
CA PHE B 226 -4.10 19.22 -40.03
C PHE B 226 -2.65 18.78 -40.22
N PRO B 227 -2.41 17.56 -40.82
CA PRO B 227 -1.04 17.07 -41.06
C PRO B 227 -0.24 17.98 -41.99
N THR B 228 0.45 18.91 -41.36
CA THR B 228 1.33 19.89 -41.99
C THR B 228 2.76 19.39 -42.16
N ASP B 229 3.04 18.14 -41.76
CA ASP B 229 4.42 17.64 -41.75
C ASP B 229 4.81 17.07 -43.12
N ASP B 230 3.92 16.33 -43.77
CA ASP B 230 4.28 15.56 -44.94
C ASP B 230 3.74 16.12 -46.25
N PHE B 231 2.64 16.89 -46.21
CA PHE B 231 2.10 17.58 -47.38
C PHE B 231 1.38 16.62 -48.33
N ALA B 232 1.00 15.46 -47.84
CA ALA B 232 0.27 14.51 -48.66
C ALA B 232 -1.23 14.76 -48.64
N LEU B 233 -1.65 15.94 -48.16
CA LEU B 233 -3.06 16.32 -48.17
C LEU B 233 -3.32 17.78 -48.52
N ALA B 234 -2.36 18.69 -48.35
CA ALA B 234 -2.63 20.08 -48.68
C ALA B 234 -2.63 20.27 -50.20
N GLU B 235 -3.34 21.31 -50.65
CA GLU B 235 -3.61 21.55 -52.06
C GLU B 235 -3.80 20.25 -52.84
N PHE B 236 -4.49 19.27 -52.24
CA PHE B 236 -4.51 17.93 -52.83
C PHE B 236 -4.76 17.95 -54.33
N ASP B 237 -5.59 18.86 -54.81
CA ASP B 237 -5.93 18.92 -56.23
C ASP B 237 -5.56 20.26 -56.83
N GLY B 238 -4.66 21.01 -56.22
CA GLY B 238 -4.35 22.33 -56.69
C GLY B 238 -5.28 23.41 -56.21
N THR B 239 -6.43 23.04 -55.67
CA THR B 239 -7.23 23.94 -54.86
C THR B 239 -6.97 23.63 -53.39
N ASN B 240 -7.41 24.52 -52.53
CA ASN B 240 -7.26 24.29 -51.11
C ASN B 240 -8.56 23.65 -50.64
N LEU B 241 -8.62 22.32 -50.71
CA LEU B 241 -9.87 21.64 -50.43
C LEU B 241 -9.91 21.03 -49.02
N TYR B 242 -9.03 20.05 -48.69
CA TYR B 242 -9.11 19.46 -47.35
C TYR B 242 -8.93 20.50 -46.25
N GLU B 243 -8.33 21.64 -46.56
CA GLU B 243 -7.91 22.62 -45.57
C GLU B 243 -8.50 23.98 -45.86
N HIS B 244 -8.23 24.92 -44.96
CA HIS B 244 -8.85 26.23 -45.01
C HIS B 244 -7.94 27.38 -45.34
N SER B 245 -8.35 28.06 -46.41
CA SER B 245 -8.47 29.52 -46.45
C SER B 245 -9.22 29.81 -47.75
N THR B 257 -0.35 26.19 -38.97
CA THR B 257 -1.48 27.02 -38.54
C THR B 257 -2.59 27.03 -39.62
N LEU B 258 -2.91 25.84 -40.15
CA LEU B 258 -3.93 25.61 -41.16
C LEU B 258 -4.76 24.42 -40.71
N ILE B 259 -6.09 24.54 -40.74
CA ILE B 259 -6.92 23.50 -40.16
C ILE B 259 -7.79 22.86 -41.21
N TYR B 260 -8.34 21.71 -40.85
CA TYR B 260 -9.38 21.10 -41.64
C TYR B 260 -10.48 22.11 -41.92
N ASN B 261 -11.10 21.96 -43.08
CA ASN B 261 -12.36 22.64 -43.33
C ASN B 261 -13.46 21.66 -42.95
N TYR B 262 -13.70 21.52 -41.65
CA TYR B 262 -14.75 20.59 -41.21
C TYR B 262 -16.09 20.96 -41.82
N GLY B 263 -16.24 22.23 -42.25
CA GLY B 263 -17.36 22.69 -43.03
C GLY B 263 -17.69 21.74 -44.16
N ARG B 264 -16.76 21.58 -45.11
CA ARG B 264 -17.06 20.93 -46.39
C ARG B 264 -17.49 19.49 -46.18
N ARG B 265 -18.38 19.01 -47.05
CA ARG B 265 -19.00 17.71 -46.80
C ARG B 265 -17.95 16.60 -46.77
N GLU B 266 -17.05 16.57 -47.74
CA GLU B 266 -16.17 15.42 -47.87
C GLU B 266 -15.08 15.39 -46.78
N VAL B 267 -14.60 16.53 -46.29
CA VAL B 267 -13.69 16.51 -45.14
C VAL B 267 -14.35 15.79 -43.96
N SER B 268 -15.50 16.31 -43.52
CA SER B 268 -16.23 15.66 -42.43
C SER B 268 -16.41 14.16 -42.66
N ASN B 269 -16.84 13.74 -43.86
CA ASN B 269 -16.92 12.30 -44.06
C ASN B 269 -15.57 11.64 -43.85
N PHE B 270 -14.49 12.34 -44.18
CA PHE B 270 -13.16 11.76 -44.07
C PHE B 270 -12.84 11.47 -42.62
N LEU B 271 -13.12 12.45 -41.73
CA LEU B 271 -12.74 12.29 -40.33
C LEU B 271 -13.77 11.44 -39.58
N VAL B 272 -15.04 11.77 -39.72
CA VAL B 272 -16.06 10.95 -39.09
C VAL B 272 -15.91 9.50 -39.55
N GLY B 273 -15.76 9.30 -40.87
CA GLY B 273 -15.42 7.96 -41.33
C GLY B 273 -14.26 7.38 -40.56
N ASN B 274 -13.30 8.24 -40.17
CA ASN B 274 -12.13 7.79 -39.42
C ASN B 274 -12.55 7.12 -38.13
N ALA B 275 -13.27 7.85 -37.28
CA ALA B 275 -13.76 7.26 -36.04
C ALA B 275 -14.46 5.93 -36.32
N LEU B 276 -15.39 5.92 -37.30
CA LEU B 276 -16.13 4.68 -37.57
C LEU B 276 -15.18 3.58 -37.98
N TYR B 277 -14.17 3.94 -38.77
CA TYR B 277 -13.16 3.00 -39.24
C TYR B 277 -12.49 2.28 -38.07
N TRP B 278 -12.03 3.05 -37.07
CA TRP B 278 -11.30 2.43 -35.97
C TRP B 278 -12.20 1.53 -35.11
N ILE B 279 -13.40 2.00 -34.78
CA ILE B 279 -14.35 1.18 -34.01
C ILE B 279 -14.74 -0.04 -34.80
N GLU B 280 -15.17 0.15 -36.07
CA GLU B 280 -15.64 -0.97 -36.89
C GLU B 280 -14.48 -1.83 -37.39
N ARG B 281 -13.42 -1.22 -37.91
CA ARG B 281 -12.45 -2.05 -38.62
C ARG B 281 -11.43 -2.67 -37.67
N PHE B 282 -11.11 -2.01 -36.57
CA PHE B 282 -10.11 -2.54 -35.65
C PHE B 282 -10.66 -2.98 -34.30
N GLY B 283 -11.89 -2.60 -33.96
CA GLY B 283 -12.52 -3.08 -32.73
C GLY B 283 -12.37 -2.15 -31.56
N ILE B 284 -12.08 -0.88 -31.82
CA ILE B 284 -11.77 0.06 -30.76
C ILE B 284 -13.03 0.33 -29.98
N ASP B 285 -12.98 0.12 -28.67
CA ASP B 285 -14.21 0.26 -27.89
C ASP B 285 -14.59 1.71 -27.62
N ALA B 286 -13.65 2.64 -27.65
CA ALA B 286 -14.05 4.02 -27.49
C ALA B 286 -12.91 4.91 -27.92
N LEU B 287 -13.25 6.15 -28.23
CA LEU B 287 -12.29 7.12 -28.70
C LEU B 287 -12.26 8.25 -27.70
N ARG B 288 -11.09 8.83 -27.50
CA ARG B 288 -11.00 10.08 -26.75
C ARG B 288 -10.21 11.11 -27.54
N VAL B 289 -10.58 12.39 -27.40
CA VAL B 289 -9.87 13.49 -28.05
C VAL B 289 -9.23 14.37 -26.99
N ASP B 290 -7.92 14.56 -27.12
CA ASP B 290 -7.15 15.42 -26.23
C ASP B 290 -7.26 16.87 -26.67
N ALA B 291 -7.24 17.76 -25.69
CA ALA B 291 -7.12 19.19 -25.98
C ALA B 291 -8.15 19.68 -26.99
N VAL B 292 -9.43 19.37 -26.72
CA VAL B 292 -10.46 19.97 -27.56
C VAL B 292 -10.51 21.48 -27.35
N ALA B 293 -9.85 21.98 -26.31
CA ALA B 293 -9.76 23.42 -26.18
C ALA B 293 -9.05 24.02 -27.37
N SER B 294 -8.06 23.33 -27.93
CA SER B 294 -7.35 23.92 -29.06
C SER B 294 -8.15 23.81 -30.34
N MET B 295 -9.11 22.88 -30.37
CA MET B 295 -9.98 22.69 -31.53
C MET B 295 -11.06 23.76 -31.58
N ILE B 296 -11.77 23.96 -30.46
CA ILE B 296 -12.95 24.81 -30.40
C ILE B 296 -12.65 26.28 -30.10
N TYR B 297 -11.39 26.72 -30.20
CA TYR B 297 -11.10 28.15 -30.02
C TYR B 297 -10.18 28.63 -31.12
N ARG B 298 -9.79 29.92 -30.98
CA ARG B 298 -8.94 30.63 -31.93
C ARG B 298 -8.28 31.78 -31.20
N ASP B 299 -7.11 32.18 -31.70
CA ASP B 299 -6.21 33.08 -30.96
C ASP B 299 -6.65 34.54 -31.03
N TYR B 300 -7.37 34.92 -32.08
CA TYR B 300 -7.71 36.31 -32.34
C TYR B 300 -9.23 36.39 -32.53
N SER B 301 -9.82 37.55 -32.23
CA SER B 301 -11.27 37.60 -32.00
C SER B 301 -12.22 37.78 -33.19
N ASN B 310 -20.03 38.38 -27.18
CA ASN B 310 -20.54 37.16 -26.57
C ASN B 310 -19.58 36.72 -25.46
N GLU B 311 -19.86 35.57 -24.81
CA GLU B 311 -19.14 35.17 -23.59
C GLU B 311 -17.69 34.78 -23.88
N PHE B 312 -17.43 34.19 -25.05
CA PHE B 312 -16.12 33.73 -25.47
C PHE B 312 -15.21 34.85 -26.00
N GLY B 313 -15.70 36.09 -26.09
CA GLY B 313 -14.88 37.15 -26.64
C GLY B 313 -14.74 37.08 -28.13
N GLY B 314 -15.56 36.26 -28.79
CA GLY B 314 -15.45 36.13 -30.22
C GLY B 314 -14.31 35.26 -30.63
N ARG B 315 -13.92 34.33 -29.78
CA ARG B 315 -12.87 33.39 -30.12
C ARG B 315 -13.39 31.96 -30.29
N GLU B 316 -14.71 31.78 -30.26
CA GLU B 316 -15.31 30.47 -30.54
C GLU B 316 -15.04 30.08 -32.00
N ASN B 317 -14.75 28.79 -32.23
CA ASN B 317 -14.73 28.24 -33.58
C ASN B 317 -16.06 27.53 -33.71
N LEU B 318 -17.06 28.21 -34.24
CA LEU B 318 -18.35 27.55 -34.36
C LEU B 318 -18.28 26.33 -35.27
N GLU B 319 -17.45 26.41 -36.32
CA GLU B 319 -17.34 25.29 -37.24
C GLU B 319 -16.84 24.06 -36.53
N ALA B 320 -15.77 24.21 -35.73
CA ALA B 320 -15.21 23.09 -34.99
C ALA B 320 -16.25 22.51 -34.02
N ILE B 321 -16.90 23.38 -33.26
CA ILE B 321 -17.92 22.93 -32.32
C ILE B 321 -18.96 22.07 -33.03
N GLU B 322 -19.58 22.62 -34.10
CA GLU B 322 -20.57 21.84 -34.83
C GLU B 322 -20.00 20.50 -35.26
N PHE B 323 -18.72 20.49 -35.65
CA PHE B 323 -18.09 19.24 -36.05
C PHE B 323 -18.09 18.23 -34.91
N LEU B 324 -17.72 18.66 -33.71
CA LEU B 324 -17.70 17.75 -32.59
C LEU B 324 -19.11 17.25 -32.24
N ARG B 325 -20.06 18.19 -32.09
CA ARG B 325 -21.46 17.82 -31.90
C ARG B 325 -21.86 16.80 -32.93
N ASN B 326 -21.55 17.08 -34.20
CA ASN B 326 -22.01 16.22 -35.27
C ASN B 326 -21.47 14.81 -35.12
N THR B 327 -20.15 14.66 -34.99
CA THR B 327 -19.63 13.30 -35.08
C THR B 327 -20.07 12.46 -33.89
N ASN B 328 -20.31 13.09 -32.73
CA ASN B 328 -20.90 12.36 -31.60
C ASN B 328 -22.26 11.80 -31.97
N ARG B 329 -23.13 12.62 -32.55
CA ARG B 329 -24.45 12.11 -32.96
C ARG B 329 -24.28 10.96 -33.94
N ILE B 330 -23.50 11.17 -35.01
CA ILE B 330 -23.36 10.12 -36.01
C ILE B 330 -22.90 8.84 -35.38
N LEU B 331 -22.11 8.93 -34.32
CA LEU B 331 -21.53 7.74 -33.71
C LEU B 331 -22.56 6.96 -32.90
N GLY B 332 -23.33 7.67 -32.07
CA GLY B 332 -24.34 7.01 -31.28
C GLY B 332 -25.47 6.43 -32.11
N GLU B 333 -25.79 7.07 -33.24
CA GLU B 333 -26.73 6.49 -34.19
C GLU B 333 -26.12 5.24 -34.84
N GLN B 334 -24.86 5.32 -35.22
CA GLN B 334 -24.29 4.35 -36.13
C GLN B 334 -23.71 3.15 -35.41
N VAL B 335 -23.04 3.38 -34.28
CA VAL B 335 -22.33 2.32 -33.59
C VAL B 335 -22.53 2.49 -32.09
N SER B 336 -23.78 2.51 -31.65
CA SER B 336 -24.07 2.53 -30.22
C SER B 336 -23.33 1.37 -29.57
N GLY B 337 -22.89 1.60 -28.34
CA GLY B 337 -22.04 0.68 -27.63
C GLY B 337 -20.60 1.11 -27.54
N ALA B 338 -20.14 1.90 -28.50
CA ALA B 338 -18.86 2.56 -28.41
C ALA B 338 -19.12 3.96 -27.91
N VAL B 339 -18.24 4.46 -27.04
CA VAL B 339 -18.42 5.77 -26.45
C VAL B 339 -17.21 6.65 -26.74
N THR B 340 -17.39 7.94 -26.50
CA THR B 340 -16.39 8.97 -26.72
C THR B 340 -16.21 9.77 -25.45
N MET B 341 -14.97 10.13 -25.15
CA MET B 341 -14.65 11.00 -24.02
C MET B 341 -13.74 12.11 -24.50
N ALA B 342 -13.63 13.18 -23.71
CA ALA B 342 -12.90 14.36 -24.16
C ALA B 342 -12.29 15.05 -22.95
N GLU B 343 -11.30 15.92 -23.22
CA GLU B 343 -10.73 16.75 -22.16
C GLU B 343 -10.74 18.20 -22.63
N GLU B 344 -11.39 19.05 -21.86
CA GLU B 344 -11.51 20.45 -22.20
C GLU B 344 -10.96 21.23 -21.04
N SER B 345 -10.05 22.15 -21.35
CA SER B 345 -9.19 22.78 -20.35
C SER B 345 -9.72 24.10 -19.84
N THR B 346 -10.88 24.58 -20.33
CA THR B 346 -11.35 25.94 -20.06
C THR B 346 -12.83 26.00 -19.66
N ASP B 347 -13.45 24.89 -19.28
CA ASP B 347 -14.83 24.92 -18.80
C ASP B 347 -15.84 25.32 -19.88
N PHE B 348 -15.55 25.06 -21.13
CA PHE B 348 -16.61 25.13 -22.11
C PHE B 348 -17.79 24.33 -21.58
N PRO B 349 -19.00 24.86 -21.67
CA PRO B 349 -20.15 24.19 -21.05
C PRO B 349 -20.56 22.88 -21.72
N GLY B 350 -20.98 21.91 -20.92
CA GLY B 350 -21.77 20.80 -21.43
C GLY B 350 -21.03 19.85 -22.34
N VAL B 351 -19.75 19.60 -22.04
CA VAL B 351 -18.93 18.72 -22.86
C VAL B 351 -19.51 17.31 -22.90
N SER B 352 -19.91 16.79 -21.75
CA SER B 352 -20.53 15.48 -21.73
C SER B 352 -22.04 15.56 -21.78
N ARG B 353 -22.60 16.75 -22.04
CA ARG B 353 -24.03 16.91 -22.18
C ARG B 353 -24.47 16.58 -23.60
N PRO B 354 -25.72 16.15 -23.77
CA PRO B 354 -26.14 15.63 -25.09
C PRO B 354 -26.30 16.76 -26.10
N GLN B 355 -26.01 16.43 -27.37
CA GLN B 355 -26.04 17.42 -28.45
C GLN B 355 -27.37 18.16 -28.50
N ASP B 356 -28.46 17.53 -28.00
CA ASP B 356 -29.80 18.12 -28.03
C ASP B 356 -29.89 19.45 -27.31
N MET B 357 -29.08 19.69 -26.25
CA MET B 357 -29.17 20.96 -25.52
C MET B 357 -27.78 21.56 -25.33
N GLY B 358 -27.19 22.07 -26.41
CA GLY B 358 -25.89 22.71 -26.35
C GLY B 358 -24.77 21.76 -26.03
N GLY B 359 -25.07 20.48 -26.07
CA GLY B 359 -24.09 19.53 -25.66
C GLY B 359 -23.07 19.36 -26.75
N LEU B 360 -21.80 19.23 -26.38
CA LEU B 360 -20.83 18.62 -27.28
C LEU B 360 -21.13 17.15 -27.50
N GLY B 361 -21.89 16.53 -26.59
CA GLY B 361 -22.37 15.15 -26.74
C GLY B 361 -21.38 14.05 -26.44
N PHE B 362 -20.28 14.35 -25.76
CA PHE B 362 -19.37 13.31 -25.29
C PHE B 362 -20.04 12.53 -24.18
N TRP B 363 -19.71 11.26 -24.06
CA TRP B 363 -20.21 10.51 -22.91
C TRP B 363 -19.53 10.94 -21.62
N TYR B 364 -18.19 11.06 -21.61
CA TYR B 364 -17.42 11.35 -20.40
C TYR B 364 -16.45 12.52 -20.62
N LYS B 365 -16.11 13.23 -19.52
CA LYS B 365 -15.17 14.34 -19.54
C LYS B 365 -14.13 14.18 -18.44
N TRP B 366 -12.87 14.50 -18.79
CA TRP B 366 -11.77 14.40 -17.86
C TRP B 366 -11.92 15.46 -16.78
N ASN B 367 -11.94 15.05 -15.53
CA ASN B 367 -12.16 15.95 -14.41
C ASN B 367 -10.86 16.65 -14.03
N LEU B 368 -10.38 17.49 -14.95
CA LEU B 368 -9.18 18.26 -14.68
C LEU B 368 -9.27 19.04 -13.36
N GLY B 369 -10.45 19.48 -12.98
CA GLY B 369 -10.52 20.31 -11.79
C GLY B 369 -10.25 19.51 -10.54
N TRP B 370 -10.91 18.38 -10.39
CA TRP B 370 -10.63 17.50 -9.27
C TRP B 370 -9.13 17.22 -9.15
N MET B 371 -8.48 16.82 -10.25
CA MET B 371 -7.08 16.43 -10.20
C MET B 371 -6.21 17.57 -9.66
N HIS B 372 -6.36 18.79 -10.20
CA HIS B 372 -5.56 19.90 -9.70
C HIS B 372 -5.82 20.13 -8.22
N ASP B 373 -7.09 20.12 -7.81
CA ASP B 373 -7.45 20.39 -6.43
C ASP B 373 -7.01 19.28 -5.48
N THR B 374 -7.16 18.02 -5.87
CA THR B 374 -6.72 16.95 -4.99
C THR B 374 -5.19 16.94 -4.91
N LEU B 375 -4.53 16.98 -6.06
CA LEU B 375 -3.07 16.98 -6.01
C LEU B 375 -2.52 18.19 -5.27
N ASP B 376 -3.20 19.34 -5.37
CA ASP B 376 -2.88 20.53 -4.58
C ASP B 376 -2.87 20.20 -3.09
N TYR B 377 -3.96 19.62 -2.62
CA TYR B 377 -4.09 19.26 -1.21
C TYR B 377 -2.96 18.34 -0.78
N MET B 378 -2.62 17.36 -1.63
CA MET B 378 -1.69 16.33 -1.20
C MET B 378 -0.27 16.85 -1.09
N LYS B 379 0.07 17.90 -1.86
CA LYS B 379 1.42 18.45 -1.78
C LYS B 379 1.64 19.18 -0.47
N LEU B 380 0.56 19.62 0.18
CA LEU B 380 0.68 20.44 1.38
C LEU B 380 1.28 19.64 2.53
N ASP B 381 2.06 20.28 3.37
CA ASP B 381 2.54 19.58 4.53
C ASP B 381 1.27 19.26 5.26
N PRO B 382 1.16 18.05 5.78
CA PRO B 382 -0.08 17.73 6.50
C PRO B 382 -0.47 18.78 7.54
N VAL B 383 0.47 19.52 8.13
CA VAL B 383 0.12 20.47 9.18
C VAL B 383 -0.78 21.57 8.64
N TYR B 384 -0.61 21.96 7.38
CA TYR B 384 -1.38 23.06 6.82
C TYR B 384 -2.69 22.57 6.21
N ARG B 385 -2.90 21.27 6.08
CA ARG B 385 -4.10 20.78 5.39
C ARG B 385 -5.36 21.20 6.11
N GLN B 386 -5.28 21.53 7.39
CA GLN B 386 -6.47 21.95 8.10
C GLN B 386 -7.16 23.12 7.43
N TYR B 387 -6.43 23.91 6.65
CA TYR B 387 -6.99 25.10 6.03
C TYR B 387 -7.49 24.89 4.62
N HIS B 388 -7.08 23.82 3.96
CA HIS B 388 -7.46 23.63 2.56
C HIS B 388 -8.43 22.49 2.41
N HIS B 389 -9.19 22.22 3.49
CA HIS B 389 -10.23 21.18 3.51
C HIS B 389 -11.18 21.33 2.37
N ASP B 390 -11.31 22.56 1.84
CA ASP B 390 -12.19 22.77 0.68
C ASP B 390 -11.76 21.92 -0.48
N LYS B 391 -10.45 21.85 -0.72
CA LYS B 391 -9.92 21.16 -1.88
C LYS B 391 -10.50 19.77 -2.02
N LEU B 392 -10.81 19.10 -0.89
CA LEU B 392 -11.43 17.80 -1.07
C LEU B 392 -12.94 17.90 -1.11
N THR B 393 -13.54 18.74 -0.27
CA THR B 393 -14.97 18.65 -0.11
C THR B 393 -15.72 19.20 -1.33
N PHE B 394 -15.16 20.20 -2.04
CA PHE B 394 -15.94 20.81 -3.12
C PHE B 394 -16.00 19.95 -4.37
N GLY B 395 -15.14 18.97 -4.50
CA GLY B 395 -15.24 18.12 -5.67
C GLY B 395 -16.65 17.62 -5.87
N ILE B 396 -17.34 17.33 -4.77
CA ILE B 396 -18.69 16.82 -4.92
C ILE B 396 -19.65 17.90 -5.44
N LEU B 397 -19.37 19.18 -5.20
CA LEU B 397 -20.33 20.22 -5.53
C LEU B 397 -20.52 20.36 -7.04
N TYR B 398 -19.52 20.03 -7.84
CA TYR B 398 -19.68 20.09 -9.29
C TYR B 398 -19.66 18.72 -9.94
N ASN B 399 -19.65 17.64 -9.14
CA ASN B 399 -19.58 16.31 -9.74
C ASN B 399 -20.78 16.01 -10.63
N TYR B 400 -21.86 16.77 -10.54
CA TYR B 400 -23.05 16.41 -11.30
C TYR B 400 -23.27 17.35 -12.47
N THR B 401 -22.25 18.13 -12.84
CA THR B 401 -22.27 18.92 -14.05
C THR B 401 -21.78 18.14 -15.27
N GLU B 402 -21.01 17.07 -15.06
CA GLU B 402 -20.47 16.27 -16.14
C GLU B 402 -20.34 14.83 -15.68
N ASN B 403 -20.24 13.93 -16.65
CA ASN B 403 -19.90 12.55 -16.32
C ASN B 403 -18.38 12.45 -16.38
N PHE B 404 -17.75 12.16 -15.25
CA PHE B 404 -16.34 12.43 -15.07
C PHE B 404 -15.52 11.15 -15.00
N VAL B 405 -14.46 11.09 -15.81
CA VAL B 405 -13.28 10.26 -15.55
C VAL B 405 -12.34 11.09 -14.69
N LEU B 406 -11.83 10.49 -13.61
CA LEU B 406 -10.99 11.16 -12.59
C LEU B 406 -9.52 10.86 -12.85
N PRO B 407 -8.75 11.73 -13.52
CA PRO B 407 -7.58 11.20 -14.23
C PRO B 407 -6.25 11.77 -13.75
N LEU B 408 -5.26 10.90 -13.56
CA LEU B 408 -3.85 11.32 -13.39
C LEU B 408 -3.15 11.05 -14.72
N SER B 409 -3.38 11.97 -15.65
CA SER B 409 -2.97 11.82 -17.03
C SER B 409 -1.46 11.73 -17.15
N HIS B 410 -1.06 11.37 -18.36
CA HIS B 410 0.31 11.55 -18.77
C HIS B 410 0.71 13.02 -18.74
N ASP B 411 -0.23 13.95 -18.93
CA ASP B 411 0.15 15.36 -18.90
C ASP B 411 0.58 15.86 -17.52
N GLU B 412 0.49 15.03 -16.49
CA GLU B 412 0.81 15.52 -15.15
C GLU B 412 2.17 15.03 -14.65
N VAL B 413 2.88 14.21 -15.41
CA VAL B 413 4.14 13.66 -14.94
C VAL B 413 5.25 14.01 -15.91
N VAL B 414 5.13 15.16 -16.56
CA VAL B 414 6.08 15.63 -17.55
C VAL B 414 6.33 17.12 -17.35
N HIS B 415 7.39 17.60 -18.01
CA HIS B 415 7.76 19.03 -18.07
C HIS B 415 7.85 19.71 -16.70
N GLY B 416 8.53 19.05 -15.77
CA GLY B 416 8.79 19.67 -14.48
C GLY B 416 7.59 19.71 -13.56
N LYS B 417 6.45 19.10 -13.96
CA LYS B 417 5.35 18.87 -13.05
C LYS B 417 5.77 17.88 -11.97
N LYS B 418 6.78 17.07 -12.27
CA LYS B 418 7.24 15.96 -11.47
C LYS B 418 6.24 14.82 -11.39
N SER B 419 6.58 13.82 -10.61
CA SER B 419 5.81 12.60 -10.62
C SER B 419 4.72 12.72 -9.58
N ILE B 420 3.83 11.73 -9.55
CA ILE B 420 2.84 11.80 -8.50
C ILE B 420 3.49 11.55 -7.16
N LEU B 421 4.48 10.63 -7.13
CA LEU B 421 5.20 10.36 -5.89
C LEU B 421 5.87 11.61 -5.36
N ASP B 422 6.52 12.37 -6.23
CA ASP B 422 7.36 13.47 -5.75
C ASP B 422 6.56 14.65 -5.19
N ARG B 423 5.31 14.84 -5.61
CA ARG B 423 4.54 15.88 -4.96
C ARG B 423 4.29 15.55 -3.50
N MET B 424 4.33 14.26 -3.13
CA MET B 424 3.99 13.89 -1.77
C MET B 424 5.02 14.46 -0.79
N PRO B 425 4.61 14.64 0.51
CA PRO B 425 5.48 15.32 1.49
C PRO B 425 5.91 14.48 2.68
N GLY B 426 7.11 14.73 3.19
CA GLY B 426 7.60 14.08 4.39
C GLY B 426 8.71 13.07 4.09
N ASP B 427 9.07 12.33 5.13
CA ASP B 427 10.06 11.26 4.99
C ASP B 427 9.51 10.15 4.09
N ALA B 428 10.41 9.36 3.52
CA ALA B 428 9.98 8.34 2.57
C ALA B 428 8.71 7.61 3.01
N TRP B 429 8.74 7.02 4.22
CA TRP B 429 7.57 6.28 4.71
C TRP B 429 6.31 7.13 4.56
N GLN B 430 6.34 8.35 5.12
CA GLN B 430 5.23 9.26 4.96
C GLN B 430 4.90 9.49 3.48
N LYS B 431 5.91 9.90 2.71
CA LYS B 431 5.77 10.12 1.28
C LYS B 431 4.93 9.03 0.61
N PHE B 432 5.22 7.76 0.87
CA PHE B 432 4.50 6.68 0.21
C PHE B 432 3.10 6.47 0.77
N ALA B 433 2.90 6.78 2.05
CA ALA B 433 1.58 6.57 2.63
C ALA B 433 0.58 7.57 2.08
N ASN B 434 1.02 8.80 1.84
CA ASN B 434 0.16 9.75 1.16
C ASN B 434 -0.27 9.17 -0.17
N LEU B 435 0.68 8.78 -1.00
CA LEU B 435 0.33 8.27 -2.30
C LEU B 435 -0.72 7.19 -2.17
N ARG B 436 -0.42 6.17 -1.35
CA ARG B 436 -1.37 5.08 -1.11
C ARG B 436 -2.73 5.62 -0.69
N ALA B 437 -2.73 6.59 0.23
CA ALA B 437 -3.98 7.17 0.74
C ALA B 437 -4.72 7.91 -0.36
N TYR B 438 -4.04 8.84 -1.04
CA TYR B 438 -4.59 9.47 -2.24
C TYR B 438 -5.34 8.48 -3.11
N TYR B 439 -4.64 7.43 -3.59
CA TYR B 439 -5.30 6.42 -4.41
C TYR B 439 -6.50 5.83 -3.67
N GLY B 440 -6.34 5.58 -2.36
CA GLY B 440 -7.47 5.13 -1.59
C GLY B 440 -8.66 6.03 -1.77
N TRP B 441 -8.43 7.33 -1.68
CA TRP B 441 -9.51 8.29 -1.80
C TRP B 441 -10.03 8.34 -3.22
N MET B 442 -9.14 8.32 -4.20
CA MET B 442 -9.58 8.49 -5.57
C MET B 442 -10.48 7.35 -6.01
N TRP B 443 -10.05 6.10 -5.82
CA TRP B 443 -10.90 4.99 -6.23
C TRP B 443 -12.26 5.00 -5.52
N ALA B 444 -12.38 5.71 -4.38
CA ALA B 444 -13.65 5.84 -3.66
C ALA B 444 -14.50 6.99 -4.18
N PHE B 445 -13.88 8.02 -4.73
CA PHE B 445 -14.58 9.24 -5.04
C PHE B 445 -15.38 9.06 -6.33
N PRO B 446 -16.59 9.59 -6.39
CA PRO B 446 -17.42 9.44 -7.60
C PRO B 446 -16.69 9.86 -8.86
N GLY B 447 -16.76 9.01 -9.86
CA GLY B 447 -16.19 9.24 -11.17
C GLY B 447 -15.51 7.96 -11.63
N LYS B 448 -15.18 7.86 -12.91
CA LYS B 448 -14.37 6.74 -13.33
C LYS B 448 -12.90 7.04 -13.05
N LYS B 449 -12.05 6.02 -13.18
CA LYS B 449 -10.64 6.12 -12.81
C LYS B 449 -9.74 6.00 -14.03
N LEU B 450 -8.69 6.79 -14.07
CA LEU B 450 -7.65 6.64 -15.08
C LEU B 450 -6.29 6.88 -14.44
N LEU B 451 -5.36 5.96 -14.71
CA LEU B 451 -4.00 5.99 -14.19
C LEU B 451 -2.99 5.83 -15.31
N PHE B 452 -2.06 6.76 -15.40
CA PHE B 452 -1.04 6.67 -16.44
C PHE B 452 0.10 5.77 -16.02
N MET B 453 0.63 5.02 -17.00
CA MET B 453 1.66 4.02 -16.76
C MET B 453 2.78 4.60 -15.91
N GLY B 454 3.33 3.77 -15.02
CA GLY B 454 4.35 4.18 -14.09
C GLY B 454 3.79 4.59 -12.75
N ASN B 455 2.55 5.12 -12.74
CA ASN B 455 1.90 5.58 -11.51
C ASN B 455 1.55 4.43 -10.59
N GLU B 456 1.21 3.27 -11.15
CA GLU B 456 0.78 2.15 -10.35
C GLU B 456 1.94 1.52 -9.56
N PHE B 457 3.19 1.86 -9.88
CA PHE B 457 4.30 1.50 -9.01
C PHE B 457 5.10 2.73 -8.58
N ALA B 458 4.50 3.90 -8.65
CA ALA B 458 5.07 5.10 -8.06
C ALA B 458 6.48 5.32 -8.59
N GLN B 459 6.57 5.60 -9.88
CA GLN B 459 7.86 5.94 -10.44
C GLN B 459 8.40 7.17 -9.73
N GLY B 460 9.70 7.31 -9.69
CA GLY B 460 10.29 8.43 -8.99
C GLY B 460 10.41 9.63 -9.89
N ARG B 461 10.68 9.39 -11.16
CA ARG B 461 10.88 10.51 -12.06
C ARG B 461 9.87 10.55 -13.18
N GLU B 462 9.93 11.65 -13.93
CA GLU B 462 8.89 11.99 -14.87
C GLU B 462 8.90 11.02 -16.04
N TRP B 463 7.91 11.14 -16.89
CA TRP B 463 7.76 10.10 -17.89
C TRP B 463 8.63 10.47 -19.08
N ASN B 464 9.64 9.66 -19.35
CA ASN B 464 10.51 9.92 -20.48
C ASN B 464 10.09 9.06 -21.66
N HIS B 465 9.60 9.68 -22.73
CA HIS B 465 9.02 8.91 -23.81
C HIS B 465 10.05 8.32 -24.74
N ASP B 466 11.32 8.33 -24.34
CA ASP B 466 12.36 7.64 -25.09
C ASP B 466 13.16 6.75 -24.16
N ALA B 467 12.50 6.24 -23.15
CA ALA B 467 13.06 5.22 -22.29
C ALA B 467 11.93 4.29 -21.90
N SER B 468 12.29 3.13 -21.37
CA SER B 468 11.32 2.32 -20.65
C SER B 468 10.99 2.98 -19.33
N LEU B 469 9.80 2.65 -18.81
CA LEU B 469 9.46 3.03 -17.44
C LEU B 469 10.52 2.47 -16.51
N ASP B 470 10.69 3.10 -15.36
CA ASP B 470 11.71 2.57 -14.45
C ASP B 470 11.32 1.23 -13.80
N TRP B 471 11.01 0.21 -14.61
CA TRP B 471 10.65 -1.12 -14.08
C TRP B 471 11.74 -1.73 -13.20
N HIS B 472 12.95 -1.17 -13.19
CA HIS B 472 13.98 -1.66 -12.30
C HIS B 472 13.63 -1.46 -10.83
N LEU B 473 12.77 -0.50 -10.52
CA LEU B 473 12.44 -0.26 -9.12
C LEU B 473 11.85 -1.51 -8.47
N LEU B 474 11.24 -2.37 -9.26
CA LEU B 474 10.58 -3.53 -8.71
C LEU B 474 11.49 -4.72 -8.64
N GLU B 475 12.79 -4.51 -8.86
CA GLU B 475 13.74 -5.62 -8.86
C GLU B 475 14.29 -5.82 -7.47
N GLY B 476 14.81 -7.00 -7.19
CA GLY B 476 15.33 -7.19 -5.85
C GLY B 476 14.20 -7.27 -4.81
N GLY B 477 14.58 -7.10 -3.55
CA GLY B 477 13.69 -7.42 -2.45
C GLY B 477 12.49 -6.50 -2.34
N ASP B 478 11.48 -6.98 -1.62
CA ASP B 478 10.25 -6.24 -1.52
C ASP B 478 10.51 -4.86 -0.96
N ASN B 479 9.89 -3.87 -1.59
CA ASN B 479 10.14 -2.48 -1.27
C ASN B 479 8.82 -1.73 -1.39
N TRP B 480 8.87 -0.44 -1.08
CA TRP B 480 7.65 0.35 -1.16
C TRP B 480 6.98 0.25 -2.52
N HIS B 481 7.75 0.01 -3.58
CA HIS B 481 7.18 0.12 -4.90
C HIS B 481 6.30 -1.07 -5.23
N HIS B 482 6.63 -2.26 -4.73
CA HIS B 482 5.70 -3.38 -4.87
C HIS B 482 4.45 -3.17 -4.01
N GLY B 483 4.57 -2.41 -2.92
CA GLY B 483 3.38 -2.14 -2.12
C GLY B 483 2.39 -1.34 -2.91
N VAL B 484 2.82 -0.19 -3.43
CA VAL B 484 1.92 0.64 -4.18
C VAL B 484 1.33 -0.15 -5.33
N GLN B 485 2.18 -0.80 -6.12
CA GLN B 485 1.64 -1.60 -7.20
C GLN B 485 0.64 -2.60 -6.67
N ARG B 486 0.94 -3.20 -5.51
CA ARG B 486 0.09 -4.25 -4.98
C ARG B 486 -1.26 -3.67 -4.55
N LEU B 487 -1.25 -2.45 -3.99
CA LEU B 487 -2.50 -1.82 -3.61
C LEU B 487 -3.34 -1.41 -4.82
N VAL B 488 -2.70 -0.92 -5.90
CA VAL B 488 -3.50 -0.54 -7.06
C VAL B 488 -4.33 -1.73 -7.53
N ARG B 489 -3.73 -2.93 -7.53
CA ARG B 489 -4.46 -4.09 -8.02
C ARG B 489 -5.55 -4.53 -7.02
N ASP B 490 -5.35 -4.32 -5.73
CA ASP B 490 -6.47 -4.56 -4.83
C ASP B 490 -7.60 -3.55 -5.07
N LEU B 491 -7.29 -2.25 -4.95
CA LEU B 491 -8.26 -1.23 -5.31
C LEU B 491 -9.11 -1.62 -6.54
N ASN B 492 -8.47 -2.01 -7.65
CA ASN B 492 -9.25 -2.31 -8.85
C ASN B 492 -10.16 -3.51 -8.65
N LEU B 493 -9.70 -4.49 -7.87
CA LEU B 493 -10.57 -5.64 -7.63
C LEU B 493 -11.72 -5.26 -6.74
N THR B 494 -11.47 -4.45 -5.71
CA THR B 494 -12.54 -4.08 -4.80
C THR B 494 -13.48 -3.06 -5.42
N TYR B 495 -12.97 -2.19 -6.30
CA TYR B 495 -13.82 -1.25 -7.02
C TYR B 495 -14.88 -1.99 -7.81
N ARG B 496 -14.46 -2.76 -8.81
CA ARG B 496 -15.40 -3.72 -9.37
C ARG B 496 -15.79 -4.69 -8.27
N HIS B 497 -16.88 -5.41 -8.46
CA HIS B 497 -17.31 -6.34 -7.41
C HIS B 497 -18.23 -5.72 -6.34
N HIS B 498 -18.15 -4.40 -6.14
CA HIS B 498 -18.98 -3.67 -5.18
C HIS B 498 -19.78 -2.58 -5.90
N LYS B 499 -21.03 -2.88 -6.29
CA LYS B 499 -21.73 -1.97 -7.21
C LYS B 499 -21.88 -0.59 -6.60
N ALA B 500 -21.86 -0.50 -5.27
CA ALA B 500 -21.91 0.79 -4.60
C ALA B 500 -20.80 1.72 -5.07
N MET B 501 -19.62 1.19 -5.41
CA MET B 501 -18.48 2.05 -5.71
C MET B 501 -18.59 2.70 -7.09
N HIS B 502 -19.27 2.08 -8.06
CA HIS B 502 -19.32 2.62 -9.40
C HIS B 502 -20.71 2.88 -9.95
N GLU B 503 -21.76 2.27 -9.39
CA GLU B 503 -23.06 2.18 -10.08
C GLU B 503 -23.84 3.50 -10.13
N LEU B 504 -23.84 4.28 -9.05
CA LEU B 504 -24.52 5.57 -9.09
C LEU B 504 -23.53 6.70 -8.92
N ASP B 505 -22.48 6.68 -9.74
CA ASP B 505 -21.49 7.74 -9.66
C ASP B 505 -22.14 9.10 -9.92
N PHE B 506 -23.10 9.15 -10.82
CA PHE B 506 -23.60 10.43 -11.30
C PHE B 506 -24.95 10.81 -10.72
N ASP B 507 -25.46 10.04 -9.80
CA ASP B 507 -26.70 10.25 -9.06
C ASP B 507 -26.36 10.73 -7.66
N PRO B 508 -26.94 11.83 -7.18
CA PRO B 508 -26.65 12.26 -5.81
C PRO B 508 -26.98 11.21 -4.80
N TYR B 509 -27.80 10.23 -5.17
CA TYR B 509 -28.13 9.15 -4.27
C TYR B 509 -26.94 8.24 -4.07
N GLY B 510 -25.91 8.39 -4.91
CA GLY B 510 -24.74 7.53 -4.87
C GLY B 510 -23.70 7.88 -3.82
N PHE B 511 -23.82 9.08 -3.22
CA PHE B 511 -22.78 9.66 -2.37
C PHE B 511 -23.44 10.38 -1.22
N GLU B 512 -22.91 10.21 -0.01
CA GLU B 512 -23.36 11.04 1.11
C GLU B 512 -22.26 11.25 2.13
N TRP B 513 -22.09 12.49 2.61
CA TRP B 513 -21.07 12.72 3.64
C TRP B 513 -21.50 12.15 4.98
N LEU B 514 -20.54 11.59 5.72
CA LEU B 514 -20.78 11.22 7.11
C LEU B 514 -20.15 12.22 8.06
N VAL B 515 -18.87 12.55 7.88
CA VAL B 515 -18.30 13.75 8.51
C VAL B 515 -17.64 14.61 7.43
N VAL B 516 -18.13 15.86 7.28
CA VAL B 516 -17.60 16.80 6.30
C VAL B 516 -16.60 17.78 6.92
N ASP B 517 -16.71 18.01 8.23
CA ASP B 517 -16.17 19.20 8.85
C ASP B 517 -14.94 18.96 9.69
N ASP B 518 -14.51 17.73 9.90
CA ASP B 518 -13.32 17.54 10.74
C ASP B 518 -12.11 18.15 10.04
N LYS B 519 -11.99 19.47 10.12
CA LYS B 519 -10.85 20.12 9.49
C LYS B 519 -9.61 20.05 10.36
N GLU B 520 -9.78 20.16 11.67
CA GLU B 520 -8.59 20.11 12.52
C GLU B 520 -7.87 18.78 12.32
N ARG B 521 -8.59 17.68 12.42
CA ARG B 521 -7.94 16.38 12.31
C ARG B 521 -7.75 15.93 10.89
N SER B 522 -8.11 16.75 9.91
CA SER B 522 -8.03 16.44 8.49
C SER B 522 -8.57 15.04 8.17
N VAL B 523 -9.74 14.71 8.73
CA VAL B 523 -10.39 13.43 8.50
C VAL B 523 -11.64 13.65 7.66
N LEU B 524 -11.86 12.79 6.68
CA LEU B 524 -13.07 12.84 5.87
C LEU B 524 -13.67 11.44 5.80
N ILE B 525 -14.97 11.35 6.04
CA ILE B 525 -15.66 10.08 5.95
C ILE B 525 -16.91 10.32 5.15
N PHE B 526 -17.27 9.36 4.32
CA PHE B 526 -18.44 9.45 3.47
C PHE B 526 -18.83 8.03 3.10
N VAL B 527 -19.98 7.91 2.42
CA VAL B 527 -20.40 6.61 1.89
C VAL B 527 -20.67 6.70 0.38
N ARG B 528 -20.54 5.54 -0.26
CA ARG B 528 -20.99 5.27 -1.61
C ARG B 528 -22.11 4.24 -1.55
N ARG B 529 -23.23 4.52 -2.19
CA ARG B 529 -24.42 3.67 -2.16
C ARG B 529 -24.68 3.09 -3.54
N ASP B 530 -25.35 1.96 -3.59
CA ASP B 530 -25.79 1.44 -4.88
C ASP B 530 -27.32 1.56 -5.01
N LYS B 531 -27.86 0.99 -6.12
CA LYS B 531 -29.30 1.08 -6.37
C LYS B 531 -30.11 0.39 -5.29
N GLU B 532 -29.63 -0.77 -4.81
CA GLU B 532 -30.31 -1.53 -3.77
C GLU B 532 -30.15 -0.90 -2.40
N GLY B 533 -29.28 0.10 -2.25
CA GLY B 533 -29.23 0.93 -1.07
C GLY B 533 -28.22 0.53 -0.02
N ASN B 534 -27.64 -0.67 -0.11
CA ASN B 534 -26.51 -0.94 0.78
C ASN B 534 -25.33 -0.05 0.40
N GLU B 535 -24.55 0.33 1.41
CA GLU B 535 -23.56 1.38 1.27
C GLU B 535 -22.21 0.90 1.78
N ILE B 536 -21.17 1.68 1.43
CA ILE B 536 -19.78 1.41 1.82
C ILE B 536 -19.16 2.65 2.46
N ILE B 537 -18.64 2.48 3.67
CA ILE B 537 -18.05 3.58 4.44
C ILE B 537 -16.60 3.78 4.00
N VAL B 538 -16.31 4.95 3.44
CA VAL B 538 -14.95 5.30 3.04
C VAL B 538 -14.49 6.36 4.00
N ALA B 539 -13.45 6.05 4.80
CA ALA B 539 -12.89 6.95 5.78
C ALA B 539 -11.41 7.16 5.50
N SER B 540 -10.96 8.42 5.43
CA SER B 540 -9.56 8.76 5.15
C SER B 540 -9.04 9.70 6.22
N ASN B 541 -7.77 9.50 6.58
CA ASN B 541 -7.08 10.30 7.60
C ASN B 541 -5.82 10.88 6.95
N PHE B 542 -5.88 12.12 6.49
CA PHE B 542 -4.73 12.74 5.84
C PHE B 542 -3.76 13.38 6.81
N THR B 543 -3.68 12.89 8.03
CA THR B 543 -2.64 13.28 8.97
C THR B 543 -1.86 12.03 9.41
N PRO B 544 -0.61 12.19 9.86
CA PRO B 544 0.16 11.02 10.30
C PRO B 544 -0.21 10.58 11.71
N VAL B 545 -1.16 11.29 12.32
CA VAL B 545 -1.58 11.05 13.69
C VAL B 545 -2.61 9.92 13.65
N PRO B 546 -2.30 8.74 14.16
CA PRO B 546 -3.32 7.69 14.15
C PRO B 546 -4.45 8.07 15.08
N ARG B 547 -5.69 7.76 14.68
CA ARG B 547 -6.86 8.20 15.43
C ARG B 547 -7.62 6.96 15.87
N HIS B 548 -7.77 6.80 17.20
CA HIS B 548 -8.50 5.73 17.86
C HIS B 548 -9.78 6.25 18.46
N ASP B 549 -10.72 5.35 18.62
CA ASP B 549 -12.00 5.69 19.21
C ASP B 549 -12.67 6.84 18.47
N TYR B 550 -12.50 6.90 17.15
CA TYR B 550 -13.10 7.99 16.39
C TYR B 550 -14.55 7.62 16.09
N ARG B 551 -15.48 8.30 16.74
CA ARG B 551 -16.89 8.00 16.60
C ARG B 551 -17.50 8.88 15.51
N PHE B 552 -18.42 8.33 14.71
CA PHE B 552 -19.11 9.11 13.70
C PHE B 552 -20.46 8.45 13.39
N GLY B 553 -21.36 9.22 12.79
CA GLY B 553 -22.70 8.74 12.56
C GLY B 553 -22.79 7.75 11.42
N ILE B 554 -23.81 6.90 11.46
CA ILE B 554 -24.01 5.84 10.50
C ILE B 554 -25.47 5.85 10.10
N ASN B 555 -25.79 5.11 9.04
CA ASN B 555 -27.15 4.99 8.58
C ASN B 555 -27.67 3.56 8.57
N GLN B 556 -26.81 2.56 8.62
CA GLN B 556 -27.24 1.17 8.60
C GLN B 556 -26.50 0.48 9.72
N PRO B 557 -27.17 0.07 10.79
CA PRO B 557 -26.44 -0.40 11.96
C PRO B 557 -26.21 -1.91 11.85
N GLY B 558 -25.30 -2.39 12.70
CA GLY B 558 -24.90 -3.78 12.66
C GLY B 558 -23.40 -4.01 12.65
N LYS B 559 -22.94 -4.94 11.83
CA LYS B 559 -21.53 -5.34 11.80
C LYS B 559 -20.89 -4.83 10.52
N TRP B 560 -19.82 -4.04 10.66
CA TRP B 560 -18.98 -3.56 9.57
C TRP B 560 -17.61 -4.21 9.66
N ARG B 561 -16.93 -4.31 8.50
CA ARG B 561 -15.58 -4.86 8.43
C ARG B 561 -14.83 -4.17 7.29
N GLU B 562 -13.53 -4.01 7.48
CA GLU B 562 -12.70 -3.38 6.46
C GLU B 562 -12.60 -4.28 5.22
N ILE B 563 -12.85 -3.71 4.05
CA ILE B 563 -12.54 -4.43 2.83
C ILE B 563 -11.26 -3.92 2.17
N LEU B 564 -10.79 -2.73 2.57
CA LEU B 564 -9.58 -2.13 2.01
C LEU B 564 -8.97 -1.21 3.04
N ASN B 565 -7.64 -1.31 3.23
CA ASN B 565 -6.92 -0.50 4.23
C ASN B 565 -5.51 -0.12 3.73
N THR B 566 -5.36 1.11 3.23
CA THR B 566 -4.11 1.44 2.55
C THR B 566 -2.90 1.28 3.46
N ASP B 567 -3.10 1.19 4.75
CA ASP B 567 -2.01 1.01 5.72
C ASP B 567 -2.02 -0.46 6.07
N SER B 568 -1.24 -1.25 5.36
CA SER B 568 -1.23 -2.66 5.63
C SER B 568 0.20 -3.16 5.55
N MET B 569 0.48 -4.27 6.24
CA MET B 569 1.77 -4.92 6.03
C MET B 569 2.08 -5.03 4.53
N HIS B 570 1.10 -5.46 3.73
CA HIS B 570 1.32 -5.80 2.34
C HIS B 570 1.55 -4.60 1.45
N TYR B 571 1.16 -3.42 1.88
CA TYR B 571 1.49 -2.24 1.10
C TYR B 571 2.66 -1.48 1.70
N HIS B 572 3.21 -1.99 2.81
CA HIS B 572 4.33 -1.44 3.53
C HIS B 572 3.86 -0.33 4.45
N GLY B 573 2.64 -0.45 4.98
CA GLY B 573 2.15 0.46 5.98
C GLY B 573 2.52 0.01 7.38
N SER B 574 2.01 0.73 8.39
CA SER B 574 2.22 0.33 9.78
C SER B 574 1.18 -0.67 10.26
N ASN B 575 0.32 -1.14 9.38
CA ASN B 575 -0.57 -2.23 9.71
C ASN B 575 -1.45 -1.88 10.91
N ALA B 576 -1.97 -0.66 10.92
CA ALA B 576 -2.83 -0.18 11.96
C ALA B 576 -4.26 -0.17 11.47
N GLY B 577 -5.19 -0.50 12.36
CA GLY B 577 -6.58 -0.57 11.96
C GLY B 577 -7.33 -1.57 12.82
N ASN B 578 -8.58 -1.78 12.42
CA ASN B 578 -9.53 -2.43 13.33
C ASN B 578 -9.40 -3.95 13.32
N GLY B 579 -9.18 -4.55 12.15
CA GLY B 579 -8.92 -5.97 12.13
C GLY B 579 -10.15 -6.79 12.39
N GLY B 580 -10.67 -6.75 13.61
CA GLY B 580 -11.92 -7.43 13.85
C GLY B 580 -13.08 -6.95 13.00
N THR B 581 -14.25 -7.56 13.19
CA THR B 581 -15.50 -6.87 12.90
C THR B 581 -15.73 -5.81 13.97
N VAL B 582 -16.47 -4.74 13.61
CA VAL B 582 -16.82 -3.66 14.54
C VAL B 582 -18.32 -3.45 14.50
N HIS B 583 -18.97 -3.43 15.67
CA HIS B 583 -20.43 -3.38 15.74
C HIS B 583 -20.86 -1.96 16.07
N SER B 584 -21.94 -1.53 15.44
CA SER B 584 -22.41 -0.16 15.64
C SER B 584 -22.92 0.01 17.06
N ASP B 585 -22.87 1.24 17.54
CA ASP B 585 -23.47 1.62 18.81
C ASP B 585 -24.74 2.42 18.57
N GLU B 586 -25.69 2.32 19.51
CA GLU B 586 -26.80 3.27 19.49
C GLU B 586 -26.47 4.51 20.31
N ILE B 587 -25.27 5.03 20.09
CA ILE B 587 -24.84 6.32 20.60
C ILE B 587 -24.95 7.34 19.48
N ALA B 588 -26.02 8.12 19.47
CA ALA B 588 -26.19 9.15 18.45
C ALA B 588 -24.92 9.98 18.28
N SER B 589 -24.45 10.07 17.04
CA SER B 589 -23.36 10.98 16.66
C SER B 589 -23.67 11.64 15.32
N HIS B 590 -23.03 12.79 15.12
CA HIS B 590 -23.21 13.62 13.94
C HIS B 590 -24.64 13.62 13.43
N GLY B 591 -25.61 13.70 14.34
CA GLY B 591 -27.00 13.79 13.96
C GLY B 591 -27.69 12.49 13.60
N ARG B 592 -27.08 11.34 13.86
CA ARG B 592 -27.68 10.06 13.51
C ARG B 592 -27.91 9.17 14.73
N GLN B 593 -28.79 8.19 14.55
CA GLN B 593 -29.12 7.30 15.66
C GLN B 593 -27.88 6.57 16.15
N HIS B 594 -27.15 5.97 15.23
CA HIS B 594 -26.17 4.95 15.53
C HIS B 594 -24.79 5.42 15.10
N SER B 595 -23.78 5.05 15.88
CA SER B 595 -22.44 5.46 15.52
C SER B 595 -21.58 4.23 15.30
N LEU B 596 -20.40 4.50 14.76
CA LEU B 596 -19.33 3.55 14.59
C LEU B 596 -18.13 4.23 15.25
N SER B 597 -17.31 3.48 15.98
CA SER B 597 -16.11 4.02 16.61
C SER B 597 -14.92 3.18 16.17
N LEU B 598 -14.04 3.78 15.38
CA LEU B 598 -13.02 3.09 14.61
C LEU B 598 -11.66 3.66 14.92
N THR B 599 -10.63 2.86 14.61
CA THR B 599 -9.28 3.35 14.49
C THR B 599 -9.02 3.73 13.04
N LEU B 600 -8.60 4.97 12.82
CA LEU B 600 -8.21 5.43 11.50
C LEU B 600 -6.70 5.37 11.39
N PRO B 601 -6.15 4.52 10.55
CA PRO B 601 -4.72 4.44 10.45
C PRO B 601 -4.15 5.79 10.07
N PRO B 602 -2.83 6.00 10.22
CA PRO B 602 -2.26 7.28 9.83
C PRO B 602 -1.97 7.34 8.33
N LEU B 603 -2.25 8.50 7.73
CA LEU B 603 -2.02 8.69 6.30
C LEU B 603 -2.62 7.57 5.44
N ALA B 604 -3.92 7.34 5.61
CA ALA B 604 -4.46 6.12 5.05
C ALA B 604 -5.95 6.27 4.79
N THR B 605 -6.44 5.49 3.83
CA THR B 605 -7.84 5.38 3.47
C THR B 605 -8.33 3.99 3.84
N ILE B 606 -9.63 3.88 4.14
CA ILE B 606 -10.28 2.65 4.56
C ILE B 606 -11.65 2.52 3.91
N TRP B 607 -12.06 1.27 3.66
CA TRP B 607 -13.41 1.00 3.18
C TRP B 607 -14.01 -0.06 4.08
N LEU B 608 -15.24 0.14 4.48
CA LEU B 608 -15.92 -0.78 5.38
C LEU B 608 -17.21 -1.19 4.70
N VAL B 609 -17.57 -2.46 4.86
CA VAL B 609 -18.74 -3.08 4.27
C VAL B 609 -19.60 -3.63 5.39
N ARG B 610 -20.92 -3.42 5.32
CA ARG B 610 -21.81 -3.94 6.35
C ARG B 610 -22.14 -5.39 6.06
N GLU B 611 -21.91 -6.24 7.07
CA GLU B 611 -22.05 -7.68 7.03
C GLU B 611 -23.37 -8.10 7.65
N ALA B 612 -23.81 -9.31 7.31
CA ALA B 612 -25.08 -9.84 7.83
C ALA B 612 -24.93 -10.60 9.17
N GLY C 1 -44.24 47.56 5.37
CA GLY C 1 -44.40 48.90 4.81
C GLY C 1 -43.11 49.43 4.20
N THR C 2 -42.30 50.07 5.06
CA THR C 2 -40.98 50.55 4.70
C THR C 2 -39.92 49.79 5.51
N HIS C 3 -40.02 48.45 5.51
CA HIS C 3 -39.16 47.55 6.30
C HIS C 3 -37.79 47.35 5.68
N LEU C 4 -37.46 48.13 4.66
CA LEU C 4 -36.14 48.11 4.04
C LEU C 4 -35.07 48.78 4.90
N ARG C 5 -35.42 49.50 5.94
CA ARG C 5 -34.43 50.06 6.86
C ARG C 5 -34.93 49.77 8.26
N PRO C 6 -34.86 48.50 8.67
CA PRO C 6 -35.35 48.16 10.01
C PRO C 6 -34.59 48.86 11.10
N TYR C 7 -33.34 49.26 10.81
CA TYR C 7 -32.43 49.86 11.78
C TYR C 7 -32.81 51.29 12.13
N GLU C 8 -33.72 51.88 11.37
CA GLU C 8 -34.17 53.22 11.68
C GLU C 8 -35.19 53.20 12.79
N THR C 9 -35.67 52.05 13.16
CA THR C 9 -36.67 51.97 14.20
C THR C 9 -36.32 50.98 15.29
N LEU C 10 -35.70 49.85 14.95
CA LEU C 10 -35.25 48.91 15.96
C LEU C 10 -33.94 49.37 16.57
N GLY C 11 -33.61 48.74 17.68
CA GLY C 11 -32.46 49.10 18.48
C GLY C 11 -32.79 50.23 19.43
N ALA C 12 -31.73 50.84 19.97
CA ALA C 12 -31.84 51.94 20.90
C ALA C 12 -31.75 53.23 20.13
N HIS C 13 -32.71 54.12 20.36
CA HIS C 13 -32.81 55.39 19.63
C HIS C 13 -33.19 56.51 20.58
N ALA C 14 -32.45 57.63 20.52
CA ALA C 14 -32.88 58.82 21.25
C ALA C 14 -34.27 59.22 20.77
N ASP C 15 -35.08 59.71 21.69
CA ASP C 15 -36.45 60.10 21.36
C ASP C 15 -36.97 60.95 22.50
N THR C 16 -38.15 61.54 22.30
CA THR C 16 -38.75 62.41 23.31
C THR C 16 -40.25 62.20 23.30
N MET C 17 -40.79 61.69 24.42
CA MET C 17 -42.22 61.47 24.59
C MET C 17 -42.81 62.47 25.57
N ASP C 18 -43.88 63.13 25.15
CA ASP C 18 -44.48 64.32 25.76
C ASP C 18 -43.55 65.10 26.69
N GLY C 19 -42.68 65.89 26.10
CA GLY C 19 -41.98 66.87 26.90
C GLY C 19 -40.85 66.35 27.75
N VAL C 20 -40.51 65.07 27.63
CA VAL C 20 -39.44 64.47 28.42
C VAL C 20 -38.59 63.61 27.51
N THR C 21 -37.29 63.71 27.67
CA THR C 21 -36.38 63.03 26.75
C THR C 21 -35.81 61.79 27.40
N GLY C 22 -35.79 60.72 26.62
CA GLY C 22 -35.14 59.51 27.05
C GLY C 22 -34.64 58.73 25.86
N THR C 23 -34.53 57.41 26.02
CA THR C 23 -34.22 56.54 24.92
C THR C 23 -35.34 55.55 24.75
N ARG C 24 -35.61 55.21 23.49
CA ARG C 24 -36.63 54.23 23.13
C ARG C 24 -35.93 52.97 22.65
N PHE C 25 -36.48 51.80 22.99
CA PHE C 25 -35.88 50.52 22.62
C PHE C 25 -36.92 49.63 21.97
N SER C 26 -36.47 48.86 20.99
CA SER C 26 -37.33 47.90 20.31
C SER C 26 -36.48 46.76 19.81
N VAL C 27 -36.97 45.54 20.01
CA VAL C 27 -36.18 44.34 19.76
C VAL C 27 -37.12 43.24 19.31
N TRP C 28 -36.74 42.56 18.24
CA TRP C 28 -37.56 41.52 17.65
C TRP C 28 -37.24 40.20 18.35
N ALA C 29 -38.21 39.67 19.11
CA ALA C 29 -38.08 38.45 19.89
C ALA C 29 -39.44 37.81 20.10
N PRO C 30 -40.07 37.32 19.03
CA PRO C 30 -41.50 36.98 19.12
C PRO C 30 -41.85 35.86 20.08
N ASN C 31 -40.96 34.93 20.38
CA ASN C 31 -41.36 33.79 21.21
C ASN C 31 -40.88 33.87 22.65
N ALA C 32 -40.33 35.01 23.06
CA ALA C 32 -39.90 35.22 24.44
C ALA C 32 -41.10 35.40 25.38
N ARG C 33 -40.91 35.04 26.65
CA ARG C 33 -42.01 35.13 27.60
C ARG C 33 -42.03 36.46 28.34
N ARG C 34 -40.86 37.04 28.63
CA ARG C 34 -40.78 38.40 29.14
C ARG C 34 -39.42 38.98 28.74
N VAL C 35 -39.41 40.27 28.41
CA VAL C 35 -38.20 40.95 27.96
C VAL C 35 -38.16 42.32 28.61
N SER C 36 -37.06 42.62 29.29
CA SER C 36 -36.89 43.92 29.88
C SER C 36 -35.58 44.53 29.39
N VAL C 37 -35.51 45.85 29.42
CA VAL C 37 -34.27 46.54 29.12
C VAL C 37 -33.52 46.76 30.42
N VAL C 38 -32.23 46.47 30.37
CA VAL C 38 -31.33 46.40 31.51
C VAL C 38 -30.09 47.21 31.16
N GLY C 39 -29.65 48.05 32.09
CA GLY C 39 -28.51 48.89 31.79
C GLY C 39 -28.15 49.74 32.97
N GLN C 40 -27.18 50.66 32.75
CA GLN C 40 -26.70 51.58 33.78
C GLN C 40 -27.81 52.42 34.41
N PHE C 41 -28.92 52.63 33.72
CA PHE C 41 -29.90 53.58 34.23
C PHE C 41 -30.71 53.02 35.39
N ASN C 42 -31.01 51.73 35.38
CA ASN C 42 -31.76 51.07 36.44
C ASN C 42 -30.91 50.06 37.20
N TYR C 43 -29.60 50.24 37.17
CA TYR C 43 -28.66 49.36 37.89
C TYR C 43 -28.77 47.90 37.45
N TRP C 44 -29.01 47.66 36.15
CA TRP C 44 -28.93 46.35 35.54
C TRP C 44 -30.02 45.40 36.04
N ASP C 45 -31.07 45.94 36.58
CA ASP C 45 -32.11 45.16 37.23
C ASP C 45 -33.21 45.01 36.20
N GLY C 46 -33.79 43.80 36.07
CA GLY C 46 -34.71 43.46 34.99
C GLY C 46 -36.19 43.74 35.24
N ARG C 47 -36.61 43.96 36.50
CA ARG C 47 -37.99 44.24 36.90
C ARG C 47 -38.44 45.72 36.68
N ARG C 48 -37.56 46.72 36.93
CA ARG C 48 -37.89 48.15 36.83
C ARG C 48 -38.44 48.55 35.48
N HIS C 49 -37.97 47.91 34.41
CA HIS C 49 -38.23 48.39 33.05
C HIS C 49 -38.52 47.22 32.11
N PRO C 50 -39.62 46.51 32.36
CA PRO C 50 -40.05 45.44 31.45
C PRO C 50 -40.83 46.01 30.29
N MET C 51 -40.65 45.42 29.11
CA MET C 51 -41.34 45.92 27.94
C MET C 51 -42.54 45.05 27.61
N ARG C 52 -43.47 45.60 26.86
CA ARG C 52 -44.59 44.81 26.35
C ARG C 52 -44.52 44.80 24.83
N LEU C 53 -45.04 43.73 24.24
CA LEU C 53 -44.81 43.50 22.82
C LEU C 53 -46.05 43.67 21.98
N ARG C 54 -45.85 44.15 20.75
CA ARG C 54 -46.87 44.12 19.72
C ARG C 54 -47.02 42.70 19.22
N LYS C 55 -48.15 42.06 19.48
CA LYS C 55 -48.42 40.73 18.93
C LYS C 55 -48.35 40.71 17.41
N GLU C 56 -48.67 41.82 16.77
CA GLU C 56 -48.70 41.87 15.31
C GLU C 56 -47.29 41.72 14.73
N SER C 57 -46.29 42.27 15.40
CA SER C 57 -44.95 42.35 14.88
C SER C 57 -43.97 41.40 15.55
N GLY C 58 -44.28 40.91 16.74
CA GLY C 58 -43.30 40.14 17.49
C GLY C 58 -42.16 40.97 18.03
N ILE C 59 -42.43 42.24 18.35
CA ILE C 59 -41.41 43.19 18.77
C ILE C 59 -41.78 43.70 20.14
N TRP C 60 -40.80 43.81 21.01
CA TRP C 60 -41.00 44.46 22.30
C TRP C 60 -40.55 45.90 22.23
N GLU C 61 -41.34 46.78 22.83
CA GLU C 61 -41.00 48.19 22.82
C GLU C 61 -41.05 48.76 24.22
N LEU C 62 -40.30 49.86 24.42
CA LEU C 62 -40.30 50.60 25.67
C LEU C 62 -39.52 51.88 25.50
N PHE C 63 -40.08 52.97 26.03
CA PHE C 63 -39.41 54.25 26.10
C PHE C 63 -39.04 54.52 27.55
N ILE C 64 -37.77 54.75 27.81
CA ILE C 64 -37.30 54.94 29.19
C ILE C 64 -36.83 56.36 29.34
N PRO C 65 -37.55 57.22 30.05
CA PRO C 65 -37.12 58.61 30.19
C PRO C 65 -35.81 58.67 30.94
N GLY C 66 -34.88 59.46 30.42
CA GLY C 66 -33.63 59.66 31.10
C GLY C 66 -32.59 58.58 30.92
N ALA C 67 -32.74 57.71 29.95
CA ALA C 67 -31.66 56.81 29.56
C ALA C 67 -30.95 57.55 28.42
N HIS C 68 -29.82 58.17 28.74
CA HIS C 68 -29.16 59.02 27.75
C HIS C 68 -28.08 58.27 26.98
N ASN C 69 -27.63 58.88 25.90
CA ASN C 69 -26.63 58.23 25.07
C ASN C 69 -25.37 57.92 25.84
N GLY C 70 -24.70 56.86 25.44
CA GLY C 70 -23.42 56.53 26.03
C GLY C 70 -23.44 55.50 27.14
N GLN C 71 -24.60 55.18 27.71
CA GLN C 71 -24.64 54.22 28.80
C GLN C 71 -24.92 52.82 28.28
N LEU C 72 -24.48 51.82 29.02
CA LEU C 72 -24.53 50.44 28.55
C LEU C 72 -25.89 49.80 28.79
N TYR C 73 -26.34 48.98 27.83
CA TYR C 73 -27.58 48.21 28.05
C TYR C 73 -27.47 46.82 27.42
N LYS C 74 -28.42 45.97 27.79
CA LYS C 74 -28.65 44.67 27.19
C LYS C 74 -30.11 44.34 27.41
N TYR C 75 -30.60 43.31 26.74
CA TYR C 75 -31.98 42.89 26.94
C TYR C 75 -32.01 41.71 27.89
N GLU C 76 -32.75 41.84 28.97
CA GLU C 76 -32.92 40.76 29.94
C GLU C 76 -34.21 40.04 29.59
N MET C 77 -34.11 38.79 29.16
CA MET C 77 -35.33 38.11 28.76
C MET C 77 -35.49 36.76 29.45
N ILE C 78 -36.71 36.26 29.36
CA ILE C 78 -37.05 34.87 29.61
C ILE C 78 -37.44 34.27 28.28
N ASP C 79 -36.70 33.26 27.84
CA ASP C 79 -36.91 32.71 26.49
C ASP C 79 -38.14 31.79 26.46
N ALA C 80 -38.35 31.19 25.31
CA ALA C 80 -39.54 30.38 25.12
C ALA C 80 -39.53 29.17 26.01
N ASN C 81 -38.37 28.84 26.60
CA ASN C 81 -38.25 27.75 27.56
C ASN C 81 -38.17 28.22 29.02
N GLY C 82 -38.47 29.48 29.29
CA GLY C 82 -38.39 29.98 30.65
C GLY C 82 -36.99 30.12 31.20
N ASN C 83 -35.97 29.92 30.36
CA ASN C 83 -34.61 30.20 30.76
C ASN C 83 -34.37 31.71 30.72
N LEU C 84 -33.55 32.19 31.67
CA LEU C 84 -33.27 33.61 31.81
C LEU C 84 -31.99 33.90 31.07
N ARG C 85 -32.12 34.61 29.96
CA ARG C 85 -30.99 34.96 29.14
C ARG C 85 -30.82 36.46 29.15
N LEU C 86 -29.56 36.87 29.10
CA LEU C 86 -29.15 38.25 28.96
C LEU C 86 -28.62 38.42 27.54
N LYS C 87 -29.31 39.19 26.71
CA LYS C 87 -28.97 39.31 25.31
C LYS C 87 -28.43 40.70 25.00
N SER C 88 -27.59 40.79 23.98
CA SER C 88 -27.17 42.08 23.48
C SER C 88 -27.96 42.39 22.23
N ASP C 89 -28.02 43.66 21.89
CA ASP C 89 -28.92 44.13 20.85
C ASP C 89 -28.39 43.77 19.47
N PRO C 90 -29.07 42.87 18.73
CA PRO C 90 -28.73 42.66 17.33
C PRO C 90 -28.41 43.96 16.62
N TYR C 91 -29.19 45.02 16.90
CA TYR C 91 -28.99 46.30 16.24
C TYR C 91 -28.11 47.25 17.05
N ALA C 92 -27.16 46.74 17.84
CA ALA C 92 -26.28 47.66 18.53
C ALA C 92 -25.46 48.46 17.53
N PHE C 93 -25.41 49.78 17.70
CA PHE C 93 -24.54 50.61 16.85
C PHE C 93 -23.18 50.89 17.48
N GLU C 94 -22.97 50.46 18.73
CA GLU C 94 -21.65 50.42 19.37
C GLU C 94 -21.67 49.29 20.41
N ALA C 95 -20.47 48.85 20.82
CA ALA C 95 -20.26 47.96 21.98
C ALA C 95 -18.92 48.33 22.64
N GLN C 96 -18.51 47.59 23.68
CA GLN C 96 -17.11 47.67 24.12
C GLN C 96 -16.61 46.26 24.30
N MET C 97 -17.54 45.39 24.68
CA MET C 97 -17.44 43.96 24.38
C MET C 97 -16.09 43.37 24.81
N ARG C 98 -15.63 43.72 26.02
CA ARG C 98 -14.50 42.91 26.47
C ARG C 98 -14.98 42.05 27.63
N PRO C 99 -15.02 42.57 28.88
CA PRO C 99 -15.61 41.77 29.98
C PRO C 99 -17.08 41.40 29.76
N GLU C 100 -17.94 42.36 29.40
CA GLU C 100 -19.36 42.15 29.16
C GLU C 100 -19.65 42.35 27.67
N THR C 101 -20.77 41.76 27.22
CA THR C 101 -21.18 41.87 25.83
C THR C 101 -22.17 43.00 25.61
N ALA C 102 -22.07 44.06 26.39
CA ALA C 102 -23.16 45.02 26.43
C ALA C 102 -23.26 45.76 25.10
N SER C 103 -24.41 46.41 24.89
CA SER C 103 -24.64 47.34 23.81
C SER C 103 -24.47 48.78 24.31
N LEU C 104 -24.20 49.68 23.39
CA LEU C 104 -24.03 51.09 23.67
C LEU C 104 -25.19 51.88 23.08
N ILE C 105 -25.70 52.84 23.82
CA ILE C 105 -26.94 53.51 23.42
C ILE C 105 -26.52 54.85 22.84
N CYS C 106 -26.24 54.81 21.54
CA CYS C 106 -25.99 55.96 20.70
C CYS C 106 -26.96 55.91 19.53
N GLY C 107 -27.03 56.99 18.80
CA GLY C 107 -27.97 57.07 17.70
C GLY C 107 -27.46 56.36 16.48
N LEU C 108 -27.84 56.86 15.37
CA LEU C 108 -27.32 56.67 14.02
C LEU C 108 -26.45 57.85 13.66
N PRO C 109 -25.47 57.68 12.79
CA PRO C 109 -24.80 58.85 12.22
C PRO C 109 -25.70 59.45 11.15
N GLU C 110 -25.52 60.74 10.89
CA GLU C 110 -26.41 61.33 9.91
C GLU C 110 -26.03 60.80 8.53
N LYS C 111 -27.02 60.73 7.64
CA LYS C 111 -26.86 60.14 6.32
C LYS C 111 -25.67 60.71 5.56
N VAL C 112 -25.19 59.98 4.54
CA VAL C 112 -24.04 60.40 3.74
C VAL C 112 -24.33 60.23 2.25
N VAL C 113 -24.38 61.36 1.54
CA VAL C 113 -24.69 61.39 0.11
C VAL C 113 -23.46 60.98 -0.68
N GLN C 114 -23.65 60.13 -1.68
CA GLN C 114 -22.54 59.61 -2.48
C GLN C 114 -22.25 60.57 -3.62
N THR C 115 -21.09 61.20 -3.58
CA THR C 115 -20.70 62.14 -4.62
C THR C 115 -20.56 61.44 -5.96
N GLU C 116 -20.96 62.13 -7.04
CA GLU C 116 -20.92 61.53 -8.36
C GLU C 116 -19.51 61.14 -8.78
N GLU C 117 -18.51 61.93 -8.40
CA GLU C 117 -17.15 61.50 -8.74
C GLU C 117 -16.84 60.15 -8.10
N ARG C 118 -17.34 59.95 -6.86
CA ARG C 118 -17.16 58.67 -6.17
C ARG C 118 -18.01 57.57 -6.79
N LYS C 119 -19.18 57.92 -7.34
CA LYS C 119 -19.96 56.93 -8.06
C LYS C 119 -19.33 56.58 -9.40
N LYS C 120 -18.63 57.51 -10.04
CA LYS C 120 -17.91 57.20 -11.27
C LYS C 120 -16.72 56.28 -10.99
N ALA C 121 -16.13 56.38 -9.81
CA ALA C 121 -14.96 55.58 -9.51
C ALA C 121 -15.26 54.10 -9.65
N ASN C 122 -16.51 53.71 -9.45
CA ASN C 122 -16.94 52.32 -9.47
C ASN C 122 -17.27 51.82 -10.87
N GLN C 123 -17.34 52.71 -11.86
CA GLN C 123 -17.91 52.34 -13.14
C GLN C 123 -17.03 51.36 -13.86
N PHE C 124 -17.66 50.51 -14.67
CA PHE C 124 -16.93 49.47 -15.39
C PHE C 124 -15.81 50.02 -16.25
N ASP C 125 -15.78 51.33 -16.52
CA ASP C 125 -14.80 51.94 -17.43
C ASP C 125 -13.79 52.83 -16.71
N ALA C 126 -13.56 52.58 -15.44
CA ALA C 126 -12.72 53.33 -14.54
C ALA C 126 -11.52 52.52 -14.13
N PRO C 127 -10.39 53.15 -13.92
CA PRO C 127 -9.28 52.45 -13.30
C PRO C 127 -9.66 52.14 -11.86
N ILE C 128 -9.43 50.91 -11.44
CA ILE C 128 -9.77 50.46 -10.08
C ILE C 128 -8.60 49.66 -9.56
N SER C 129 -7.78 50.30 -8.75
CA SER C 129 -6.67 49.63 -8.07
C SER C 129 -6.98 49.65 -6.58
N ILE C 130 -7.26 48.47 -6.03
CA ILE C 130 -7.74 48.30 -4.66
C ILE C 130 -6.57 47.89 -3.78
N TYR C 131 -6.46 48.53 -2.63
CA TYR C 131 -5.41 48.22 -1.66
C TYR C 131 -6.11 47.50 -0.54
N GLU C 132 -6.00 46.17 -0.53
CA GLU C 132 -6.74 45.36 0.45
C GLU C 132 -6.00 45.36 1.78
N VAL C 133 -6.71 45.68 2.85
CA VAL C 133 -6.11 46.08 4.13
C VAL C 133 -6.89 45.50 5.31
N HIS C 134 -6.16 44.98 6.31
CA HIS C 134 -6.73 44.49 7.56
C HIS C 134 -6.28 45.44 8.66
N LEU C 135 -7.20 46.31 9.12
CA LEU C 135 -6.79 47.41 9.97
C LEU C 135 -6.01 46.91 11.19
N GLY C 136 -6.37 45.72 11.67
CA GLY C 136 -5.69 45.17 12.84
C GLY C 136 -4.20 44.97 12.65
N SER C 137 -3.78 44.60 11.45
CA SER C 137 -2.39 44.26 11.24
C SER C 137 -1.73 45.07 10.15
N TRP C 138 -2.29 46.22 9.76
CA TRP C 138 -1.53 47.08 8.87
C TRP C 138 -0.27 47.55 9.60
N ARG C 139 -0.41 48.44 10.57
CA ARG C 139 0.71 48.95 11.36
C ARG C 139 0.43 48.80 12.85
N ARG C 140 1.49 48.76 13.66
CA ARG C 140 1.28 48.80 15.11
C ARG C 140 2.30 49.73 15.76
N HIS C 141 1.97 50.17 16.97
CA HIS C 141 2.85 51.03 17.72
C HIS C 141 4.16 50.36 18.06
N THR C 142 5.14 51.19 18.40
CA THR C 142 6.53 50.83 18.16
C THR C 142 7.01 49.68 19.06
N ASP C 143 6.95 49.84 20.38
CA ASP C 143 7.47 48.76 21.20
C ASP C 143 6.39 47.81 21.72
N ASN C 144 5.24 48.35 22.15
CA ASN C 144 4.17 47.63 22.80
C ASN C 144 3.28 46.88 21.84
N ASN C 145 3.42 47.11 20.54
CA ASN C 145 2.64 46.37 19.56
C ASN C 145 1.14 46.67 19.66
N PHE C 146 0.79 47.89 20.06
CA PHE C 146 -0.62 48.26 20.12
C PHE C 146 -1.16 48.55 18.73
N TRP C 147 -2.45 48.27 18.56
CA TRP C 147 -3.17 48.75 17.39
C TRP C 147 -3.09 50.27 17.25
N LEU C 148 -3.32 50.75 16.02
CA LEU C 148 -3.57 52.15 15.73
C LEU C 148 -5.05 52.43 15.83
N SER C 149 -5.38 53.70 16.03
CA SER C 149 -6.76 54.15 16.10
C SER C 149 -7.26 54.42 14.69
N TYR C 150 -8.59 54.45 14.55
CA TYR C 150 -9.12 54.98 13.29
C TYR C 150 -8.44 56.29 12.99
N ARG C 151 -8.37 57.18 13.97
CA ARG C 151 -7.82 58.49 13.70
C ARG C 151 -6.37 58.37 13.32
N GLU C 152 -5.59 57.55 14.01
CA GLU C 152 -4.20 57.34 13.60
C GLU C 152 -4.16 56.69 12.21
N LEU C 153 -4.88 55.59 12.03
CA LEU C 153 -5.06 55.06 10.69
C LEU C 153 -5.40 56.17 9.71
N ALA C 154 -6.35 57.02 10.08
CA ALA C 154 -6.74 58.07 9.15
C ALA C 154 -5.57 59.00 8.81
N ASP C 155 -4.63 59.24 9.73
CA ASP C 155 -3.50 60.09 9.31
C ASP C 155 -2.42 59.31 8.57
N GLN C 156 -2.33 57.99 8.76
CA GLN C 156 -1.26 57.21 8.17
C GLN C 156 -1.68 56.36 6.98
N LEU C 157 -2.88 55.77 7.02
CA LEU C 157 -3.22 54.83 5.97
C LEU C 157 -3.69 55.55 4.70
N VAL C 158 -4.67 56.44 4.82
CA VAL C 158 -5.17 57.19 3.66
C VAL C 158 -4.07 57.90 2.86
N PRO C 159 -3.23 58.76 3.47
CA PRO C 159 -2.13 59.33 2.68
C PRO C 159 -1.28 58.29 1.98
N TYR C 160 -0.89 57.23 2.68
CA TYR C 160 0.00 56.24 2.06
C TYR C 160 -0.68 55.55 0.90
N ALA C 161 -1.96 55.21 1.06
CA ALA C 161 -2.71 54.67 -0.06
C ALA C 161 -2.85 55.72 -1.16
N LYS C 162 -3.32 56.90 -0.82
CA LYS C 162 -3.48 57.94 -1.82
C LYS C 162 -2.19 58.14 -2.62
N TRP C 163 -1.06 58.14 -1.92
CA TRP C 163 0.20 58.38 -2.60
C TRP C 163 0.51 57.24 -3.54
N MET C 164 0.45 56.00 -3.03
CA MET C 164 0.78 54.82 -3.80
C MET C 164 -0.04 54.73 -5.08
N GLY C 165 -1.12 55.48 -5.18
CA GLY C 165 -1.88 55.59 -6.41
C GLY C 165 -3.15 54.79 -6.46
N PHE C 166 -3.61 54.21 -5.35
CA PHE C 166 -4.80 53.38 -5.45
C PHE C 166 -6.04 54.24 -5.65
N THR C 167 -7.12 53.57 -6.00
CA THR C 167 -8.41 54.23 -6.15
C THR C 167 -9.38 53.86 -5.06
N HIS C 168 -9.27 52.64 -4.56
CA HIS C 168 -10.22 52.06 -3.65
C HIS C 168 -9.50 51.50 -2.44
N LEU C 169 -10.06 51.75 -1.27
CA LEU C 169 -9.63 51.10 -0.05
C LEU C 169 -10.61 49.95 0.20
N GLU C 170 -10.09 48.77 0.52
CA GLU C 170 -10.95 47.62 0.77
C GLU C 170 -10.57 47.03 2.12
N LEU C 171 -11.49 47.10 3.07
CA LEU C 171 -11.28 46.68 4.44
C LEU C 171 -11.70 45.23 4.64
N LEU C 172 -10.82 44.47 5.28
CA LEU C 172 -11.26 43.22 5.87
C LEU C 172 -12.36 43.54 6.87
N PRO C 173 -13.29 42.61 7.10
CA PRO C 173 -14.52 42.94 7.84
C PRO C 173 -14.22 43.69 9.13
N ILE C 174 -14.88 44.82 9.30
CA ILE C 174 -14.75 45.63 10.51
C ILE C 174 -15.98 45.55 11.38
N ASN C 175 -16.95 44.68 11.08
CA ASN C 175 -17.99 44.48 12.07
C ASN C 175 -17.37 43.95 13.35
N GLU C 176 -18.18 43.97 14.40
CA GLU C 176 -17.71 43.64 15.73
C GLU C 176 -17.48 42.14 15.81
N HIS C 177 -16.25 41.75 16.09
CA HIS C 177 -15.99 40.34 16.22
C HIS C 177 -15.07 40.13 17.41
N PRO C 178 -15.33 39.11 18.22
CA PRO C 178 -14.57 38.98 19.47
C PRO C 178 -13.13 38.53 19.29
N PHE C 179 -12.83 37.58 18.39
CA PHE C 179 -11.49 37.00 18.33
C PHE C 179 -10.75 37.44 17.07
N ASP C 180 -9.57 38.07 17.26
CA ASP C 180 -8.81 38.58 16.14
C ASP C 180 -8.56 37.52 15.10
N GLY C 181 -8.20 36.34 15.54
CA GLY C 181 -8.00 35.22 14.67
C GLY C 181 -9.04 35.13 13.57
N SER C 182 -10.27 35.61 13.80
CA SER C 182 -11.30 35.50 12.77
C SER C 182 -11.19 36.57 11.68
N TRP C 183 -10.21 37.48 11.77
CA TRP C 183 -10.03 38.58 10.83
C TRP C 183 -11.25 39.45 10.65
N GLY C 184 -12.36 39.04 11.27
CA GLY C 184 -13.63 39.69 11.13
C GLY C 184 -14.67 38.87 10.44
N TYR C 185 -14.32 37.70 9.90
CA TYR C 185 -15.27 36.92 9.14
C TYR C 185 -16.15 36.03 10.01
N GLN C 186 -16.16 36.30 11.33
CA GLN C 186 -16.96 35.56 12.31
C GLN C 186 -17.50 36.59 13.28
N PRO C 187 -18.51 37.35 12.87
CA PRO C 187 -18.86 38.56 13.60
C PRO C 187 -19.75 38.27 14.81
N THR C 188 -19.86 39.29 15.67
CA THR C 188 -20.74 39.29 16.83
C THR C 188 -21.82 40.34 16.76
N GLY C 189 -21.55 41.43 16.04
CA GLY C 189 -22.44 42.55 15.91
C GLY C 189 -22.38 43.21 14.55
N LEU C 190 -23.32 42.83 13.65
CA LEU C 190 -23.31 43.32 12.28
C LEU C 190 -23.33 44.83 12.18
N TYR C 191 -23.97 45.50 13.14
CA TYR C 191 -24.20 46.93 12.98
C TYR C 191 -23.21 47.79 13.76
N ALA C 192 -22.11 47.24 14.23
CA ALA C 192 -21.23 47.97 15.11
C ALA C 192 -19.78 47.86 14.66
N PRO C 193 -19.14 48.94 14.24
CA PRO C 193 -17.72 48.86 13.87
C PRO C 193 -16.86 48.59 15.09
N THR C 194 -15.95 47.61 14.99
CA THR C 194 -15.27 47.12 16.19
C THR C 194 -14.59 48.23 16.98
N ARG C 195 -14.64 48.13 18.31
CA ARG C 195 -14.06 49.15 19.17
C ARG C 195 -12.56 49.01 19.32
N ARG C 196 -11.93 48.02 18.69
CA ARG C 196 -10.49 47.89 18.81
C ARG C 196 -9.80 49.15 18.37
N PHE C 197 -10.44 49.91 17.52
CA PHE C 197 -9.74 51.01 16.89
C PHE C 197 -10.32 52.35 17.26
N GLY C 198 -11.45 52.37 17.94
CA GLY C 198 -12.07 53.59 18.40
C GLY C 198 -13.57 53.42 18.51
N THR C 199 -14.24 54.58 18.61
CA THR C 199 -15.69 54.66 18.67
C THR C 199 -16.26 54.66 17.25
N ARG C 200 -17.58 54.48 17.15
CA ARG C 200 -18.24 54.62 15.87
C ARG C 200 -17.79 55.89 15.14
N ASP C 201 -18.05 57.05 15.73
CA ASP C 201 -17.74 58.31 15.07
C ASP C 201 -16.26 58.43 14.69
N ASP C 202 -15.38 57.66 15.33
CA ASP C 202 -13.99 57.60 14.91
C ASP C 202 -13.86 56.88 13.59
N PHE C 203 -14.59 55.76 13.44
CA PHE C 203 -14.58 55.04 12.18
C PHE C 203 -15.16 55.89 11.08
N ARG C 204 -16.35 56.45 11.31
CA ARG C 204 -16.93 57.45 10.41
C ARG C 204 -15.89 58.50 10.00
N TYR C 205 -15.27 59.16 10.98
CA TYR C 205 -14.26 60.19 10.68
C TYR C 205 -13.21 59.68 9.73
N PHE C 206 -12.73 58.45 9.98
CA PHE C 206 -11.76 57.80 9.10
C PHE C 206 -12.30 57.65 7.68
N ILE C 207 -13.53 57.18 7.53
CA ILE C 207 -14.09 57.06 6.19
C ILE C 207 -13.96 58.40 5.46
N ASP C 208 -14.43 59.47 6.10
CA ASP C 208 -14.35 60.78 5.48
C ASP C 208 -12.93 61.06 5.00
N ALA C 209 -11.93 60.69 5.80
CA ALA C 209 -10.56 60.95 5.36
C ALA C 209 -10.26 60.22 4.05
N ALA C 210 -10.75 58.99 3.90
CA ALA C 210 -10.60 58.29 2.62
C ALA C 210 -11.35 58.99 1.50
N HIS C 211 -12.64 59.27 1.72
CA HIS C 211 -13.41 60.03 0.74
C HIS C 211 -12.83 61.41 0.55
N ALA C 212 -12.23 61.98 1.59
CA ALA C 212 -11.67 63.30 1.40
C ALA C 212 -10.49 63.24 0.47
N ALA C 213 -9.74 62.16 0.52
CA ALA C 213 -8.53 62.04 -0.30
C ALA C 213 -8.83 61.46 -1.69
N GLY C 214 -10.11 61.40 -2.07
CA GLY C 214 -10.43 60.81 -3.36
C GLY C 214 -10.13 59.33 -3.40
N LEU C 215 -10.48 58.64 -2.31
CA LEU C 215 -10.50 57.18 -2.23
C LEU C 215 -11.94 56.71 -2.10
N ASN C 216 -12.28 55.63 -2.79
CA ASN C 216 -13.46 54.88 -2.44
C ASN C 216 -13.11 53.85 -1.36
N VAL C 217 -14.11 53.47 -0.57
CA VAL C 217 -13.92 52.50 0.51
C VAL C 217 -14.79 51.29 0.21
N ILE C 218 -14.14 50.14 0.01
CA ILE C 218 -14.82 48.85 -0.09
C ILE C 218 -14.81 48.24 1.30
N LEU C 219 -15.88 47.55 1.65
CA LEU C 219 -16.05 46.97 2.98
C LEU C 219 -16.38 45.50 2.81
N ASP C 220 -15.61 44.64 3.46
CA ASP C 220 -15.97 43.23 3.47
C ASP C 220 -17.21 43.07 4.34
N TRP C 221 -18.31 42.71 3.70
CA TRP C 221 -19.60 42.60 4.36
C TRP C 221 -19.95 41.14 4.50
N VAL C 222 -20.51 40.75 5.63
CA VAL C 222 -20.43 39.32 5.92
C VAL C 222 -21.77 38.75 6.34
N PRO C 223 -22.69 38.54 5.40
CA PRO C 223 -23.93 37.81 5.67
C PRO C 223 -23.82 36.31 5.43
N GLY C 224 -22.65 35.82 5.02
CA GLY C 224 -22.45 34.39 4.89
C GLY C 224 -22.40 33.69 6.24
N HIS C 225 -21.59 34.21 7.15
CA HIS C 225 -21.24 33.51 8.37
C HIS C 225 -22.16 33.92 9.49
N PHE C 226 -22.90 32.94 10.02
CA PHE C 226 -23.74 33.18 11.17
C PHE C 226 -22.86 33.43 12.40
N PRO C 227 -23.27 34.33 13.29
CA PRO C 227 -22.54 34.45 14.56
C PRO C 227 -22.59 33.13 15.31
N THR C 228 -21.44 32.72 15.84
CA THR C 228 -21.37 31.57 16.74
C THR C 228 -20.81 31.94 18.09
N ASP C 229 -19.63 32.56 18.11
CA ASP C 229 -19.00 33.00 19.35
C ASP C 229 -19.97 33.83 20.17
N ASP C 230 -19.90 33.68 21.49
CA ASP C 230 -20.56 34.56 22.44
C ASP C 230 -22.06 34.34 22.52
N PHE C 231 -22.59 33.34 21.81
CA PHE C 231 -24.05 33.22 21.73
C PHE C 231 -24.67 34.57 21.38
N ALA C 232 -24.07 35.25 20.39
CA ALA C 232 -24.49 36.62 20.12
C ALA C 232 -25.83 36.67 19.44
N LEU C 233 -26.20 35.62 18.73
CA LEU C 233 -27.42 35.64 17.94
C LEU C 233 -28.08 34.29 17.80
N ALA C 234 -27.39 33.20 18.08
CA ALA C 234 -28.04 31.92 18.10
C ALA C 234 -29.23 31.93 19.04
N GLU C 235 -30.30 31.25 18.62
CA GLU C 235 -31.40 30.82 19.49
C GLU C 235 -31.93 31.99 20.30
N PHE C 236 -32.17 33.12 19.60
CA PHE C 236 -32.22 34.42 20.26
C PHE C 236 -33.34 34.52 21.29
N ASP C 237 -34.49 33.90 21.03
CA ASP C 237 -35.60 33.90 21.99
C ASP C 237 -35.93 32.50 22.49
N GLY C 238 -34.96 31.59 22.49
CA GLY C 238 -35.24 30.22 22.80
C GLY C 238 -35.83 29.42 21.66
N THR C 239 -35.94 30.00 20.48
CA THR C 239 -36.31 29.25 19.30
C THR C 239 -35.31 29.62 18.20
N ASN C 240 -35.42 28.93 17.05
CA ASN C 240 -34.55 29.12 15.89
C ASN C 240 -34.93 30.39 15.11
N LEU C 241 -34.83 31.51 15.81
CA LEU C 241 -35.33 32.75 15.24
C LEU C 241 -34.59 33.08 13.96
N TYR C 242 -33.31 33.40 14.09
CA TYR C 242 -32.47 33.88 12.99
C TYR C 242 -31.78 32.76 12.23
N GLU C 243 -31.61 31.62 12.88
CA GLU C 243 -30.87 30.46 12.42
C GLU C 243 -31.83 29.42 11.87
N HIS C 244 -31.28 28.43 11.15
CA HIS C 244 -32.14 27.33 10.71
C HIS C 244 -32.17 26.24 11.76
N SER C 245 -33.17 25.37 11.62
CA SER C 245 -33.38 24.24 12.52
C SER C 245 -32.18 23.30 12.61
N ASP C 246 -31.81 22.67 11.50
CA ASP C 246 -30.66 21.76 11.45
C ASP C 246 -29.72 22.09 10.27
N TRP C 255 -24.77 23.14 16.17
CA TRP C 255 -23.86 23.74 17.16
C TRP C 255 -23.09 24.95 16.59
N ASN C 256 -22.07 24.66 15.79
CA ASN C 256 -21.38 25.66 14.97
C ASN C 256 -21.83 25.60 13.51
N THR C 257 -22.67 24.61 13.18
CA THR C 257 -23.16 24.35 11.82
C THR C 257 -24.46 25.13 11.58
N LEU C 258 -24.33 26.46 11.60
CA LEU C 258 -25.47 27.37 11.61
C LEU C 258 -25.45 28.30 10.41
N ILE C 259 -26.64 28.55 9.84
CA ILE C 259 -26.80 29.44 8.71
C ILE C 259 -28.01 30.33 8.95
N TYR C 260 -27.96 31.54 8.40
CA TYR C 260 -29.13 32.38 8.48
C TYR C 260 -30.30 31.74 7.76
N ASN C 261 -31.47 31.80 8.40
CA ASN C 261 -32.75 31.52 7.74
C ASN C 261 -33.11 32.64 6.77
N TYR C 262 -32.46 32.68 5.60
CA TYR C 262 -32.74 33.79 4.69
C TYR C 262 -34.22 33.88 4.31
N GLY C 263 -34.98 32.80 4.49
CA GLY C 263 -36.33 32.80 3.97
C GLY C 263 -37.26 33.70 4.74
N ARG C 264 -36.99 33.89 6.04
CA ARG C 264 -37.90 34.59 6.93
C ARG C 264 -37.69 36.10 6.85
N ARG C 265 -38.78 36.85 6.67
CA ARG C 265 -38.68 38.29 6.43
C ARG C 265 -37.61 38.96 7.29
N GLU C 266 -37.77 38.92 8.62
CA GLU C 266 -37.01 39.81 9.51
C GLU C 266 -35.50 39.56 9.47
N VAL C 267 -35.05 38.31 9.17
CA VAL C 267 -33.63 38.06 8.91
C VAL C 267 -33.21 38.75 7.63
N SER C 268 -33.93 38.52 6.54
CA SER C 268 -33.61 39.26 5.33
C SER C 268 -33.59 40.77 5.59
N ASN C 269 -34.70 41.33 6.08
CA ASN C 269 -34.69 42.77 6.36
C ASN C 269 -33.47 43.13 7.18
N PHE C 270 -33.14 42.31 8.18
CA PHE C 270 -31.96 42.53 9.01
C PHE C 270 -30.69 42.62 8.19
N LEU C 271 -30.44 41.59 7.40
CA LEU C 271 -29.21 41.52 6.63
C LEU C 271 -29.18 42.62 5.59
N VAL C 272 -30.22 42.71 4.76
CA VAL C 272 -30.18 43.69 3.67
C VAL C 272 -30.24 45.10 4.24
N GLY C 273 -31.03 45.31 5.29
CA GLY C 273 -30.85 46.52 6.05
C GLY C 273 -29.39 46.76 6.37
N ASN C 274 -28.71 45.73 6.87
CA ASN C 274 -27.34 45.97 7.30
C ASN C 274 -26.51 46.58 6.19
N ALA C 275 -26.77 46.16 4.95
CA ALA C 275 -25.95 46.68 3.85
C ALA C 275 -26.28 48.13 3.58
N LEU C 276 -27.56 48.48 3.55
CA LEU C 276 -27.90 49.88 3.34
C LEU C 276 -27.35 50.74 4.45
N TYR C 277 -27.45 50.28 5.69
CA TYR C 277 -26.86 50.95 6.84
C TYR C 277 -25.43 51.42 6.57
N TRP C 278 -24.56 50.52 6.07
CA TRP C 278 -23.17 50.92 5.83
C TRP C 278 -23.11 51.96 4.72
N ILE C 279 -23.82 51.74 3.63
CA ILE C 279 -23.69 52.65 2.51
C ILE C 279 -24.29 54.00 2.86
N GLU C 280 -25.55 54.00 3.32
CA GLU C 280 -26.22 55.26 3.61
C GLU C 280 -25.65 55.97 4.84
N ARG C 281 -25.36 55.24 5.91
CA ARG C 281 -25.04 55.92 7.15
C ARG C 281 -23.56 56.06 7.41
N PHE C 282 -22.70 55.28 6.76
CA PHE C 282 -21.26 55.47 6.91
C PHE C 282 -20.58 55.94 5.65
N GLY C 283 -21.27 56.01 4.52
CA GLY C 283 -20.62 56.41 3.28
C GLY C 283 -19.90 55.32 2.54
N ILE C 284 -20.19 54.05 2.81
CA ILE C 284 -19.40 53.03 2.18
C ILE C 284 -19.83 52.97 0.73
N ASP C 285 -18.85 52.76 -0.15
CA ASP C 285 -19.04 52.85 -1.59
C ASP C 285 -19.28 51.52 -2.26
N ALA C 286 -18.70 50.44 -1.74
CA ALA C 286 -18.90 49.15 -2.38
C ALA C 286 -18.81 48.07 -1.31
N LEU C 287 -19.51 46.97 -1.51
CA LEU C 287 -19.45 45.88 -0.56
C LEU C 287 -19.00 44.63 -1.28
N ARG C 288 -18.05 43.91 -0.69
CA ARG C 288 -17.71 42.59 -1.17
C ARG C 288 -18.19 41.55 -0.19
N VAL C 289 -18.67 40.43 -0.70
CA VAL C 289 -19.00 39.29 0.15
C VAL C 289 -18.07 38.17 -0.26
N ASP C 290 -17.33 37.63 0.71
CA ASP C 290 -16.38 36.56 0.48
C ASP C 290 -17.05 35.21 0.73
N ALA C 291 -16.41 34.18 0.20
CA ALA C 291 -16.79 32.81 0.49
C ALA C 291 -18.23 32.54 0.07
N VAL C 292 -18.61 33.02 -1.12
CA VAL C 292 -20.00 32.84 -1.54
C VAL C 292 -20.36 31.35 -1.61
N ALA C 293 -19.41 30.48 -1.98
CA ALA C 293 -19.78 29.07 -2.13
C ALA C 293 -20.26 28.53 -0.79
N SER C 294 -19.88 29.19 0.29
CA SER C 294 -20.32 28.76 1.61
C SER C 294 -21.81 29.01 1.80
N MET C 295 -22.29 30.16 1.34
CA MET C 295 -23.66 30.60 1.58
C MET C 295 -24.63 29.84 0.71
N ILE C 296 -24.24 29.58 -0.53
CA ILE C 296 -25.18 29.20 -1.56
C ILE C 296 -25.13 27.73 -1.90
N TYR C 297 -24.29 26.95 -1.22
CA TYR C 297 -24.35 25.51 -1.31
C TYR C 297 -24.58 24.95 0.08
N ARG C 298 -25.04 23.72 0.16
CA ARG C 298 -25.12 23.07 1.45
C ARG C 298 -24.56 21.66 1.32
N ASP C 299 -24.01 21.15 2.41
CA ASP C 299 -23.26 19.89 2.35
C ASP C 299 -24.13 18.71 1.98
N TYR C 300 -25.41 18.73 2.35
CA TYR C 300 -26.26 17.56 2.22
C TYR C 300 -27.30 17.76 1.12
N SER C 301 -27.39 16.77 0.23
CA SER C 301 -28.33 16.86 -0.89
C SER C 301 -29.78 16.68 -0.44
N ARG C 302 -30.61 17.68 -0.71
CA ARG C 302 -32.00 17.66 -0.27
C ARG C 302 -32.83 18.01 -1.49
N LYS C 303 -33.84 17.20 -1.77
CA LYS C 303 -34.67 17.39 -2.96
C LYS C 303 -36.00 18.02 -2.54
N GLU C 304 -36.08 19.35 -2.62
CA GLU C 304 -37.30 20.00 -2.16
C GLU C 304 -38.42 19.88 -3.19
N GLY C 305 -38.12 20.09 -4.47
CA GLY C 305 -39.15 20.08 -5.49
C GLY C 305 -38.73 19.29 -6.71
N GLU C 306 -39.73 18.84 -7.46
CA GLU C 306 -39.55 18.05 -8.69
C GLU C 306 -39.23 18.92 -9.90
N TRP C 307 -39.22 20.24 -9.72
CA TRP C 307 -39.04 21.21 -10.77
C TRP C 307 -37.69 21.88 -10.73
N ILE C 308 -36.85 21.55 -9.76
CA ILE C 308 -35.61 22.27 -9.50
C ILE C 308 -34.44 21.44 -10.01
N PRO C 309 -33.55 22.02 -10.83
CA PRO C 309 -32.51 21.24 -11.53
C PRO C 309 -31.48 20.57 -10.63
N ASN C 310 -31.37 19.24 -10.75
CA ASN C 310 -30.46 18.39 -9.97
C ASN C 310 -29.01 18.40 -10.46
N GLU C 311 -28.64 19.35 -11.32
CA GLU C 311 -27.26 19.53 -11.78
C GLU C 311 -26.30 19.96 -10.67
N PHE C 312 -26.80 20.30 -9.48
CA PHE C 312 -25.96 20.60 -8.31
C PHE C 312 -26.05 19.52 -7.25
N GLY C 313 -26.56 18.35 -7.61
CA GLY C 313 -26.76 17.31 -6.64
C GLY C 313 -27.73 17.66 -5.56
N GLY C 314 -28.47 18.76 -5.71
CA GLY C 314 -29.44 19.14 -4.71
C GLY C 314 -28.83 19.81 -3.53
N ARG C 315 -27.55 20.14 -3.60
CA ARG C 315 -26.83 20.79 -2.52
C ARG C 315 -26.86 22.30 -2.63
N GLU C 316 -27.35 22.85 -3.75
CA GLU C 316 -27.51 24.31 -3.84
C GLU C 316 -28.60 24.77 -2.88
N ASN C 317 -28.45 25.98 -2.35
CA ASN C 317 -29.33 26.51 -1.32
C ASN C 317 -30.08 27.72 -1.91
N LEU C 318 -31.37 27.52 -2.24
CA LEU C 318 -32.09 28.49 -3.05
C LEU C 318 -32.39 29.76 -2.27
N GLU C 319 -32.88 29.62 -1.04
CA GLU C 319 -33.16 30.82 -0.30
C GLU C 319 -31.89 31.62 -0.06
N ALA C 320 -30.71 30.98 -0.08
CA ALA C 320 -29.48 31.75 0.00
C ALA C 320 -29.19 32.45 -1.33
N ILE C 321 -29.51 31.80 -2.45
CA ILE C 321 -29.27 32.41 -3.74
C ILE C 321 -30.26 33.51 -3.99
N GLU C 322 -31.53 33.30 -3.61
CA GLU C 322 -32.49 34.40 -3.71
C GLU C 322 -32.06 35.58 -2.84
N PHE C 323 -31.68 35.33 -1.60
CA PHE C 323 -31.17 36.45 -0.80
C PHE C 323 -30.17 37.30 -1.58
N LEU C 324 -29.10 36.68 -2.11
CA LEU C 324 -28.10 37.48 -2.80
C LEU C 324 -28.70 38.26 -3.96
N ARG C 325 -29.58 37.63 -4.74
CA ARG C 325 -30.20 38.31 -5.86
C ARG C 325 -31.04 39.49 -5.40
N ASN C 326 -31.94 39.25 -4.43
CA ASN C 326 -32.77 40.32 -3.90
C ASN C 326 -31.92 41.51 -3.43
N THR C 327 -30.93 41.27 -2.57
CA THR C 327 -30.21 42.42 -2.02
C THR C 327 -29.42 43.11 -3.12
N ASN C 328 -28.92 42.35 -4.08
CA ASN C 328 -28.24 43.01 -5.17
C ASN C 328 -29.20 43.91 -5.94
N ARG C 329 -30.48 43.51 -6.08
CA ARG C 329 -31.51 44.35 -6.71
C ARG C 329 -31.90 45.53 -5.83
N ILE C 330 -32.21 45.25 -4.56
CA ILE C 330 -32.58 46.30 -3.63
C ILE C 330 -31.47 47.33 -3.50
N LEU C 331 -30.21 46.90 -3.52
CA LEU C 331 -29.11 47.84 -3.57
C LEU C 331 -29.16 48.68 -4.83
N GLY C 332 -29.42 48.03 -5.97
CA GLY C 332 -29.40 48.74 -7.23
C GLY C 332 -30.46 49.80 -7.32
N GLU C 333 -31.61 49.59 -6.65
CA GLU C 333 -32.68 50.57 -6.65
C GLU C 333 -32.42 51.69 -5.61
N GLN C 334 -32.21 51.32 -4.34
CA GLN C 334 -32.06 52.32 -3.27
C GLN C 334 -30.79 53.13 -3.41
N VAL C 335 -29.67 52.51 -3.79
CA VAL C 335 -28.42 53.22 -3.65
C VAL C 335 -27.61 53.13 -4.93
N SER C 336 -28.27 53.39 -6.07
CA SER C 336 -27.57 53.49 -7.34
C SER C 336 -26.18 54.06 -7.13
N GLY C 337 -25.21 53.52 -7.86
CA GLY C 337 -23.87 54.02 -7.79
C GLY C 337 -22.94 53.32 -6.82
N ALA C 338 -23.48 52.54 -5.88
CA ALA C 338 -22.68 51.71 -4.99
C ALA C 338 -22.71 50.26 -5.46
N VAL C 339 -21.54 49.66 -5.67
CA VAL C 339 -21.49 48.36 -6.34
C VAL C 339 -21.15 47.27 -5.33
N THR C 340 -21.39 46.03 -5.73
CA THR C 340 -21.08 44.89 -4.87
C THR C 340 -20.22 43.87 -5.61
N MET C 341 -19.18 43.38 -4.93
CA MET C 341 -18.29 42.39 -5.51
C MET C 341 -18.39 41.09 -4.74
N ALA C 342 -17.90 40.01 -5.33
CA ALA C 342 -18.06 38.72 -4.68
C ALA C 342 -16.92 37.80 -5.05
N GLU C 343 -16.62 36.86 -4.15
CA GLU C 343 -15.68 35.80 -4.40
C GLU C 343 -16.42 34.49 -4.29
N GLU C 344 -16.29 33.65 -5.30
CA GLU C 344 -17.00 32.38 -5.36
C GLU C 344 -16.03 31.38 -5.95
N SER C 345 -15.85 30.25 -5.24
CA SER C 345 -14.75 29.30 -5.38
C SER C 345 -15.08 28.13 -6.31
N THR C 346 -16.32 27.63 -6.34
CA THR C 346 -16.66 26.77 -7.46
C THR C 346 -16.78 27.60 -8.75
N ASP C 347 -17.46 27.07 -9.76
CA ASP C 347 -17.72 27.87 -10.94
C ASP C 347 -19.23 27.95 -11.03
N PHE C 348 -19.73 28.95 -10.52
CA PHE C 348 -21.17 29.12 -10.52
C PHE C 348 -21.51 30.16 -11.55
N PRO C 349 -22.61 29.91 -12.26
CA PRO C 349 -22.89 30.69 -13.47
C PRO C 349 -23.21 32.14 -13.12
N GLY C 350 -22.46 33.04 -13.73
CA GLY C 350 -22.86 34.41 -13.75
C GLY C 350 -23.16 34.95 -12.39
N VAL C 351 -22.16 34.87 -11.52
CA VAL C 351 -22.22 35.60 -10.26
C VAL C 351 -22.18 37.11 -10.52
N SER C 352 -21.49 37.55 -11.57
CA SER C 352 -21.52 38.95 -11.94
C SER C 352 -22.51 39.26 -13.05
N ARG C 353 -23.32 38.30 -13.48
CA ARG C 353 -24.35 38.64 -14.45
C ARG C 353 -25.62 39.10 -13.74
N PRO C 354 -26.44 39.90 -14.40
CA PRO C 354 -27.64 40.44 -13.77
C PRO C 354 -28.73 39.40 -13.51
N GLN C 355 -29.53 39.66 -12.46
CA GLN C 355 -30.58 38.72 -12.05
C GLN C 355 -31.57 38.47 -13.16
N ASP C 356 -31.67 39.39 -14.13
CA ASP C 356 -32.62 39.31 -15.24
C ASP C 356 -32.36 38.16 -16.18
N MET C 357 -31.10 37.79 -16.42
CA MET C 357 -30.83 36.61 -17.20
C MET C 357 -30.33 35.48 -16.34
N GLY C 358 -30.38 35.62 -15.02
CA GLY C 358 -30.24 34.48 -14.13
C GLY C 358 -29.09 34.47 -13.15
N GLY C 359 -28.28 35.51 -13.09
CA GLY C 359 -27.10 35.42 -12.25
C GLY C 359 -27.27 36.18 -10.96
N LEU C 360 -26.48 35.83 -9.95
CA LEU C 360 -26.65 36.46 -8.64
C LEU C 360 -26.71 38.00 -8.71
N GLY C 361 -26.15 38.63 -9.73
CA GLY C 361 -26.31 40.06 -9.87
C GLY C 361 -25.27 40.90 -9.21
N PHE C 362 -24.08 40.34 -8.94
CA PHE C 362 -22.97 41.13 -8.44
C PHE C 362 -22.41 42.00 -9.57
N TRP C 363 -21.66 43.04 -9.21
CA TRP C 363 -20.98 43.86 -10.21
C TRP C 363 -19.65 43.23 -10.66
N TYR C 364 -18.79 42.83 -9.73
CA TYR C 364 -17.47 42.31 -10.06
C TYR C 364 -17.20 41.00 -9.32
N LYS C 365 -16.57 40.05 -10.01
CA LYS C 365 -16.20 38.74 -9.46
C LYS C 365 -14.68 38.61 -9.36
N TRP C 366 -14.19 38.14 -8.21
CA TRP C 366 -12.76 37.90 -8.10
C TRP C 366 -12.37 36.80 -9.06
N ASN C 367 -11.36 37.05 -9.87
CA ASN C 367 -10.91 36.03 -10.82
C ASN C 367 -10.00 35.05 -10.09
N LEU C 368 -10.59 34.09 -9.40
CA LEU C 368 -9.73 33.18 -8.66
C LEU C 368 -8.94 32.30 -9.61
N GLY C 369 -9.50 32.00 -10.77
CA GLY C 369 -8.83 31.10 -11.69
C GLY C 369 -7.61 31.72 -12.31
N TRP C 370 -7.67 33.01 -12.63
CA TRP C 370 -6.46 33.72 -13.08
C TRP C 370 -5.35 33.60 -12.04
N MET C 371 -5.61 34.06 -10.82
CA MET C 371 -4.60 34.01 -9.78
C MET C 371 -4.03 32.61 -9.63
N HIS C 372 -4.87 31.56 -9.68
CA HIS C 372 -4.32 30.20 -9.60
C HIS C 372 -3.37 29.95 -10.75
N ASP C 373 -3.77 30.36 -11.96
CA ASP C 373 -3.06 30.00 -13.18
C ASP C 373 -1.78 30.81 -13.37
N THR C 374 -1.83 32.13 -13.13
CA THR C 374 -0.62 32.94 -13.29
C THR C 374 0.44 32.53 -12.29
N LEU C 375 0.06 32.44 -11.00
CA LEU C 375 1.03 32.12 -9.95
C LEU C 375 1.62 30.73 -10.14
N ASP C 376 0.83 29.77 -10.63
CA ASP C 376 1.45 28.48 -10.95
C ASP C 376 2.54 28.67 -12.00
N TYR C 377 2.26 29.46 -13.03
CA TYR C 377 3.26 29.85 -14.04
C TYR C 377 4.48 30.41 -13.38
N MET C 378 4.28 31.50 -12.64
CA MET C 378 5.39 32.14 -11.94
C MET C 378 6.11 31.16 -11.03
N LYS C 379 5.37 30.39 -10.21
CA LYS C 379 6.01 29.40 -9.37
C LYS C 379 7.04 28.61 -10.16
N LEU C 380 6.68 28.20 -11.37
CA LEU C 380 7.55 27.38 -12.20
C LEU C 380 8.90 28.05 -12.44
N ASP C 381 9.95 27.24 -12.47
CA ASP C 381 11.25 27.74 -12.88
C ASP C 381 11.23 28.10 -14.36
N PRO C 382 11.93 29.17 -14.78
CA PRO C 382 11.85 29.58 -16.19
C PRO C 382 12.06 28.45 -17.19
N VAL C 383 12.99 27.53 -16.95
CA VAL C 383 13.30 26.49 -17.96
C VAL C 383 12.07 25.67 -18.36
N TYR C 384 10.98 25.68 -17.58
CA TYR C 384 9.80 24.93 -17.94
C TYR C 384 8.59 25.80 -18.30
N ARG C 385 8.62 27.11 -18.01
CA ARG C 385 7.60 28.04 -18.49
C ARG C 385 7.29 27.88 -19.98
N GLN C 386 8.18 27.20 -20.70
CA GLN C 386 7.94 26.95 -22.11
C GLN C 386 6.76 26.01 -22.33
N TYR C 387 6.47 25.15 -21.36
CA TYR C 387 5.54 24.05 -21.50
C TYR C 387 4.19 24.33 -20.86
N HIS C 388 4.04 25.50 -20.24
CA HIS C 388 2.80 25.90 -19.61
C HIS C 388 2.38 27.26 -20.10
N HIS C 389 2.46 27.47 -21.42
CA HIS C 389 2.12 28.76 -21.99
C HIS C 389 0.64 29.03 -21.89
N ASP C 390 -0.19 27.98 -21.97
CA ASP C 390 -1.61 28.19 -21.88
C ASP C 390 -2.02 28.79 -20.54
N LYS C 391 -1.18 28.73 -19.52
CA LYS C 391 -1.57 29.36 -18.26
C LYS C 391 -1.70 30.86 -18.42
N LEU C 392 -0.80 31.48 -19.19
CA LEU C 392 -0.88 32.92 -19.37
C LEU C 392 -1.92 33.29 -20.42
N THR C 393 -1.97 32.53 -21.51
CA THR C 393 -2.79 32.95 -22.63
C THR C 393 -4.26 32.78 -22.33
N PHE C 394 -4.62 31.76 -21.53
CA PHE C 394 -5.99 31.31 -21.44
C PHE C 394 -6.91 32.29 -20.75
N GLY C 395 -6.37 33.21 -19.96
CA GLY C 395 -7.22 34.24 -19.40
C GLY C 395 -8.15 34.85 -20.43
N ILE C 396 -7.67 35.01 -21.66
CA ILE C 396 -8.53 35.76 -22.55
C ILE C 396 -9.74 34.95 -22.93
N LEU C 397 -9.68 33.62 -22.88
CA LEU C 397 -10.84 32.84 -23.32
C LEU C 397 -12.03 32.96 -22.37
N TYR C 398 -11.80 33.03 -21.04
CA TYR C 398 -12.95 33.18 -20.14
C TYR C 398 -13.22 34.62 -19.71
N ASN C 399 -12.24 35.49 -19.79
CA ASN C 399 -12.32 36.85 -19.25
C ASN C 399 -13.67 37.51 -19.48
N TYR C 400 -14.36 37.19 -20.58
CA TYR C 400 -15.59 37.86 -20.98
C TYR C 400 -16.83 37.14 -20.47
N THR C 401 -16.65 36.17 -19.59
CA THR C 401 -17.76 35.48 -18.95
C THR C 401 -18.22 36.18 -17.67
N GLU C 402 -17.32 36.89 -17.01
CA GLU C 402 -17.65 37.67 -15.82
C GLU C 402 -16.91 39.00 -15.87
N ASN C 403 -17.35 39.95 -15.06
CA ASN C 403 -16.57 41.18 -14.89
C ASN C 403 -15.62 40.92 -13.71
N PHE C 404 -14.31 40.84 -14.02
CA PHE C 404 -13.30 40.23 -13.15
C PHE C 404 -12.43 41.25 -12.43
N VAL C 405 -12.01 40.90 -11.21
CA VAL C 405 -10.94 41.60 -10.52
C VAL C 405 -9.75 40.66 -10.36
N LEU C 406 -8.57 41.19 -10.59
CA LEU C 406 -7.36 40.39 -10.48
C LEU C 406 -6.85 40.51 -9.05
N PRO C 407 -6.98 39.46 -8.22
CA PRO C 407 -6.81 39.62 -6.76
C PRO C 407 -5.69 38.82 -6.14
N LEU C 408 -4.60 39.48 -5.79
CA LEU C 408 -3.59 38.90 -4.91
C LEU C 408 -3.96 39.30 -3.48
N SER C 409 -4.63 38.37 -2.78
CA SER C 409 -5.46 38.67 -1.63
C SER C 409 -4.82 38.14 -0.36
N HIS C 410 -5.33 38.61 0.80
CA HIS C 410 -4.94 38.01 2.09
C HIS C 410 -4.99 36.48 2.06
N ASP C 411 -6.00 35.90 1.41
CA ASP C 411 -6.15 34.43 1.41
C ASP C 411 -4.91 33.72 0.86
N GLU C 412 -4.04 34.41 0.11
CA GLU C 412 -2.96 33.75 -0.62
C GLU C 412 -1.60 33.90 0.02
N VAL C 413 -1.53 34.56 1.17
CA VAL C 413 -0.27 34.86 1.79
C VAL C 413 -0.33 34.38 3.24
N VAL C 414 -0.97 33.23 3.46
CA VAL C 414 -1.25 32.72 4.81
C VAL C 414 -1.29 31.20 4.78
N HIS C 415 -1.36 30.64 6.00
CA HIS C 415 -1.60 29.22 6.21
C HIS C 415 -0.67 28.36 5.37
N GLY C 416 0.57 28.79 5.25
CA GLY C 416 1.51 27.97 4.53
C GLY C 416 1.55 28.22 3.06
N LYS C 417 0.79 29.19 2.55
CA LYS C 417 0.84 29.45 1.12
C LYS C 417 2.06 30.27 0.76
N LYS C 418 2.74 30.87 1.75
CA LYS C 418 3.95 31.68 1.57
C LYS C 418 3.67 33.01 0.92
N SER C 419 4.55 33.97 1.12
CA SER C 419 4.34 35.28 0.53
C SER C 419 4.34 35.17 -1.00
N ILE C 420 3.81 36.19 -1.66
CA ILE C 420 3.93 36.22 -3.11
C ILE C 420 5.40 36.09 -3.51
N LEU C 421 6.24 36.97 -2.96
CA LEU C 421 7.66 36.93 -3.33
C LEU C 421 8.29 35.56 -3.13
N ASP C 422 8.00 34.90 -2.01
CA ASP C 422 8.64 33.60 -1.78
C ASP C 422 8.20 32.52 -2.76
N ARG C 423 7.27 32.80 -3.66
CA ARG C 423 6.87 31.85 -4.69
C ARG C 423 7.81 31.86 -5.85
N MET C 424 8.66 32.90 -5.95
CA MET C 424 9.48 33.19 -7.12
C MET C 424 10.79 32.40 -7.11
N PRO C 425 11.19 31.85 -8.25
CA PRO C 425 12.41 31.04 -8.30
C PRO C 425 13.68 31.83 -8.59
N GLY C 426 14.80 31.25 -8.17
CA GLY C 426 16.10 31.71 -8.62
C GLY C 426 16.82 32.55 -7.58
N ASP C 427 17.94 33.11 -8.03
CA ASP C 427 18.74 33.99 -7.18
C ASP C 427 17.97 35.26 -6.89
N ALA C 428 18.39 35.95 -5.83
CA ALA C 428 17.62 37.08 -5.32
C ALA C 428 17.25 38.03 -6.43
N TRP C 429 18.25 38.45 -7.22
CA TRP C 429 17.95 39.35 -8.33
C TRP C 429 16.84 38.76 -9.20
N GLN C 430 16.85 37.43 -9.37
CA GLN C 430 15.87 36.84 -10.26
C GLN C 430 14.49 36.84 -9.61
N LYS C 431 14.40 36.47 -8.33
CA LYS C 431 13.09 36.43 -7.67
C LYS C 431 12.34 37.76 -7.78
N PHE C 432 13.03 38.89 -7.64
CA PHE C 432 12.31 40.16 -7.71
C PHE C 432 11.94 40.50 -9.15
N ALA C 433 12.81 40.19 -10.11
CA ALA C 433 12.43 40.44 -11.49
C ALA C 433 11.08 39.82 -11.80
N ASN C 434 10.93 38.52 -11.48
CA ASN C 434 9.70 37.78 -11.73
C ASN C 434 8.51 38.47 -11.10
N LEU C 435 8.69 38.94 -9.86
CA LEU C 435 7.66 39.72 -9.19
C LEU C 435 7.33 40.96 -10.01
N ARG C 436 8.36 41.78 -10.33
CA ARG C 436 8.19 42.99 -11.13
C ARG C 436 7.57 42.67 -12.49
N ALA C 437 8.14 41.71 -13.22
CA ALA C 437 7.48 41.24 -14.44
C ALA C 437 6.02 40.92 -14.19
N TYR C 438 5.78 39.95 -13.30
CA TYR C 438 4.42 39.55 -12.95
C TYR C 438 3.51 40.74 -12.74
N TYR C 439 3.97 41.72 -11.94
CA TYR C 439 3.10 42.85 -11.60
C TYR C 439 2.75 43.69 -12.82
N GLY C 440 3.72 43.89 -13.73
CA GLY C 440 3.44 44.60 -14.96
C GLY C 440 2.44 43.87 -15.84
N TRP C 441 2.50 42.55 -15.84
CA TRP C 441 1.52 41.73 -16.54
C TRP C 441 0.14 41.83 -15.90
N MET C 442 0.08 41.97 -14.57
CA MET C 442 -1.22 42.03 -13.93
C MET C 442 -1.92 43.35 -14.20
N TRP C 443 -1.21 44.48 -14.03
CA TRP C 443 -1.82 45.79 -14.30
C TRP C 443 -2.17 45.98 -15.77
N ALA C 444 -1.51 45.23 -16.67
CA ALA C 444 -1.82 45.29 -18.09
C ALA C 444 -3.04 44.46 -18.45
N PHE C 445 -3.19 43.27 -17.87
CA PHE C 445 -4.20 42.30 -18.27
C PHE C 445 -5.63 42.79 -17.98
N PRO C 446 -6.60 42.44 -18.83
CA PRO C 446 -7.96 42.96 -18.61
C PRO C 446 -8.51 42.58 -17.25
N GLY C 447 -9.15 43.52 -16.59
CA GLY C 447 -9.79 43.24 -15.33
C GLY C 447 -9.26 44.21 -14.32
N LYS C 448 -10.11 44.66 -13.40
CA LYS C 448 -9.61 45.57 -12.38
C LYS C 448 -8.59 44.86 -11.49
N LYS C 449 -7.90 45.64 -10.67
CA LYS C 449 -6.73 45.21 -9.93
C LYS C 449 -6.98 45.24 -8.43
N LEU C 450 -6.50 44.22 -7.71
CA LEU C 450 -6.56 44.22 -6.24
C LEU C 450 -5.34 43.53 -5.67
N LEU C 451 -4.64 44.23 -4.76
CA LEU C 451 -3.34 43.82 -4.22
C LEU C 451 -3.33 43.99 -2.71
N PHE C 452 -2.82 42.99 -1.99
CA PHE C 452 -2.94 42.96 -0.54
C PHE C 452 -1.78 43.71 0.14
N MET C 453 -2.06 44.32 1.29
CA MET C 453 -1.05 45.07 2.04
C MET C 453 0.24 44.24 2.23
N GLY C 454 1.39 44.92 2.14
CA GLY C 454 2.66 44.24 2.22
C GLY C 454 3.14 43.63 0.91
N ASN C 455 2.22 43.14 0.08
CA ASN C 455 2.57 42.71 -1.27
C ASN C 455 3.19 43.84 -2.10
N GLU C 456 2.92 45.10 -1.75
CA GLU C 456 3.43 46.17 -2.59
C GLU C 456 4.90 46.47 -2.31
N PHE C 457 5.45 46.09 -1.17
CA PHE C 457 6.89 46.23 -0.99
C PHE C 457 7.57 44.88 -0.91
N ALA C 458 6.98 43.89 -1.58
CA ALA C 458 7.52 42.53 -1.61
C ALA C 458 7.93 42.05 -0.21
N GLN C 459 7.01 42.15 0.74
CA GLN C 459 7.24 41.54 2.04
C GLN C 459 7.66 40.09 1.87
N GLY C 460 8.37 39.58 2.85
CA GLY C 460 8.94 38.26 2.74
C GLY C 460 8.13 37.19 3.44
N ARG C 461 7.62 37.50 4.62
CA ARG C 461 6.94 36.46 5.37
C ARG C 461 5.43 36.60 5.31
N GLU C 462 4.76 35.46 5.52
CA GLU C 462 3.32 35.40 5.47
C GLU C 462 2.66 36.40 6.41
N TRP C 463 1.51 36.91 5.98
CA TRP C 463 0.82 37.96 6.70
C TRP C 463 0.44 37.49 8.10
N ASN C 464 0.88 38.23 9.10
CA ASN C 464 0.55 37.93 10.47
C ASN C 464 -0.38 39.01 10.98
N HIS C 465 -1.58 38.62 11.42
CA HIS C 465 -2.58 39.58 11.85
C HIS C 465 -2.32 40.11 13.23
N ASP C 466 -1.33 39.57 13.92
CA ASP C 466 -1.03 39.93 15.30
C ASP C 466 0.09 40.96 15.41
N ALA C 467 0.43 41.66 14.32
CA ALA C 467 1.64 42.49 14.32
C ALA C 467 1.51 43.58 13.28
N SER C 468 2.64 44.22 12.98
CA SER C 468 2.78 45.17 11.88
C SER C 468 3.33 44.43 10.67
N LEU C 469 2.94 44.90 9.49
CA LEU C 469 3.64 44.50 8.27
C LEU C 469 5.12 44.80 8.42
N ASP C 470 5.95 44.22 7.54
CA ASP C 470 7.40 44.30 7.69
C ASP C 470 7.96 45.62 7.16
N TRP C 471 7.59 46.72 7.82
CA TRP C 471 8.03 48.01 7.29
C TRP C 471 9.51 48.24 7.48
N HIS C 472 10.17 47.51 8.39
CA HIS C 472 11.61 47.63 8.55
C HIS C 472 12.39 47.20 7.30
N LEU C 473 11.76 46.50 6.35
CA LEU C 473 12.45 46.20 5.10
C LEU C 473 12.64 47.44 4.23
N LEU C 474 11.87 48.48 4.46
CA LEU C 474 12.05 49.76 3.79
C LEU C 474 12.95 50.70 4.56
N GLU C 475 13.40 50.31 5.76
CA GLU C 475 14.37 51.10 6.51
C GLU C 475 15.74 51.03 5.87
N GLY C 476 16.38 52.17 5.69
CA GLY C 476 17.72 52.21 5.18
C GLY C 476 17.81 52.66 3.73
N GLY C 477 18.94 52.31 3.12
CA GLY C 477 19.23 52.76 1.79
C GLY C 477 18.46 51.98 0.75
N ASP C 478 18.25 52.63 -0.39
CA ASP C 478 17.43 52.06 -1.44
C ASP C 478 17.78 50.59 -1.64
N ASN C 479 16.76 49.75 -1.61
CA ASN C 479 16.93 48.34 -1.81
C ASN C 479 15.80 47.86 -2.70
N TRP C 480 15.87 46.57 -3.04
CA TRP C 480 14.83 45.87 -3.78
C TRP C 480 13.42 46.32 -3.43
N HIS C 481 13.12 46.29 -2.14
CA HIS C 481 11.77 46.52 -1.71
C HIS C 481 11.27 47.91 -2.12
N HIS C 482 12.13 48.92 -2.05
CA HIS C 482 11.67 50.21 -2.58
C HIS C 482 11.37 50.09 -4.05
N GLY C 483 12.04 49.18 -4.76
CA GLY C 483 11.83 49.08 -6.20
C GLY C 483 10.46 48.54 -6.54
N VAL C 484 10.09 47.43 -5.90
CA VAL C 484 8.70 46.99 -5.94
C VAL C 484 7.78 48.13 -5.56
N GLN C 485 7.92 48.64 -4.33
CA GLN C 485 7.04 49.71 -3.88
C GLN C 485 6.95 50.83 -4.91
N ARG C 486 8.09 51.23 -5.48
CA ARG C 486 8.13 52.29 -6.49
C ARG C 486 7.49 51.83 -7.79
N LEU C 487 7.87 50.65 -8.29
CA LEU C 487 7.23 50.09 -9.48
C LEU C 487 5.72 49.97 -9.34
N VAL C 488 5.25 49.33 -8.28
CA VAL C 488 3.79 49.19 -8.21
C VAL C 488 3.15 50.56 -8.17
N ARG C 489 3.82 51.55 -7.59
CA ARG C 489 3.21 52.87 -7.51
C ARG C 489 3.15 53.53 -8.88
N ASP C 490 4.11 53.24 -9.77
CA ASP C 490 4.04 53.75 -11.13
C ASP C 490 2.92 53.05 -11.88
N LEU C 491 2.95 51.71 -11.92
CA LEU C 491 1.87 50.94 -12.50
C LEU C 491 0.49 51.54 -12.19
N ASN C 492 0.21 51.82 -10.91
CA ASN C 492 -1.02 52.50 -10.52
C ASN C 492 -1.20 53.82 -11.25
N LEU C 493 -0.21 54.72 -11.14
CA LEU C 493 -0.29 56.05 -11.76
C LEU C 493 -0.45 55.96 -13.28
N THR C 494 0.30 55.08 -13.93
CA THR C 494 0.20 55.02 -15.39
C THR C 494 -1.03 54.24 -15.86
N TYR C 495 -1.37 53.14 -15.17
CA TYR C 495 -2.65 52.45 -15.39
C TYR C 495 -3.84 53.40 -15.33
N ARG C 496 -3.81 54.36 -14.39
CA ARG C 496 -4.90 55.33 -14.28
C ARG C 496 -4.91 56.31 -15.45
N HIS C 497 -3.75 56.55 -16.07
CA HIS C 497 -3.64 57.64 -17.04
C HIS C 497 -4.32 57.29 -18.35
N HIS C 498 -4.03 56.10 -18.86
CA HIS C 498 -4.30 55.72 -20.23
C HIS C 498 -5.57 54.89 -20.30
N LYS C 499 -6.65 55.49 -20.79
CA LYS C 499 -7.94 54.81 -20.81
C LYS C 499 -7.84 53.39 -21.36
N ALA C 500 -6.87 53.14 -22.26
CA ALA C 500 -6.71 51.83 -22.88
C ALA C 500 -6.54 50.71 -21.85
N MET C 501 -5.94 51.00 -20.69
CA MET C 501 -5.65 50.03 -19.62
C MET C 501 -6.85 49.67 -18.74
N HIS C 502 -7.96 50.42 -18.82
CA HIS C 502 -9.14 50.13 -18.02
C HIS C 502 -10.46 50.32 -18.73
N GLU C 503 -10.50 50.99 -19.89
CA GLU C 503 -11.78 51.46 -20.43
C GLU C 503 -12.56 50.33 -21.08
N LEU C 504 -11.88 49.37 -21.70
CA LEU C 504 -12.60 48.27 -22.29
C LEU C 504 -12.08 46.94 -21.78
N ASP C 505 -11.87 46.84 -20.47
CA ASP C 505 -11.52 45.56 -19.87
C ASP C 505 -12.50 44.46 -20.28
N PHE C 506 -13.75 44.82 -20.54
CA PHE C 506 -14.80 43.83 -20.78
C PHE C 506 -15.35 43.88 -22.21
N ASP C 507 -14.87 44.75 -23.00
CA ASP C 507 -15.19 44.64 -24.40
C ASP C 507 -14.08 43.92 -25.15
N PRO C 508 -14.41 42.87 -25.90
CA PRO C 508 -13.38 42.18 -26.67
C PRO C 508 -12.44 43.11 -27.39
N TYR C 509 -12.98 44.18 -27.99
CA TYR C 509 -12.19 45.20 -28.66
C TYR C 509 -11.05 45.71 -27.82
N GLY C 510 -11.13 45.57 -26.49
CA GLY C 510 -10.10 46.13 -25.64
C GLY C 510 -8.77 45.39 -25.68
N PHE C 511 -8.72 44.22 -26.31
CA PHE C 511 -7.55 43.37 -26.18
C PHE C 511 -7.32 42.68 -27.50
N GLU C 512 -6.06 42.69 -27.95
CA GLU C 512 -5.71 41.94 -29.14
C GLU C 512 -4.33 41.35 -28.94
N TRP C 513 -4.13 40.15 -29.45
CA TRP C 513 -2.87 39.45 -29.25
C TRP C 513 -1.91 39.83 -30.36
N LEU C 514 -0.70 40.19 -29.96
CA LEU C 514 0.35 40.27 -30.97
C LEU C 514 1.08 38.94 -31.12
N VAL C 515 1.57 38.38 -30.02
CA VAL C 515 2.38 37.17 -30.10
C VAL C 515 2.01 36.11 -29.04
N VAL C 516 0.84 35.48 -29.24
CA VAL C 516 0.39 34.42 -28.35
C VAL C 516 1.37 33.26 -28.31
N ASP C 517 1.94 32.95 -29.48
CA ASP C 517 2.42 31.62 -29.82
C ASP C 517 3.87 31.39 -29.48
N ASP C 518 4.49 32.30 -28.74
CA ASP C 518 5.93 32.21 -28.55
C ASP C 518 6.27 31.31 -27.36
N LYS C 519 5.74 30.10 -27.42
CA LYS C 519 6.00 29.14 -26.36
C LYS C 519 7.48 28.90 -26.16
N GLU C 520 8.30 28.93 -27.22
CA GLU C 520 9.69 28.50 -27.08
C GLU C 520 10.48 29.40 -26.15
N ARG C 521 10.33 30.72 -26.29
CA ARG C 521 11.12 31.68 -25.52
C ARG C 521 10.29 32.43 -24.48
N SER C 522 9.02 32.06 -24.33
CA SER C 522 8.20 32.54 -23.24
C SER C 522 8.07 34.07 -23.24
N VAL C 523 7.74 34.62 -24.39
CA VAL C 523 7.51 36.05 -24.50
C VAL C 523 6.12 36.25 -25.09
N LEU C 524 5.35 37.14 -24.45
CA LEU C 524 3.95 37.41 -24.77
C LEU C 524 3.84 38.89 -25.05
N ILE C 525 3.13 39.23 -26.13
CA ILE C 525 2.90 40.63 -26.49
C ILE C 525 1.43 40.81 -26.84
N PHE C 526 0.86 41.93 -26.42
CA PHE C 526 -0.50 42.27 -26.80
C PHE C 526 -0.67 43.78 -26.64
N VAL C 527 -1.82 44.27 -27.06
CA VAL C 527 -2.12 45.68 -26.92
C VAL C 527 -3.46 45.82 -26.23
N ARG C 528 -3.59 46.91 -25.47
CA ARG C 528 -4.84 47.35 -24.88
C ARG C 528 -5.22 48.65 -25.55
N ARG C 529 -6.46 48.74 -25.99
CA ARG C 529 -6.91 49.89 -26.76
C ARG C 529 -8.17 50.46 -26.11
N ASP C 530 -8.31 51.80 -26.21
CA ASP C 530 -9.42 52.55 -25.62
C ASP C 530 -10.49 52.77 -26.67
N LYS C 531 -11.53 53.51 -26.33
CA LYS C 531 -12.65 53.52 -27.25
C LYS C 531 -12.35 54.36 -28.49
N GLU C 532 -11.37 55.28 -28.39
CA GLU C 532 -10.83 55.96 -29.56
C GLU C 532 -10.22 54.98 -30.57
N GLY C 533 -9.47 54.00 -30.08
CA GLY C 533 -8.73 53.08 -30.92
C GLY C 533 -7.22 53.15 -30.74
N ASN C 534 -6.73 54.02 -29.86
CA ASN C 534 -5.31 54.02 -29.51
C ASN C 534 -4.92 52.73 -28.83
N GLU C 535 -3.63 52.44 -28.82
CA GLU C 535 -3.18 51.16 -28.35
C GLU C 535 -1.98 51.37 -27.46
N ILE C 536 -1.84 50.48 -26.48
CA ILE C 536 -0.64 50.43 -25.65
C ILE C 536 -0.06 49.03 -25.76
N ILE C 537 1.23 48.95 -26.05
CA ILE C 537 1.89 47.67 -26.33
C ILE C 537 2.48 47.15 -25.03
N VAL C 538 2.09 45.94 -24.67
CA VAL C 538 2.53 45.27 -23.46
C VAL C 538 3.40 44.13 -23.92
N ALA C 539 4.68 44.18 -23.57
CA ALA C 539 5.63 43.15 -23.98
C ALA C 539 6.27 42.57 -22.75
N SER C 540 6.14 41.26 -22.58
CA SER C 540 6.67 40.59 -21.39
C SER C 540 7.57 39.44 -21.81
N ASN C 541 8.75 39.37 -21.17
CA ASN C 541 9.74 38.31 -21.33
C ASN C 541 9.89 37.60 -20.00
N PHE C 542 9.46 36.33 -19.95
CA PHE C 542 9.40 35.58 -18.70
C PHE C 542 10.56 34.64 -18.56
N THR C 543 11.71 35.02 -19.09
CA THR C 543 12.89 34.19 -18.98
C THR C 543 14.07 35.07 -18.58
N PRO C 544 15.15 34.47 -18.06
CA PRO C 544 16.33 35.28 -17.68
C PRO C 544 17.19 35.73 -18.84
N VAL C 545 17.01 35.20 -20.05
CA VAL C 545 17.87 35.54 -21.18
C VAL C 545 17.27 36.74 -21.92
N PRO C 546 18.00 37.84 -22.09
CA PRO C 546 17.42 39.02 -22.77
C PRO C 546 17.29 38.76 -24.25
N ARG C 547 16.30 39.41 -24.85
CA ARG C 547 15.96 39.24 -26.25
C ARG C 547 16.24 40.54 -26.97
N HIS C 548 17.13 40.49 -27.97
CA HIS C 548 17.51 41.63 -28.77
C HIS C 548 17.03 41.44 -30.21
N ASP C 549 16.45 42.50 -30.77
CA ASP C 549 15.90 42.51 -32.13
C ASP C 549 14.68 41.64 -32.28
N TYR C 550 13.89 41.52 -31.20
CA TYR C 550 12.64 40.78 -31.27
C TYR C 550 11.67 41.55 -32.16
N ARG C 551 11.21 40.92 -33.24
CA ARG C 551 10.41 41.59 -34.25
C ARG C 551 9.00 41.03 -34.25
N PHE C 552 8.01 41.91 -34.18
CA PHE C 552 6.64 41.43 -34.09
C PHE C 552 5.71 42.36 -34.84
N GLY C 553 4.62 41.81 -35.34
CA GLY C 553 3.63 42.60 -36.02
C GLY C 553 2.93 43.56 -35.08
N ILE C 554 2.43 44.66 -35.64
CA ILE C 554 1.73 45.69 -34.88
C ILE C 554 0.64 46.26 -35.78
N ASN C 555 -0.15 47.20 -35.23
CA ASN C 555 -1.36 47.67 -35.89
C ASN C 555 -1.29 49.12 -36.35
N GLN C 556 -0.52 49.96 -35.68
CA GLN C 556 -0.39 51.39 -36.04
C GLN C 556 1.06 51.80 -36.21
N PRO C 557 1.54 52.09 -37.41
CA PRO C 557 2.91 52.61 -37.54
C PRO C 557 3.02 54.01 -36.92
N GLY C 558 4.24 54.32 -36.48
CA GLY C 558 4.49 55.61 -35.86
C GLY C 558 5.80 55.64 -35.09
N LYS C 559 5.80 56.46 -34.04
CA LYS C 559 6.94 56.65 -33.14
C LYS C 559 6.49 56.34 -31.70
N TRP C 560 7.09 55.31 -31.10
CA TRP C 560 6.65 54.77 -29.80
C TRP C 560 7.69 54.99 -28.71
N ARG C 561 7.22 55.29 -27.50
CA ARG C 561 8.04 55.53 -26.32
C ARG C 561 7.87 54.38 -25.34
N GLU C 562 8.91 54.11 -24.57
CA GLU C 562 8.82 53.16 -23.48
C GLU C 562 8.14 53.88 -22.31
N ILE C 563 6.86 53.59 -22.07
CA ILE C 563 6.17 54.33 -21.02
C ILE C 563 6.40 53.71 -19.64
N LEU C 564 6.79 52.43 -19.58
CA LEU C 564 7.07 51.74 -18.32
C LEU C 564 7.98 50.55 -18.63
N ASN C 565 9.04 50.36 -17.86
CA ASN C 565 9.94 49.22 -18.08
C ASN C 565 10.28 48.54 -16.76
N THR C 566 9.82 47.30 -16.62
CA THR C 566 10.01 46.56 -15.39
C THR C 566 11.48 46.33 -15.06
N ASP C 567 12.39 46.75 -15.94
CA ASP C 567 13.80 46.53 -15.67
C ASP C 567 14.58 47.80 -15.37
N SER C 568 13.94 48.96 -15.43
CA SER C 568 14.62 50.21 -15.12
C SER C 568 15.47 50.07 -13.86
N MET C 569 16.67 50.63 -13.90
CA MET C 569 17.48 50.69 -12.69
C MET C 569 16.67 51.21 -11.50
N HIS C 570 15.56 51.88 -11.78
CA HIS C 570 14.81 52.50 -10.70
C HIS C 570 14.17 51.47 -9.81
N TYR C 571 13.88 50.30 -10.35
CA TYR C 571 13.37 49.21 -9.55
C TYR C 571 14.47 48.20 -9.22
N HIS C 572 15.73 48.58 -9.42
CA HIS C 572 16.86 47.65 -9.30
C HIS C 572 16.77 46.54 -10.35
N GLY C 573 16.47 46.94 -11.59
CA GLY C 573 16.74 46.09 -12.74
C GLY C 573 18.16 46.31 -13.32
N SER C 574 18.50 45.46 -14.29
CA SER C 574 19.73 45.59 -15.07
C SER C 574 19.71 46.82 -15.98
N ASN C 575 18.53 47.39 -16.18
CA ASN C 575 18.24 48.58 -16.99
C ASN C 575 18.25 48.33 -18.49
N ALA C 576 18.45 47.09 -18.95
CA ALA C 576 18.23 46.77 -20.35
C ALA C 576 16.89 47.34 -20.81
N GLY C 577 16.82 47.72 -22.08
CA GLY C 577 15.64 48.34 -22.66
C GLY C 577 15.98 49.28 -23.78
N ASN C 578 14.99 49.57 -24.61
CA ASN C 578 15.19 50.41 -25.78
C ASN C 578 15.51 51.86 -25.49
N GLY C 579 15.36 52.26 -24.24
CA GLY C 579 15.65 53.62 -23.82
C GLY C 579 15.26 54.79 -24.70
N GLY C 580 13.97 55.07 -24.77
CA GLY C 580 13.50 56.19 -25.57
C GLY C 580 12.45 55.84 -26.61
N THR C 581 12.41 56.62 -27.67
CA THR C 581 11.48 56.46 -28.77
C THR C 581 12.00 55.38 -29.72
N VAL C 582 11.10 54.85 -30.57
CA VAL C 582 11.46 53.84 -31.58
C VAL C 582 10.51 53.99 -32.76
N HIS C 583 10.95 53.54 -33.95
CA HIS C 583 10.22 53.81 -35.18
C HIS C 583 9.59 52.54 -35.74
N SER C 584 8.31 52.62 -36.06
CA SER C 584 7.68 51.54 -36.82
C SER C 584 8.47 51.28 -38.08
N ASP C 585 8.37 50.05 -38.58
CA ASP C 585 9.05 49.63 -39.78
C ASP C 585 8.03 49.05 -40.75
N GLU C 586 8.21 49.29 -42.06
CA GLU C 586 7.33 48.65 -43.03
C GLU C 586 7.63 47.17 -43.17
N ILE C 587 8.65 46.65 -42.50
CA ILE C 587 8.93 45.22 -42.58
C ILE C 587 7.80 44.42 -41.95
N ALA C 588 7.32 43.41 -42.66
CA ALA C 588 6.12 42.69 -42.25
C ALA C 588 6.47 41.56 -41.28
N SER C 589 5.61 41.34 -40.28
CA SER C 589 5.86 40.37 -39.22
C SER C 589 4.53 39.82 -38.70
N HIS C 590 4.51 38.54 -38.34
CA HIS C 590 3.31 37.88 -37.79
C HIS C 590 2.05 38.18 -38.62
N GLY C 591 2.21 38.38 -39.93
CA GLY C 591 1.09 38.74 -40.79
C GLY C 591 0.54 40.14 -40.55
N ARG C 592 1.41 41.14 -40.53
CA ARG C 592 0.95 42.52 -40.36
C ARG C 592 1.96 43.46 -41.01
N GLN C 593 1.45 44.57 -41.55
CA GLN C 593 2.25 45.42 -42.42
C GLN C 593 3.46 45.99 -41.70
N HIS C 594 3.25 46.57 -40.54
CA HIS C 594 4.33 47.26 -39.86
C HIS C 594 4.80 46.47 -38.65
N SER C 595 6.00 46.80 -38.20
CA SER C 595 6.70 45.95 -37.24
C SER C 595 7.56 46.82 -36.36
N LEU C 596 8.05 46.22 -35.27
CA LEU C 596 9.06 46.81 -34.43
C LEU C 596 10.15 45.79 -34.16
N SER C 597 11.35 46.27 -33.88
CA SER C 597 12.44 45.42 -33.41
C SER C 597 12.90 46.01 -32.09
N LEU C 598 12.59 45.31 -31.00
CA LEU C 598 12.88 45.82 -29.68
C LEU C 598 13.84 44.89 -28.94
N THR C 599 14.51 45.48 -27.96
CA THR C 599 15.14 44.71 -26.90
C THR C 599 14.08 44.37 -25.86
N LEU C 600 13.90 43.10 -25.58
CA LEU C 600 13.01 42.76 -24.50
C LEU C 600 13.88 42.50 -23.28
N PRO C 601 13.79 43.31 -22.22
CA PRO C 601 14.64 43.09 -21.03
C PRO C 601 14.50 41.66 -20.53
N PRO C 602 15.28 41.27 -19.55
CA PRO C 602 15.17 39.90 -19.07
C PRO C 602 14.25 39.85 -17.84
N LEU C 603 13.45 38.77 -17.74
CA LEU C 603 12.43 38.67 -16.70
C LEU C 603 11.78 40.03 -16.47
N ALA C 604 10.93 40.45 -17.40
CA ALA C 604 10.42 41.79 -17.19
C ALA C 604 9.38 42.11 -18.24
N THR C 605 8.67 43.21 -18.02
CA THR C 605 7.55 43.72 -18.80
C THR C 605 7.76 45.19 -19.15
N ILE C 606 7.27 45.59 -20.32
CA ILE C 606 7.36 46.96 -20.82
C ILE C 606 6.01 47.38 -21.42
N TRP C 607 5.63 48.63 -21.21
CA TRP C 607 4.48 49.20 -21.88
C TRP C 607 4.95 50.32 -22.80
N LEU C 608 4.32 50.40 -23.97
CA LEU C 608 4.73 51.29 -25.06
C LEU C 608 3.54 52.10 -25.50
N VAL C 609 3.70 53.43 -25.55
CA VAL C 609 2.72 54.31 -26.17
C VAL C 609 3.36 54.94 -27.40
N ARG C 610 2.51 55.54 -28.23
CA ARG C 610 3.00 56.23 -29.42
C ARG C 610 2.38 57.62 -29.52
N GLU C 611 3.21 58.59 -29.93
CA GLU C 611 2.78 59.96 -30.14
C GLU C 611 2.77 60.27 -31.63
N ALA C 612 2.16 61.42 -31.96
CA ALA C 612 1.98 61.83 -33.33
C ALA C 612 2.85 63.05 -33.67
N PRO D 109 -30.61 -29.71 36.74
CA PRO D 109 -29.17 -29.42 36.72
C PRO D 109 -28.49 -29.30 38.10
N GLU D 110 -28.61 -28.10 38.71
CA GLU D 110 -27.86 -27.65 39.88
C GLU D 110 -26.88 -26.55 39.46
N LYS D 111 -26.91 -25.38 40.09
CA LYS D 111 -25.83 -24.41 39.98
C LYS D 111 -25.06 -24.41 41.29
N VAL D 112 -23.73 -24.59 41.23
CA VAL D 112 -22.90 -24.81 42.41
C VAL D 112 -21.59 -24.01 42.31
N VAL D 113 -21.15 -23.43 43.44
CA VAL D 113 -19.89 -22.69 43.46
C VAL D 113 -18.73 -23.67 43.35
N GLN D 114 -17.61 -23.20 42.79
CA GLN D 114 -16.42 -24.02 42.59
C GLN D 114 -15.46 -23.90 43.76
N THR D 115 -14.71 -24.99 43.98
CA THR D 115 -14.09 -25.35 45.26
C THR D 115 -13.19 -24.27 45.86
N GLU D 116 -13.13 -23.11 45.22
CA GLU D 116 -12.34 -21.96 45.68
C GLU D 116 -10.87 -22.28 45.96
N GLU D 117 -10.60 -23.15 46.93
CA GLU D 117 -9.22 -23.55 47.16
C GLU D 117 -8.74 -24.50 46.06
N ARG D 118 -9.53 -25.51 45.73
CA ARG D 118 -9.19 -26.41 44.64
C ARG D 118 -9.42 -25.79 43.28
N LYS D 119 -9.86 -24.53 43.25
CA LYS D 119 -9.65 -23.69 42.08
C LYS D 119 -8.16 -23.38 41.91
N LYS D 120 -7.52 -22.87 42.97
CA LYS D 120 -6.08 -22.58 42.99
C LYS D 120 -5.22 -23.61 42.26
N ALA D 121 -5.73 -24.81 42.02
CA ALA D 121 -4.97 -25.80 41.24
C ALA D 121 -4.87 -25.42 39.76
N ASN D 122 -5.73 -24.52 39.29
CA ASN D 122 -5.66 -24.10 37.90
C ASN D 122 -4.60 -23.04 37.63
N GLN D 123 -3.98 -22.46 38.67
CA GLN D 123 -3.13 -21.29 38.48
C GLN D 123 -1.74 -21.67 37.92
N PHE D 124 -0.90 -20.66 37.72
CA PHE D 124 0.35 -20.90 36.99
C PHE D 124 1.41 -21.54 37.87
N ASP D 125 1.47 -21.17 39.16
CA ASP D 125 2.45 -21.75 40.08
C ASP D 125 2.02 -23.09 40.67
N ALA D 126 0.84 -23.57 40.29
CA ALA D 126 0.40 -24.88 40.69
C ALA D 126 1.14 -25.97 39.92
N PRO D 127 1.37 -27.11 40.52
CA PRO D 127 1.99 -28.21 39.77
C PRO D 127 0.92 -29.04 39.09
N ILE D 128 0.94 -29.15 37.77
CA ILE D 128 -0.12 -29.83 37.05
C ILE D 128 0.46 -31.04 36.37
N SER D 129 0.10 -32.22 36.88
CA SER D 129 0.38 -33.51 36.26
C SER D 129 -0.96 -34.16 35.95
N ILE D 130 -1.09 -34.71 34.74
CA ILE D 130 -2.41 -35.03 34.21
C ILE D 130 -2.51 -36.49 33.78
N TYR D 131 -3.76 -36.97 33.77
CA TYR D 131 -4.12 -38.28 33.25
C TYR D 131 -5.05 -38.06 32.08
N GLU D 132 -4.77 -38.73 30.96
CA GLU D 132 -5.52 -38.58 29.73
C GLU D 132 -6.41 -39.82 29.49
N VAL D 133 -7.73 -39.73 29.79
CA VAL D 133 -8.60 -40.91 29.91
C VAL D 133 -9.83 -40.81 29.01
N HIS D 134 -10.16 -41.95 28.35
CA HIS D 134 -11.41 -42.27 27.68
C HIS D 134 -12.04 -43.47 28.39
N LEU D 135 -13.34 -43.39 28.68
CA LEU D 135 -13.93 -44.37 29.59
C LEU D 135 -13.87 -45.82 29.09
N GLY D 136 -13.51 -46.08 27.83
CA GLY D 136 -13.13 -47.40 27.37
C GLY D 136 -11.71 -47.74 27.80
N SER D 137 -11.21 -46.97 28.77
CA SER D 137 -9.85 -47.09 29.29
C SER D 137 -9.50 -48.48 29.76
N TRP D 138 -9.75 -48.78 31.05
CA TRP D 138 -9.11 -49.92 31.70
C TRP D 138 -10.08 -50.98 32.22
N ARG D 139 -9.83 -52.22 31.75
CA ARG D 139 -10.49 -53.53 31.81
C ARG D 139 -11.97 -53.54 31.43
N ARG D 140 -12.80 -52.75 32.09
CA ARG D 140 -14.19 -52.77 31.63
C ARG D 140 -14.85 -54.12 31.98
N HIS D 141 -14.50 -54.75 33.12
CA HIS D 141 -15.02 -56.07 33.51
C HIS D 141 -14.83 -57.17 32.47
N THR D 142 -13.92 -58.10 32.74
CA THR D 142 -13.77 -59.27 31.88
C THR D 142 -15.11 -60.01 31.68
N ASP D 143 -15.33 -60.47 30.46
CA ASP D 143 -16.41 -61.40 30.12
C ASP D 143 -17.75 -60.75 29.83
N ASN D 144 -17.75 -59.44 29.57
CA ASN D 144 -18.76 -58.71 28.80
C ASN D 144 -17.96 -57.75 27.94
N ASN D 145 -18.62 -56.70 27.44
CA ASN D 145 -17.84 -55.52 27.04
C ASN D 145 -18.56 -54.24 27.47
N PHE D 146 -18.74 -54.16 28.81
CA PHE D 146 -19.00 -52.95 29.59
C PHE D 146 -17.96 -52.63 30.66
N TRP D 147 -17.40 -51.46 30.51
CA TRP D 147 -16.85 -50.68 31.61
C TRP D 147 -17.86 -50.60 32.75
N LEU D 148 -18.38 -51.75 33.22
CA LEU D 148 -19.46 -51.84 34.23
C LEU D 148 -19.09 -51.34 35.58
N SER D 149 -19.80 -50.31 35.97
CA SER D 149 -20.62 -49.64 34.97
C SER D 149 -19.87 -48.35 34.74
N TYR D 150 -20.51 -47.33 34.18
CA TYR D 150 -19.90 -46.03 34.30
C TYR D 150 -19.61 -45.72 35.77
N ARG D 151 -20.61 -45.88 36.63
CA ARG D 151 -20.48 -45.40 38.00
C ARG D 151 -19.23 -45.98 38.65
N GLU D 152 -18.92 -47.23 38.33
CA GLU D 152 -17.72 -47.87 38.86
C GLU D 152 -16.47 -47.02 38.62
N LEU D 153 -16.33 -46.52 37.40
CA LEU D 153 -15.23 -45.59 37.11
C LEU D 153 -15.15 -44.51 38.19
N ALA D 154 -16.30 -43.93 38.54
CA ALA D 154 -16.40 -43.01 39.68
C ALA D 154 -15.89 -43.67 40.97
N ASP D 155 -16.38 -44.88 41.24
CA ASP D 155 -15.93 -45.64 42.41
C ASP D 155 -14.47 -46.05 42.28
N GLN D 156 -14.02 -46.37 41.06
CA GLN D 156 -12.79 -47.13 40.84
C GLN D 156 -11.62 -46.36 40.22
N LEU D 157 -11.86 -45.41 39.33
CA LEU D 157 -10.72 -44.77 38.69
C LEU D 157 -10.15 -43.64 39.53
N VAL D 158 -10.99 -42.81 40.14
CA VAL D 158 -10.54 -41.70 40.99
C VAL D 158 -9.49 -42.17 41.99
N PRO D 159 -9.50 -43.43 42.42
CA PRO D 159 -8.36 -43.90 43.23
C PRO D 159 -7.09 -44.15 42.41
N TYR D 160 -7.22 -44.64 41.17
CA TYR D 160 -6.05 -44.67 40.30
C TYR D 160 -5.38 -43.30 40.31
N ALA D 161 -6.14 -42.26 39.94
CA ALA D 161 -5.66 -40.87 39.97
C ALA D 161 -5.19 -40.43 41.38
N LYS D 162 -5.90 -40.83 42.43
CA LYS D 162 -5.37 -40.57 43.77
C LYS D 162 -4.94 -41.91 44.36
N TRP D 163 -3.80 -42.36 43.85
CA TRP D 163 -2.81 -43.29 44.39
C TRP D 163 -1.63 -43.07 43.45
N MET D 164 -1.96 -42.65 42.22
CA MET D 164 -1.03 -42.15 41.22
C MET D 164 -1.06 -40.64 41.24
N GLY D 165 0.08 -40.02 41.44
CA GLY D 165 0.06 -38.68 41.96
C GLY D 165 -0.30 -37.71 40.87
N PHE D 166 -1.56 -37.61 40.49
CA PHE D 166 -1.95 -36.59 39.54
C PHE D 166 -2.72 -35.50 40.27
N THR D 167 -2.77 -34.35 39.65
CA THR D 167 -3.52 -33.28 40.26
C THR D 167 -4.72 -32.88 39.42
N HIS D 168 -4.65 -33.07 38.10
CA HIS D 168 -5.81 -32.92 37.25
C HIS D 168 -6.05 -34.21 36.47
N LEU D 169 -7.28 -34.36 35.99
CA LEU D 169 -7.73 -35.56 35.30
C LEU D 169 -8.31 -35.19 33.94
N GLU D 170 -7.81 -35.84 32.88
CA GLU D 170 -8.20 -35.56 31.51
C GLU D 170 -9.05 -36.71 30.97
N LEU D 171 -10.32 -36.44 30.75
CA LEU D 171 -11.20 -37.37 30.07
C LEU D 171 -11.56 -36.76 28.74
N LEU D 172 -11.48 -37.58 27.68
CA LEU D 172 -11.83 -37.14 26.34
C LEU D 172 -13.22 -36.49 26.40
N PRO D 173 -13.78 -35.97 25.31
CA PRO D 173 -15.12 -35.38 25.40
C PRO D 173 -16.12 -36.50 25.61
N ILE D 174 -16.83 -36.42 26.74
CA ILE D 174 -17.86 -37.37 27.08
C ILE D 174 -19.23 -36.72 27.04
N ASN D 175 -19.36 -35.60 26.33
CA ASN D 175 -20.63 -34.89 26.34
C ASN D 175 -21.73 -35.76 25.79
N GLU D 176 -21.54 -36.27 24.58
CA GLU D 176 -22.61 -37.04 23.96
C GLU D 176 -22.11 -37.37 22.57
N HIS D 177 -22.11 -38.63 22.22
CA HIS D 177 -21.55 -38.94 20.92
C HIS D 177 -22.29 -40.16 20.42
N PRO D 178 -22.86 -40.10 19.21
CA PRO D 178 -23.63 -41.25 18.73
C PRO D 178 -22.79 -42.51 18.64
N PHE D 179 -21.59 -42.40 18.07
CA PHE D 179 -20.77 -43.56 17.78
C PHE D 179 -19.55 -43.55 18.70
N ASP D 180 -19.42 -44.61 19.48
CA ASP D 180 -18.25 -44.74 20.33
C ASP D 180 -16.97 -44.81 19.51
N GLY D 181 -17.03 -45.50 18.37
CA GLY D 181 -15.83 -45.94 17.69
C GLY D 181 -14.96 -44.81 17.16
N SER D 182 -15.56 -43.65 16.92
CA SER D 182 -14.84 -42.48 16.42
C SER D 182 -14.45 -41.50 17.54
N TRP D 183 -14.84 -41.78 18.77
CA TRP D 183 -14.37 -41.04 19.94
C TRP D 183 -15.17 -39.79 20.20
N GLY D 184 -15.07 -39.30 21.44
CA GLY D 184 -15.91 -38.22 21.90
C GLY D 184 -16.06 -37.06 20.95
N TYR D 185 -15.00 -36.71 20.21
CA TYR D 185 -14.93 -35.43 19.51
C TYR D 185 -15.91 -35.36 18.33
N GLN D 186 -17.17 -35.68 18.61
CA GLN D 186 -18.16 -36.05 17.61
C GLN D 186 -19.48 -35.34 17.81
N PRO D 187 -20.42 -35.54 16.89
CA PRO D 187 -21.72 -34.86 16.98
C PRO D 187 -22.51 -35.15 18.26
N THR D 188 -23.77 -34.68 18.30
CA THR D 188 -24.85 -35.03 19.23
C THR D 188 -24.65 -34.49 20.65
N GLY D 189 -25.77 -34.35 21.35
CA GLY D 189 -25.79 -34.15 22.77
C GLY D 189 -25.41 -32.76 23.24
N LEU D 190 -24.18 -32.61 23.73
CA LEU D 190 -23.59 -31.33 24.08
C LEU D 190 -24.12 -30.78 25.40
N TYR D 191 -25.20 -31.35 25.98
CA TYR D 191 -25.92 -30.71 27.09
C TYR D 191 -26.30 -31.73 28.19
N ALA D 192 -25.32 -32.00 29.10
CA ALA D 192 -25.34 -32.98 30.20
C ALA D 192 -25.12 -34.44 29.79
N PRO D 193 -25.20 -34.79 28.51
CA PRO D 193 -25.40 -36.21 28.21
C PRO D 193 -24.26 -37.11 28.63
N THR D 194 -24.18 -38.18 27.85
CA THR D 194 -23.19 -39.22 27.94
C THR D 194 -23.92 -40.36 27.27
N ARG D 195 -25.10 -40.65 27.79
CA ARG D 195 -26.01 -41.68 27.32
C ARG D 195 -25.44 -43.07 27.06
N ARG D 196 -24.66 -43.54 28.03
CA ARG D 196 -24.08 -44.88 28.02
C ARG D 196 -23.61 -45.04 29.43
N PHE D 197 -23.84 -43.99 30.21
CA PHE D 197 -23.40 -44.01 31.59
C PHE D 197 -24.41 -43.45 32.58
N GLY D 198 -25.34 -42.58 32.18
CA GLY D 198 -26.52 -42.34 33.00
C GLY D 198 -26.89 -40.97 33.54
N THR D 199 -26.47 -39.87 32.89
CA THR D 199 -27.05 -38.50 32.97
C THR D 199 -26.72 -37.65 34.20
N ARG D 200 -27.60 -36.66 34.44
CA ARG D 200 -27.39 -35.61 35.43
C ARG D 200 -26.89 -36.17 36.76
N ASP D 201 -27.74 -36.97 37.41
CA ASP D 201 -27.53 -37.37 38.80
C ASP D 201 -26.20 -38.11 38.99
N ASP D 202 -25.96 -39.16 38.21
CA ASP D 202 -24.89 -40.10 38.54
C ASP D 202 -23.50 -39.52 38.26
N PHE D 203 -23.37 -38.76 37.17
CA PHE D 203 -22.07 -38.16 36.83
C PHE D 203 -21.62 -37.20 37.93
N ARG D 204 -22.50 -36.30 38.39
CA ARG D 204 -22.05 -35.34 39.40
C ARG D 204 -21.39 -36.03 40.60
N TYR D 205 -21.81 -37.26 40.90
CA TYR D 205 -21.53 -37.83 42.22
C TYR D 205 -20.02 -38.02 42.45
N PHE D 206 -19.31 -38.63 41.50
CA PHE D 206 -17.92 -39.03 41.76
C PHE D 206 -17.02 -37.83 42.02
N ILE D 207 -17.37 -36.66 41.48
CA ILE D 207 -16.42 -35.55 41.48
C ILE D 207 -16.11 -35.10 42.89
N ASP D 208 -17.08 -35.22 43.80
CA ASP D 208 -16.81 -34.90 45.20
C ASP D 208 -15.60 -35.69 45.69
N ALA D 209 -15.59 -37.00 45.41
CA ALA D 209 -14.42 -37.85 45.63
C ALA D 209 -13.15 -37.17 45.11
N ALA D 210 -13.15 -36.85 43.81
CA ALA D 210 -12.03 -36.14 43.20
C ALA D 210 -11.71 -34.84 43.93
N HIS D 211 -12.68 -33.91 43.99
CA HIS D 211 -12.53 -32.74 44.84
C HIS D 211 -12.10 -33.13 46.27
N ALA D 212 -12.79 -34.13 46.87
CA ALA D 212 -12.45 -34.60 48.20
C ALA D 212 -11.16 -35.41 48.20
N ALA D 213 -10.95 -36.25 47.17
CA ALA D 213 -9.69 -36.96 46.95
C ALA D 213 -8.53 -36.01 46.66
N GLY D 214 -8.83 -34.71 46.66
CA GLY D 214 -7.90 -33.65 46.35
C GLY D 214 -7.62 -33.47 44.89
N LEU D 215 -8.30 -34.21 44.02
CA LEU D 215 -8.01 -34.19 42.59
C LEU D 215 -8.56 -32.91 41.96
N ASN D 216 -8.58 -32.89 40.62
CA ASN D 216 -9.15 -31.82 39.85
C ASN D 216 -9.33 -32.29 38.41
N VAL D 217 -10.34 -31.77 37.73
CA VAL D 217 -10.86 -32.41 36.51
C VAL D 217 -10.85 -31.46 35.33
N ILE D 218 -10.44 -31.96 34.16
CA ILE D 218 -10.54 -31.25 32.90
C ILE D 218 -11.37 -32.08 31.93
N LEU D 219 -12.33 -31.45 31.28
CA LEU D 219 -13.13 -32.12 30.26
C LEU D 219 -12.78 -31.53 28.89
N ASP D 220 -12.74 -32.40 27.88
CA ASP D 220 -12.48 -32.00 26.51
C ASP D 220 -13.71 -31.33 25.92
N TRP D 221 -13.72 -30.00 25.94
CA TRP D 221 -14.76 -29.25 25.25
C TRP D 221 -14.63 -29.43 23.74
N VAL D 222 -15.77 -29.45 23.04
CA VAL D 222 -15.70 -29.70 21.59
C VAL D 222 -16.58 -28.71 20.85
N PRO D 223 -16.34 -27.42 21.00
CA PRO D 223 -17.08 -26.43 20.21
C PRO D 223 -16.78 -26.46 18.73
N GLY D 224 -15.88 -27.31 18.26
CA GLY D 224 -15.42 -27.22 16.89
C GLY D 224 -16.16 -28.05 15.85
N HIS D 225 -16.52 -29.28 16.22
CA HIS D 225 -17.10 -30.23 15.28
C HIS D 225 -18.61 -30.02 15.24
N PHE D 226 -19.13 -29.58 14.10
CA PHE D 226 -20.57 -29.62 13.93
C PHE D 226 -21.01 -31.07 13.79
N PRO D 227 -22.26 -31.34 14.19
CA PRO D 227 -23.00 -32.60 14.26
C PRO D 227 -23.39 -33.14 12.89
N THR D 228 -23.43 -34.45 12.72
CA THR D 228 -23.76 -35.01 11.41
C THR D 228 -24.72 -36.20 11.41
N ASP D 229 -25.65 -36.15 10.46
CA ASP D 229 -26.66 -37.20 10.20
C ASP D 229 -27.78 -37.54 11.22
N ASP D 230 -27.65 -37.09 12.47
CA ASP D 230 -28.70 -37.35 13.47
C ASP D 230 -29.65 -36.19 13.34
N PHE D 231 -29.19 -35.22 12.57
CA PHE D 231 -29.87 -33.96 12.25
C PHE D 231 -30.30 -33.20 13.51
N ALA D 232 -29.50 -33.29 14.57
CA ALA D 232 -29.83 -32.54 15.79
C ALA D 232 -29.69 -31.05 15.56
N LEU D 233 -28.65 -30.62 14.87
CA LEU D 233 -28.40 -29.21 14.67
C LEU D 233 -28.63 -28.72 13.25
N ALA D 234 -28.67 -29.63 12.27
CA ALA D 234 -28.74 -29.22 10.87
C ALA D 234 -30.11 -28.65 10.55
N GLU D 235 -30.14 -27.47 9.92
CA GLU D 235 -31.36 -26.89 9.38
C GLU D 235 -32.47 -26.80 10.44
N PHE D 236 -32.06 -26.45 11.66
CA PHE D 236 -32.95 -26.54 12.83
C PHE D 236 -34.32 -25.91 12.58
N ASP D 237 -34.35 -24.59 12.32
CA ASP D 237 -35.58 -23.83 12.06
C ASP D 237 -35.71 -23.63 10.56
N GLY D 238 -36.88 -23.99 10.01
CA GLY D 238 -37.01 -24.06 8.57
C GLY D 238 -35.78 -24.75 8.00
N THR D 239 -34.92 -24.00 7.32
CA THR D 239 -33.58 -24.46 6.97
C THR D 239 -32.55 -23.46 7.47
N ASN D 240 -31.38 -24.01 7.79
CA ASN D 240 -30.08 -23.35 7.79
C ASN D 240 -30.00 -22.13 8.70
N LEU D 241 -30.99 -21.88 9.56
CA LEU D 241 -30.81 -20.78 10.51
C LEU D 241 -29.61 -21.03 11.41
N TYR D 242 -29.29 -22.30 11.69
CA TYR D 242 -28.34 -22.65 12.74
C TYR D 242 -26.91 -22.84 12.24
N GLU D 243 -26.81 -23.44 11.06
CA GLU D 243 -25.52 -23.80 10.44
C GLU D 243 -24.85 -22.69 9.64
N HIS D 244 -23.85 -23.10 8.87
CA HIS D 244 -23.11 -22.16 8.07
C HIS D 244 -22.89 -22.73 6.68
N SER D 245 -23.91 -22.56 5.84
CA SER D 245 -23.86 -23.02 4.47
C SER D 245 -24.81 -22.11 3.73
N ASP D 246 -24.46 -20.83 3.72
CA ASP D 246 -25.28 -19.80 3.08
C ASP D 246 -24.78 -19.39 1.69
N PRO D 247 -23.51 -19.71 1.35
CA PRO D 247 -22.96 -19.43 0.02
C PRO D 247 -22.99 -20.71 -0.85
N ARG D 248 -23.81 -21.66 -0.40
CA ARG D 248 -24.12 -23.00 -0.92
C ARG D 248 -23.18 -24.07 -0.39
N GLU D 249 -22.02 -24.28 -1.00
CA GLU D 249 -21.15 -25.33 -0.46
C GLU D 249 -21.21 -25.58 1.04
N TRP D 255 -21.13 -34.84 1.73
CA TRP D 255 -21.96 -34.17 2.72
C TRP D 255 -21.10 -33.38 3.73
N ASN D 256 -19.86 -33.83 3.97
CA ASN D 256 -19.02 -33.43 5.10
C ASN D 256 -18.31 -32.08 4.85
N THR D 257 -19.13 -31.02 4.71
CA THR D 257 -18.62 -29.66 4.52
C THR D 257 -19.48 -28.67 5.32
N LEU D 258 -19.60 -28.88 6.64
CA LEU D 258 -20.48 -28.08 7.49
C LEU D 258 -19.78 -27.67 8.79
N ILE D 259 -20.24 -26.55 9.35
CA ILE D 259 -19.70 -26.03 10.59
C ILE D 259 -20.63 -24.95 11.11
N TYR D 260 -20.62 -24.74 12.44
CA TYR D 260 -21.38 -23.65 13.04
C TYR D 260 -21.08 -22.34 12.32
N ASN D 261 -21.89 -21.31 12.62
CA ASN D 261 -21.46 -19.94 12.33
C ASN D 261 -21.66 -19.06 13.54
N TYR D 262 -20.77 -19.22 14.51
CA TYR D 262 -20.44 -18.26 15.56
C TYR D 262 -20.76 -16.79 15.23
N GLY D 263 -21.05 -16.48 13.97
CA GLY D 263 -21.44 -15.13 13.62
C GLY D 263 -22.76 -14.71 14.23
N ARG D 264 -23.77 -15.56 14.14
CA ARG D 264 -25.12 -15.20 14.59
C ARG D 264 -25.12 -14.96 16.09
N ARG D 265 -25.63 -13.81 16.51
CA ARG D 265 -25.63 -13.50 17.94
C ARG D 265 -26.23 -14.63 18.73
N GLU D 266 -27.08 -15.43 18.10
CA GLU D 266 -27.81 -16.49 18.80
C GLU D 266 -27.05 -17.81 18.86
N VAL D 267 -26.08 -18.07 17.94
CA VAL D 267 -25.39 -19.35 18.02
C VAL D 267 -24.18 -19.23 18.93
N SER D 268 -23.61 -18.02 19.08
CA SER D 268 -22.58 -17.80 20.08
C SER D 268 -23.12 -18.08 21.48
N ASN D 269 -24.08 -17.26 21.93
CA ASN D 269 -24.71 -17.45 23.23
C ASN D 269 -25.01 -18.92 23.52
N PHE D 270 -25.54 -19.65 22.53
CA PHE D 270 -25.79 -21.07 22.71
C PHE D 270 -24.53 -21.79 23.14
N LEU D 271 -23.49 -21.73 22.29
CA LEU D 271 -22.28 -22.51 22.58
C LEU D 271 -21.42 -21.85 23.67
N VAL D 272 -21.40 -20.53 23.74
CA VAL D 272 -20.86 -19.87 24.94
C VAL D 272 -21.55 -20.43 26.17
N GLY D 273 -22.88 -20.57 26.10
CA GLY D 273 -23.64 -21.02 27.27
C GLY D 273 -23.23 -22.39 27.73
N ASN D 274 -23.01 -23.32 26.82
CA ASN D 274 -22.60 -24.65 27.24
C ASN D 274 -21.39 -24.54 28.12
N ALA D 275 -20.51 -23.64 27.74
CA ALA D 275 -19.27 -23.43 28.46
C ALA D 275 -19.54 -23.14 29.90
N LEU D 276 -20.34 -22.12 30.16
CA LEU D 276 -20.63 -21.76 31.52
C LEU D 276 -21.44 -22.88 32.12
N TYR D 277 -22.29 -23.49 31.30
CA TYR D 277 -23.11 -24.60 31.81
C TYR D 277 -22.25 -25.59 32.63
N TRP D 278 -21.37 -26.35 31.97
CA TRP D 278 -20.65 -27.38 32.72
C TRP D 278 -20.04 -26.81 33.98
N ILE D 279 -19.32 -25.71 33.85
CA ILE D 279 -18.46 -25.28 34.95
C ILE D 279 -19.26 -24.58 36.06
N GLU D 280 -20.01 -23.52 35.69
CA GLU D 280 -20.90 -22.87 36.65
C GLU D 280 -21.81 -23.92 37.28
N ARG D 281 -22.58 -24.63 36.47
CA ARG D 281 -23.68 -25.44 36.97
C ARG D 281 -23.36 -26.95 37.07
N PHE D 282 -22.29 -27.45 36.49
CA PHE D 282 -21.98 -28.87 36.65
C PHE D 282 -20.65 -29.14 37.34
N GLY D 283 -19.90 -28.09 37.71
CA GLY D 283 -18.75 -28.18 38.60
C GLY D 283 -17.44 -28.68 38.00
N ILE D 284 -17.32 -28.76 36.67
CA ILE D 284 -16.07 -29.13 36.01
C ILE D 284 -15.10 -27.95 36.05
N ASP D 285 -13.80 -28.24 36.00
CA ASP D 285 -12.79 -27.27 36.41
C ASP D 285 -12.04 -26.63 35.25
N ALA D 286 -12.00 -27.28 34.09
CA ALA D 286 -11.32 -26.69 32.94
C ALA D 286 -11.67 -27.46 31.69
N LEU D 287 -12.00 -26.71 30.64
CA LEU D 287 -12.35 -27.29 29.34
C LEU D 287 -11.17 -27.13 28.39
N ARG D 288 -10.82 -28.22 27.74
CA ARG D 288 -9.70 -28.28 26.81
C ARG D 288 -10.29 -28.41 25.42
N VAL D 289 -10.02 -27.44 24.57
CA VAL D 289 -10.43 -27.52 23.17
C VAL D 289 -9.27 -28.08 22.39
N ASP D 290 -9.59 -28.82 21.34
CA ASP D 290 -8.59 -29.43 20.47
C ASP D 290 -8.93 -29.14 19.02
N ALA D 291 -7.94 -29.37 18.14
CA ALA D 291 -8.09 -29.10 16.71
C ALA D 291 -8.48 -27.64 16.44
N VAL D 292 -8.17 -26.74 17.36
CA VAL D 292 -8.54 -25.35 17.16
C VAL D 292 -7.98 -24.92 15.82
N ALA D 293 -7.05 -25.70 15.29
CA ALA D 293 -6.55 -25.44 13.94
C ALA D 293 -7.66 -25.63 12.91
N SER D 294 -8.56 -26.59 13.13
CA SER D 294 -9.59 -26.80 12.13
C SER D 294 -10.66 -25.73 12.25
N MET D 295 -10.81 -25.18 13.45
CA MET D 295 -11.85 -24.22 13.71
C MET D 295 -11.58 -22.89 13.01
N ILE D 296 -10.34 -22.41 13.11
CA ILE D 296 -10.06 -21.02 12.81
C ILE D 296 -9.55 -20.84 11.38
N TYR D 297 -9.61 -21.90 10.57
CA TYR D 297 -9.19 -21.80 9.17
C TYR D 297 -10.27 -22.34 8.27
N ARG D 298 -10.44 -21.69 7.13
CA ARG D 298 -11.26 -22.19 6.03
C ARG D 298 -10.33 -22.69 4.95
N ASP D 299 -10.72 -23.78 4.28
CA ASP D 299 -9.86 -24.32 3.23
C ASP D 299 -9.85 -23.41 1.99
N TYR D 300 -10.93 -22.66 1.79
CA TYR D 300 -11.05 -21.74 0.68
C TYR D 300 -10.88 -20.32 1.19
N SER D 301 -10.05 -19.54 0.49
CA SER D 301 -9.99 -18.11 0.73
C SER D 301 -11.24 -17.42 0.21
N ARG D 302 -11.66 -16.37 0.89
CA ARG D 302 -12.83 -15.61 0.42
C ARG D 302 -12.55 -14.94 -0.91
N LYS D 303 -13.60 -14.71 -1.69
CA LYS D 303 -13.47 -14.16 -3.04
C LYS D 303 -12.92 -12.72 -3.01
N GLU D 304 -12.61 -12.20 -4.19
CA GLU D 304 -11.93 -10.92 -4.38
C GLU D 304 -12.22 -9.84 -3.35
N GLY D 305 -12.62 -8.67 -3.82
CA GLY D 305 -12.64 -7.50 -2.96
C GLY D 305 -13.48 -7.60 -1.68
N GLU D 306 -13.45 -8.72 -0.99
CA GLU D 306 -14.20 -8.82 0.26
C GLU D 306 -13.29 -8.90 1.46
N TRP D 307 -11.97 -8.91 1.23
CA TRP D 307 -10.98 -9.06 2.29
C TRP D 307 -9.72 -8.25 1.99
N ILE D 308 -9.12 -7.76 3.05
CA ILE D 308 -7.83 -7.09 3.03
C ILE D 308 -6.77 -8.17 3.26
N PRO D 309 -5.82 -8.37 2.35
CA PRO D 309 -4.89 -9.51 2.46
C PRO D 309 -4.33 -9.70 3.86
N ASN D 310 -3.92 -10.94 4.17
CA ASN D 310 -3.32 -11.29 5.47
C ASN D 310 -2.19 -12.29 5.28
N GLU D 311 -1.59 -12.65 6.41
CA GLU D 311 -0.60 -13.71 6.43
C GLU D 311 -1.24 -15.08 6.51
N PHE D 312 -2.55 -15.17 6.36
CA PHE D 312 -3.19 -16.47 6.30
C PHE D 312 -3.70 -16.79 4.91
N GLY D 313 -3.32 -16.00 3.92
CA GLY D 313 -3.77 -16.28 2.58
C GLY D 313 -5.26 -16.33 2.52
N GLY D 314 -5.92 -15.52 3.36
CA GLY D 314 -7.36 -15.40 3.40
C GLY D 314 -8.17 -16.61 3.82
N ARG D 315 -7.58 -17.55 4.54
CA ARG D 315 -8.30 -18.70 5.07
C ARG D 315 -8.60 -18.59 6.55
N GLU D 316 -8.26 -17.47 7.18
CA GLU D 316 -8.69 -17.25 8.54
C GLU D 316 -10.20 -17.35 8.61
N ASN D 317 -10.70 -18.01 9.65
CA ASN D 317 -12.12 -17.99 9.95
C ASN D 317 -12.26 -16.92 11.02
N LEU D 318 -12.39 -15.68 10.56
CA LEU D 318 -12.26 -14.54 11.46
C LEU D 318 -13.31 -14.58 12.55
N GLU D 319 -14.52 -15.06 12.22
CA GLU D 319 -15.60 -15.16 13.20
C GLU D 319 -15.38 -16.33 14.17
N ALA D 320 -15.07 -17.52 13.62
CA ALA D 320 -14.66 -18.63 14.47
C ALA D 320 -13.56 -18.23 15.45
N ILE D 321 -12.64 -17.36 15.05
CA ILE D 321 -11.62 -17.04 16.05
C ILE D 321 -12.18 -16.05 17.06
N GLU D 322 -12.90 -15.02 16.62
CA GLU D 322 -13.34 -14.06 17.63
C GLU D 322 -14.27 -14.74 18.62
N PHE D 323 -15.08 -15.68 18.15
CA PHE D 323 -15.84 -16.49 19.09
C PHE D 323 -14.94 -16.95 20.23
N LEU D 324 -13.81 -17.55 19.91
CA LEU D 324 -12.97 -18.11 20.95
C LEU D 324 -12.42 -17.02 21.88
N ARG D 325 -11.89 -15.94 21.30
CA ARG D 325 -11.34 -14.88 22.14
C ARG D 325 -12.37 -14.42 23.15
N ASN D 326 -13.62 -14.37 22.72
CA ASN D 326 -14.69 -13.73 23.47
C ASN D 326 -15.21 -14.63 24.59
N THR D 327 -15.32 -15.94 24.35
CA THR D 327 -15.73 -16.79 25.46
C THR D 327 -14.71 -16.72 26.59
N ASN D 328 -13.41 -16.81 26.27
CA ASN D 328 -12.37 -16.74 27.29
C ASN D 328 -12.44 -15.43 28.10
N ARG D 329 -12.49 -14.28 27.41
CA ARG D 329 -12.69 -13.02 28.13
C ARG D 329 -13.94 -13.09 29.01
N ILE D 330 -15.09 -13.47 28.44
CA ILE D 330 -16.31 -13.52 29.24
C ILE D 330 -16.27 -14.69 30.22
N LEU D 331 -15.43 -15.69 30.01
CA LEU D 331 -15.31 -16.76 31.00
C LEU D 331 -14.66 -16.26 32.28
N GLY D 332 -13.63 -15.43 32.16
CA GLY D 332 -13.09 -14.75 33.32
C GLY D 332 -14.05 -13.75 33.95
N GLU D 333 -14.97 -13.19 33.15
CA GLU D 333 -15.97 -12.27 33.67
C GLU D 333 -16.92 -12.95 34.65
N GLN D 334 -17.17 -14.25 34.49
CA GLN D 334 -18.03 -14.99 35.40
C GLN D 334 -17.21 -15.83 36.36
N VAL D 335 -16.59 -16.85 35.81
CA VAL D 335 -16.03 -17.93 36.61
C VAL D 335 -14.54 -17.80 36.84
N SER D 336 -14.09 -16.64 37.31
CA SER D 336 -12.68 -16.56 37.64
C SER D 336 -12.27 -17.76 38.50
N GLY D 337 -11.01 -18.17 38.36
CA GLY D 337 -10.49 -19.36 38.98
C GLY D 337 -10.38 -20.55 38.04
N ALA D 338 -11.34 -20.74 37.16
CA ALA D 338 -11.27 -21.77 36.15
C ALA D 338 -10.42 -21.33 34.97
N VAL D 339 -10.05 -22.30 34.13
CA VAL D 339 -9.13 -22.04 33.02
C VAL D 339 -9.47 -22.96 31.86
N THR D 340 -9.01 -22.56 30.69
CA THR D 340 -9.25 -23.19 29.41
C THR D 340 -7.93 -23.70 28.85
N MET D 341 -8.01 -24.55 27.84
CA MET D 341 -6.79 -25.06 27.25
C MET D 341 -7.03 -25.29 25.78
N ALA D 342 -5.94 -25.27 25.01
CA ALA D 342 -6.03 -25.43 23.57
C ALA D 342 -4.87 -26.26 23.07
N GLU D 343 -5.15 -26.97 21.97
CA GLU D 343 -4.13 -27.60 21.16
C GLU D 343 -4.34 -27.09 19.74
N GLU D 344 -3.35 -26.37 19.22
CA GLU D 344 -3.40 -25.82 17.87
C GLU D 344 -2.28 -26.44 17.05
N SER D 345 -2.64 -26.95 15.85
CA SER D 345 -1.71 -27.73 15.06
C SER D 345 -0.84 -26.86 14.15
N THR D 346 -1.44 -25.96 13.35
CA THR D 346 -0.60 -24.95 12.69
C THR D 346 0.09 -24.18 13.79
N ASP D 347 0.95 -23.25 13.43
CA ASP D 347 1.47 -22.34 14.43
C ASP D 347 0.75 -21.02 14.25
N PHE D 348 -0.02 -20.68 15.26
CA PHE D 348 -0.85 -19.51 15.31
C PHE D 348 -0.47 -18.74 16.56
N PRO D 349 -0.31 -17.42 16.48
CA PRO D 349 0.36 -16.70 17.56
C PRO D 349 -0.51 -16.56 18.78
N GLY D 350 0.12 -16.72 19.94
CA GLY D 350 -0.47 -16.30 21.19
C GLY D 350 -1.80 -16.93 21.51
N VAL D 351 -1.96 -18.24 21.28
CA VAL D 351 -3.22 -18.86 21.70
C VAL D 351 -3.34 -18.78 23.22
N SER D 352 -2.22 -18.76 23.93
CA SER D 352 -2.22 -18.55 25.36
C SER D 352 -1.85 -17.12 25.72
N ARG D 353 -2.04 -16.19 24.84
CA ARG D 353 -1.81 -14.82 25.21
C ARG D 353 -3.13 -14.03 25.21
N PRO D 354 -3.26 -12.98 26.04
CA PRO D 354 -4.53 -12.22 26.11
C PRO D 354 -5.05 -11.79 24.76
N GLN D 355 -6.36 -11.54 24.66
CA GLN D 355 -6.96 -11.17 23.38
C GLN D 355 -6.58 -9.76 22.97
N ASP D 356 -6.44 -8.86 23.95
CA ASP D 356 -6.40 -7.43 23.63
C ASP D 356 -5.23 -7.07 22.72
N MET D 357 -4.08 -7.75 22.88
CA MET D 357 -2.92 -7.56 22.01
C MET D 357 -2.34 -8.91 21.58
N GLY D 358 -3.10 -9.63 20.78
CA GLY D 358 -2.71 -10.96 20.38
C GLY D 358 -3.94 -11.76 20.02
N GLY D 359 -4.54 -12.39 21.02
CA GLY D 359 -5.82 -13.05 20.84
C GLY D 359 -5.77 -14.49 21.32
N LEU D 360 -6.90 -15.17 21.14
CA LEU D 360 -7.20 -16.49 21.69
C LEU D 360 -7.30 -16.47 23.22
N GLY D 361 -6.35 -15.82 23.90
CA GLY D 361 -6.50 -15.51 25.30
C GLY D 361 -6.65 -16.73 26.19
N PHE D 362 -6.49 -17.92 25.60
CA PHE D 362 -6.42 -19.17 26.32
C PHE D 362 -5.53 -19.09 27.53
N TRP D 363 -5.67 -20.10 28.38
CA TRP D 363 -4.88 -20.26 29.59
C TRP D 363 -3.66 -21.11 29.34
N TYR D 364 -3.81 -22.21 28.60
CA TYR D 364 -2.69 -23.10 28.28
C TYR D 364 -2.76 -23.63 26.84
N LYS D 365 -1.58 -24.00 26.31
CA LYS D 365 -1.47 -24.57 24.97
C LYS D 365 -0.63 -25.84 25.03
N TRP D 366 -1.01 -26.83 24.22
CA TRP D 366 -0.21 -28.05 24.12
C TRP D 366 1.05 -27.81 23.31
N ASN D 367 2.18 -28.22 23.88
CA ASN D 367 3.50 -28.15 23.25
C ASN D 367 3.66 -29.31 22.28
N LEU D 368 2.95 -29.18 21.16
CA LEU D 368 3.05 -30.20 20.12
C LEU D 368 4.48 -30.31 19.58
N GLY D 369 5.26 -29.25 19.68
CA GLY D 369 6.59 -29.26 19.12
C GLY D 369 7.55 -30.01 20.00
N TRP D 370 7.54 -29.66 21.28
CA TRP D 370 8.31 -30.40 22.27
C TRP D 370 7.99 -31.90 22.25
N MET D 371 6.72 -32.25 22.06
CA MET D 371 6.35 -33.64 21.88
C MET D 371 6.95 -34.22 20.60
N HIS D 372 6.70 -33.59 19.45
CA HIS D 372 7.32 -34.11 18.24
C HIS D 372 8.84 -34.22 18.38
N ASP D 373 9.49 -33.22 19.03
CA ASP D 373 10.96 -33.13 19.04
C ASP D 373 11.62 -34.19 19.92
N THR D 374 11.31 -34.19 21.22
CA THR D 374 12.01 -35.09 22.15
C THR D 374 11.79 -36.56 21.79
N LEU D 375 10.57 -36.92 21.39
CA LEU D 375 10.33 -38.24 20.83
C LEU D 375 11.22 -38.51 19.62
N ASP D 376 11.31 -37.55 18.69
CA ASP D 376 12.21 -37.72 17.55
C ASP D 376 13.60 -38.11 18.03
N TYR D 377 14.01 -37.54 19.17
CA TYR D 377 15.37 -37.72 19.71
C TYR D 377 15.60 -39.13 20.24
N MET D 378 14.63 -39.64 21.00
CA MET D 378 14.78 -40.96 21.61
C MET D 378 14.94 -42.03 20.57
N LYS D 379 14.02 -42.07 19.59
CA LYS D 379 14.00 -43.19 18.66
C LYS D 379 15.37 -43.50 18.09
N LEU D 380 16.21 -42.47 17.92
CA LEU D 380 17.54 -42.67 17.36
C LEU D 380 18.43 -43.40 18.36
N ASP D 381 19.11 -44.45 17.92
CA ASP D 381 20.02 -45.15 18.81
C ASP D 381 21.02 -44.17 19.40
N PRO D 382 21.37 -44.32 20.68
CA PRO D 382 22.22 -43.30 21.32
C PRO D 382 23.53 -43.02 20.59
N VAL D 383 23.93 -43.90 19.68
CA VAL D 383 25.13 -43.70 18.87
C VAL D 383 25.10 -42.35 18.19
N TYR D 384 23.98 -42.02 17.56
CA TYR D 384 23.81 -40.80 16.78
C TYR D 384 23.44 -39.58 17.63
N ARG D 385 22.89 -39.82 18.82
CA ARG D 385 22.29 -38.77 19.63
C ARG D 385 23.20 -37.56 19.82
N GLN D 386 24.51 -37.74 19.73
CA GLN D 386 25.37 -36.58 19.91
C GLN D 386 25.03 -35.48 18.91
N TYR D 387 24.70 -35.85 17.65
CA TYR D 387 24.58 -34.89 16.57
C TYR D 387 23.28 -34.10 16.61
N HIS D 388 22.27 -34.62 17.32
CA HIS D 388 20.95 -34.02 17.41
C HIS D 388 20.67 -33.47 18.80
N HIS D 389 21.68 -32.81 19.37
CA HIS D 389 21.51 -32.27 20.72
C HIS D 389 20.40 -31.26 20.77
N ASP D 390 20.21 -30.51 19.69
CA ASP D 390 19.32 -29.36 19.75
C ASP D 390 17.89 -29.76 20.11
N LYS D 391 17.48 -30.99 19.82
CA LYS D 391 16.08 -31.32 20.11
C LYS D 391 15.76 -31.15 21.60
N LEU D 392 16.71 -31.46 22.49
CA LEU D 392 16.44 -31.26 23.90
C LEU D 392 16.83 -29.86 24.35
N THR D 393 17.74 -29.21 23.64
CA THR D 393 18.17 -27.91 24.11
C THR D 393 17.27 -26.78 23.61
N PHE D 394 16.58 -26.97 22.49
CA PHE D 394 15.86 -25.87 21.86
C PHE D 394 14.50 -25.60 22.50
N GLY D 395 13.84 -26.63 23.02
CA GLY D 395 12.50 -26.43 23.56
C GLY D 395 12.46 -25.27 24.53
N ILE D 396 13.54 -25.10 25.29
CA ILE D 396 13.68 -23.99 26.22
C ILE D 396 13.41 -22.65 25.53
N LEU D 397 13.84 -22.52 24.27
CA LEU D 397 13.82 -21.22 23.61
C LEU D 397 12.40 -20.73 23.30
N TYR D 398 11.60 -21.57 22.64
CA TYR D 398 10.22 -21.19 22.38
C TYR D 398 9.33 -21.44 23.57
N ASN D 399 9.91 -21.85 24.70
CA ASN D 399 9.07 -22.17 25.86
C ASN D 399 8.36 -20.94 26.40
N TYR D 400 8.97 -19.76 26.30
CA TYR D 400 8.38 -18.57 26.87
C TYR D 400 7.44 -17.86 25.92
N THR D 401 7.20 -18.39 24.74
CA THR D 401 6.19 -17.81 23.86
C THR D 401 4.78 -18.14 24.29
N GLU D 402 4.60 -19.12 25.19
CA GLU D 402 3.27 -19.55 25.58
C GLU D 402 3.35 -20.22 26.95
N ASN D 403 2.21 -20.35 27.60
CA ASN D 403 2.11 -21.16 28.81
C ASN D 403 1.86 -22.60 28.39
N PHE D 404 2.85 -23.45 28.61
CA PHE D 404 2.96 -24.68 27.85
C PHE D 404 2.65 -25.93 28.66
N VAL D 405 2.16 -26.93 27.95
CA VAL D 405 1.83 -28.25 28.48
C VAL D 405 2.75 -29.28 27.83
N LEU D 406 3.18 -30.25 28.60
CA LEU D 406 3.99 -31.33 28.04
C LEU D 406 3.12 -32.55 27.82
N PRO D 407 2.78 -32.89 26.57
CA PRO D 407 1.75 -33.90 26.35
C PRO D 407 2.18 -35.18 25.64
N LEU D 408 1.97 -36.34 26.28
CA LEU D 408 1.92 -37.63 25.61
C LEU D 408 0.50 -38.15 25.62
N SER D 409 -0.04 -38.53 24.46
CA SER D 409 -1.48 -38.76 24.40
C SER D 409 -1.84 -39.74 23.29
N HIS D 410 -3.08 -39.63 22.82
CA HIS D 410 -3.76 -40.64 22.01
C HIS D 410 -3.68 -40.41 20.51
N ASP D 411 -3.16 -39.26 20.05
CA ASP D 411 -2.77 -39.07 18.66
C ASP D 411 -1.30 -39.42 18.45
N GLU D 412 -0.69 -40.00 19.50
CA GLU D 412 0.74 -40.30 19.59
C GLU D 412 1.04 -41.74 20.06
N VAL D 413 0.05 -42.66 20.13
CA VAL D 413 0.30 -44.09 20.34
C VAL D 413 -0.32 -45.05 19.28
N VAL D 414 -1.44 -44.72 18.60
CA VAL D 414 -2.27 -45.49 17.65
C VAL D 414 -1.93 -45.32 16.17
N HIS D 415 -2.60 -46.12 15.33
CA HIS D 415 -2.64 -45.97 13.87
C HIS D 415 -1.26 -46.22 13.22
N GLY D 416 -0.43 -47.04 13.86
CA GLY D 416 0.98 -47.09 13.51
C GLY D 416 1.83 -46.03 14.16
N LYS D 417 1.21 -45.03 14.81
CA LYS D 417 2.00 -44.08 15.59
C LYS D 417 2.69 -44.76 16.75
N LYS D 418 2.37 -46.04 17.02
CA LYS D 418 3.12 -46.80 17.98
C LYS D 418 3.02 -46.16 19.37
N SER D 419 2.97 -46.97 20.44
CA SER D 419 3.03 -46.44 21.79
C SER D 419 4.42 -45.88 22.04
N ILE D 420 4.56 -45.25 23.22
CA ILE D 420 5.83 -44.70 23.63
C ILE D 420 6.85 -45.81 23.80
N LEU D 421 6.46 -46.89 24.49
CA LEU D 421 7.39 -47.96 24.81
C LEU D 421 7.92 -48.67 23.56
N ASP D 422 7.07 -48.89 22.54
CA ASP D 422 7.58 -49.50 21.32
C ASP D 422 8.52 -48.58 20.57
N ARG D 423 8.68 -47.33 21.05
CA ARG D 423 9.57 -46.38 20.39
C ARG D 423 11.04 -46.68 20.68
N MET D 424 11.38 -47.05 21.91
CA MET D 424 12.76 -46.96 22.34
C MET D 424 13.58 -48.10 21.76
N PRO D 425 14.90 -47.91 21.65
CA PRO D 425 15.77 -48.91 21.03
C PRO D 425 16.87 -49.43 21.96
N GLY D 426 17.41 -50.62 21.68
CA GLY D 426 18.38 -51.32 22.49
C GLY D 426 17.83 -52.69 22.91
N ASP D 427 18.50 -53.30 23.91
CA ASP D 427 17.93 -54.49 24.53
C ASP D 427 16.79 -54.11 25.48
N ALA D 428 16.01 -55.11 25.91
CA ALA D 428 14.84 -54.84 26.74
C ALA D 428 15.20 -54.03 27.97
N TRP D 429 16.30 -54.37 28.63
CA TRP D 429 16.88 -53.52 29.65
C TRP D 429 16.94 -52.07 29.19
N GLN D 430 17.54 -51.85 28.00
CA GLN D 430 17.84 -50.51 27.52
C GLN D 430 16.58 -49.72 27.18
N LYS D 431 15.56 -50.39 26.61
CA LYS D 431 14.33 -49.69 26.25
C LYS D 431 13.66 -49.05 27.46
N PHE D 432 13.95 -49.54 28.67
CA PHE D 432 13.32 -48.95 29.83
C PHE D 432 14.10 -47.77 30.39
N ALA D 433 15.43 -47.76 30.24
CA ALA D 433 16.17 -46.55 30.53
C ALA D 433 15.55 -45.38 29.79
N ASN D 434 15.29 -45.56 28.50
CA ASN D 434 14.78 -44.49 27.65
C ASN D 434 13.47 -43.95 28.20
N LEU D 435 12.42 -44.77 28.26
CA LEU D 435 11.21 -44.29 28.90
C LEU D 435 11.53 -43.67 30.26
N ARG D 436 12.15 -44.45 31.14
CA ARG D 436 12.42 -43.93 32.48
C ARG D 436 13.25 -42.65 32.40
N ALA D 437 14.39 -42.70 31.74
CA ALA D 437 15.20 -41.49 31.62
C ALA D 437 14.37 -40.33 31.06
N TYR D 438 13.70 -40.55 29.93
CA TYR D 438 12.92 -39.49 29.30
C TYR D 438 11.82 -38.97 30.21
N TYR D 439 11.08 -39.87 30.86
CA TYR D 439 10.01 -39.43 31.72
C TYR D 439 10.52 -38.56 32.86
N GLY D 440 11.73 -38.83 33.35
CA GLY D 440 12.31 -37.97 34.36
C GLY D 440 12.73 -36.64 33.80
N TRP D 441 13.02 -36.59 32.49
CA TRP D 441 13.26 -35.33 31.80
C TRP D 441 11.96 -34.54 31.69
N MET D 442 10.87 -35.19 31.23
CA MET D 442 9.59 -34.50 31.07
C MET D 442 9.20 -33.77 32.35
N TRP D 443 9.28 -34.46 33.50
CA TRP D 443 8.82 -33.81 34.72
C TRP D 443 9.72 -32.65 35.10
N ALA D 444 11.01 -32.69 34.74
CA ALA D 444 11.90 -31.60 35.13
C ALA D 444 11.83 -30.40 34.20
N PHE D 445 11.33 -30.59 32.96
CA PHE D 445 11.39 -29.53 31.98
C PHE D 445 10.22 -28.57 32.14
N PRO D 446 10.45 -27.28 31.94
CA PRO D 446 9.37 -26.30 32.10
C PRO D 446 8.10 -26.71 31.37
N GLY D 447 6.96 -26.34 31.95
CA GLY D 447 5.65 -26.73 31.46
C GLY D 447 4.90 -27.71 32.37
N LYS D 448 3.61 -27.80 32.11
CA LYS D 448 2.75 -28.72 32.84
C LYS D 448 2.70 -30.04 32.09
N LYS D 449 2.33 -31.11 32.81
CA LYS D 449 2.54 -32.49 32.36
C LYS D 449 1.22 -33.24 32.18
N LEU D 450 1.11 -33.96 31.06
CA LEU D 450 -0.09 -34.73 30.77
C LEU D 450 0.32 -36.08 30.20
N LEU D 451 -0.39 -37.13 30.61
CA LEU D 451 -0.11 -38.49 30.18
C LEU D 451 -1.39 -39.24 29.87
N PHE D 452 -1.33 -40.12 28.87
CA PHE D 452 -2.53 -40.83 28.44
C PHE D 452 -3.01 -41.76 29.53
N MET D 453 -4.20 -42.36 29.32
CA MET D 453 -4.61 -43.54 30.09
C MET D 453 -4.03 -44.81 29.55
N GLY D 454 -3.07 -44.74 28.61
CA GLY D 454 -2.11 -45.78 28.37
C GLY D 454 -0.73 -45.23 28.73
N ASN D 455 0.29 -46.10 28.66
CA ASN D 455 1.63 -45.79 29.18
C ASN D 455 1.55 -45.94 30.70
N GLU D 456 2.01 -44.92 31.46
CA GLU D 456 1.83 -44.88 32.91
C GLU D 456 2.12 -46.19 33.63
N PHE D 457 1.86 -47.34 32.98
CA PHE D 457 2.19 -48.68 33.43
C PHE D 457 2.87 -49.45 32.30
N ALA D 458 3.64 -48.73 31.48
CA ALA D 458 4.33 -49.29 30.33
C ALA D 458 3.37 -49.74 29.23
N GLN D 459 2.54 -48.80 28.79
CA GLN D 459 1.73 -48.87 27.57
C GLN D 459 0.88 -50.12 27.35
N GLY D 460 0.45 -50.30 26.10
CA GLY D 460 -0.23 -51.48 25.65
C GLY D 460 0.18 -51.85 24.23
N ARG D 461 1.44 -51.65 23.87
CA ARG D 461 1.94 -51.92 22.52
C ARG D 461 0.99 -51.37 21.46
N GLU D 462 0.61 -50.09 21.64
CA GLU D 462 -0.42 -49.36 20.90
C GLU D 462 -1.71 -49.33 21.73
N TRP D 463 -2.82 -48.81 21.20
CA TRP D 463 -4.02 -48.68 22.03
C TRP D 463 -5.30 -48.87 21.22
N ASN D 464 -6.25 -49.59 21.83
CA ASN D 464 -7.61 -49.73 21.35
C ASN D 464 -8.55 -49.28 22.45
N HIS D 465 -9.55 -48.47 22.08
CA HIS D 465 -10.56 -47.99 23.01
C HIS D 465 -11.68 -48.99 23.20
N ASP D 466 -12.01 -49.74 22.13
CA ASP D 466 -13.07 -50.73 22.17
C ASP D 466 -12.89 -51.68 23.34
N ALA D 467 -11.72 -52.30 23.43
CA ALA D 467 -11.35 -53.07 24.60
C ALA D 467 -10.58 -52.18 25.56
N SER D 468 -10.28 -52.74 26.73
CA SER D 468 -9.40 -52.06 27.66
C SER D 468 -7.94 -52.26 27.28
N LEU D 469 -7.08 -51.38 27.84
CA LEU D 469 -5.65 -51.38 27.55
C LEU D 469 -5.07 -52.75 27.83
N ASP D 470 -3.79 -52.97 27.52
CA ASP D 470 -3.17 -54.20 27.97
C ASP D 470 -3.37 -54.34 29.47
N TRP D 471 -3.30 -53.22 30.19
CA TRP D 471 -3.85 -53.10 31.54
C TRP D 471 -3.53 -54.26 32.47
N HIS D 472 -4.44 -55.22 32.57
CA HIS D 472 -4.24 -56.46 33.31
C HIS D 472 -2.81 -57.00 33.26
N LEU D 473 -1.80 -56.18 33.59
CA LEU D 473 -0.41 -56.65 33.65
C LEU D 473 0.29 -55.94 34.82
N LEU D 474 1.62 -56.04 34.86
CA LEU D 474 2.50 -55.62 35.94
C LEU D 474 2.60 -56.70 37.03
N GLU D 475 1.80 -57.76 36.95
CA GLU D 475 1.98 -58.94 37.82
C GLU D 475 2.23 -60.18 36.99
N GLY D 476 2.98 -61.12 37.54
CA GLY D 476 3.42 -61.01 38.92
C GLY D 476 4.91 -60.80 39.10
N GLY D 477 5.27 -60.43 40.30
CA GLY D 477 6.64 -60.07 40.61
C GLY D 477 6.84 -58.56 40.60
N ASP D 478 8.07 -58.15 40.90
CA ASP D 478 8.40 -56.74 41.03
C ASP D 478 8.64 -56.04 39.70
N ASN D 479 8.88 -56.81 38.63
CA ASN D 479 9.37 -56.31 37.32
C ASN D 479 8.62 -56.90 36.11
N TRP D 480 8.37 -56.15 35.01
CA TRP D 480 9.01 -54.91 34.51
C TRP D 480 8.09 -53.68 34.22
N HIS D 481 6.82 -53.85 33.81
CA HIS D 481 5.91 -52.69 33.67
C HIS D 481 5.74 -51.99 35.01
N HIS D 482 6.47 -52.48 35.97
CA HIS D 482 6.28 -52.06 37.33
C HIS D 482 7.02 -50.76 37.56
N GLY D 483 7.93 -50.38 36.65
CA GLY D 483 8.78 -49.22 36.78
C GLY D 483 8.22 -47.97 36.12
N VAL D 484 7.32 -48.16 35.17
CA VAL D 484 6.20 -47.25 35.10
C VAL D 484 5.47 -47.36 36.45
N GLN D 485 4.67 -46.36 36.77
CA GLN D 485 4.00 -46.46 38.07
C GLN D 485 5.02 -46.19 39.15
N ARG D 486 5.92 -47.15 39.36
CA ARG D 486 7.18 -46.79 39.94
C ARG D 486 7.67 -45.54 39.23
N LEU D 487 8.06 -44.55 40.02
CA LEU D 487 8.66 -43.33 39.49
C LEU D 487 7.58 -42.35 39.03
N VAL D 488 6.51 -42.80 38.36
CA VAL D 488 5.43 -41.90 38.00
C VAL D 488 4.78 -41.35 39.27
N ARG D 489 4.11 -42.23 40.04
CA ARG D 489 3.53 -41.82 41.31
C ARG D 489 4.48 -40.94 42.11
N ASP D 490 5.68 -41.48 42.39
CA ASP D 490 6.65 -40.69 43.14
C ASP D 490 7.03 -39.45 42.35
N LEU D 491 7.12 -39.57 41.02
CA LEU D 491 7.50 -38.43 40.17
C LEU D 491 6.62 -37.22 40.43
N ASN D 492 5.32 -37.46 40.65
CA ASN D 492 4.40 -36.35 40.89
C ASN D 492 4.41 -35.91 42.34
N LEU D 493 4.57 -36.82 43.28
CA LEU D 493 4.82 -36.34 44.63
C LEU D 493 6.20 -35.70 44.73
N THR D 494 7.19 -36.27 44.04
CA THR D 494 8.45 -35.55 43.90
C THR D 494 8.22 -34.22 43.18
N TYR D 495 7.49 -34.25 42.05
CA TYR D 495 7.22 -33.04 41.28
C TYR D 495 6.28 -32.09 42.03
N ARG D 496 5.20 -32.61 42.60
CA ARG D 496 4.40 -31.83 43.55
C ARG D 496 5.24 -31.58 44.80
N HIS D 497 4.64 -30.89 45.78
CA HIS D 497 5.35 -30.67 47.05
C HIS D 497 6.54 -29.74 46.82
N HIS D 498 7.47 -30.18 45.95
CA HIS D 498 8.69 -29.43 45.65
C HIS D 498 8.39 -28.23 44.76
N LYS D 499 8.77 -27.04 45.24
CA LYS D 499 8.34 -25.80 44.64
C LYS D 499 8.92 -25.60 43.24
N ALA D 500 10.17 -25.98 43.05
CA ALA D 500 10.86 -25.61 41.81
C ALA D 500 10.21 -26.26 40.60
N MET D 501 9.90 -27.56 40.69
CA MET D 501 9.49 -28.28 39.49
C MET D 501 8.25 -27.71 38.83
N HIS D 502 7.56 -26.76 39.46
CA HIS D 502 6.28 -26.30 38.96
C HIS D 502 6.07 -24.80 39.03
N GLU D 503 6.79 -24.06 39.89
CA GLU D 503 6.29 -22.75 40.27
C GLU D 503 6.60 -21.66 39.23
N LEU D 504 7.84 -21.58 38.77
CA LEU D 504 8.25 -20.55 37.82
C LEU D 504 8.54 -21.12 36.43
N ASP D 505 7.71 -22.04 35.95
CA ASP D 505 7.89 -22.53 34.59
C ASP D 505 7.87 -21.38 33.60
N PHE D 506 6.98 -20.43 33.82
CA PHE D 506 6.73 -19.40 32.84
C PHE D 506 7.45 -18.10 33.15
N ASP D 507 8.49 -18.12 33.97
CA ASP D 507 9.43 -17.03 34.08
C ASP D 507 10.83 -17.58 33.85
N PRO D 508 11.69 -16.81 33.20
CA PRO D 508 13.03 -17.31 32.92
C PRO D 508 13.73 -17.78 34.18
N TYR D 509 13.69 -16.95 35.23
CA TYR D 509 14.29 -17.24 36.54
C TYR D 509 14.21 -18.71 36.90
N GLY D 510 13.10 -19.36 36.55
CA GLY D 510 12.82 -20.72 36.96
C GLY D 510 13.55 -21.80 36.21
N PHE D 511 14.34 -21.46 35.20
CA PHE D 511 15.15 -22.44 34.51
C PHE D 511 16.51 -21.81 34.26
N GLU D 512 17.56 -22.62 34.35
CA GLU D 512 18.91 -22.20 33.99
C GLU D 512 19.60 -23.41 33.40
N TRP D 513 20.50 -23.20 32.44
CA TRP D 513 21.31 -24.29 31.92
C TRP D 513 22.52 -24.46 32.80
N LEU D 514 22.87 -25.70 33.10
CA LEU D 514 24.13 -25.88 33.78
C LEU D 514 25.18 -26.59 32.93
N VAL D 515 24.78 -27.46 32.00
CA VAL D 515 25.67 -27.87 30.93
C VAL D 515 24.84 -28.05 29.66
N VAL D 516 24.99 -27.14 28.71
CA VAL D 516 24.32 -27.26 27.41
C VAL D 516 25.14 -28.11 26.46
N ASP D 517 26.43 -27.81 26.41
CA ASP D 517 27.32 -28.04 25.28
C ASP D 517 27.87 -29.46 25.18
N ASP D 518 27.55 -30.36 26.09
CA ASP D 518 28.18 -31.66 25.98
C ASP D 518 27.40 -32.56 25.04
N LYS D 519 27.63 -32.36 23.73
CA LYS D 519 27.06 -33.27 22.74
C LYS D 519 27.75 -34.61 22.76
N GLU D 520 29.09 -34.61 22.66
CA GLU D 520 29.80 -35.87 22.48
C GLU D 520 29.46 -36.84 23.59
N ARG D 521 29.46 -36.36 24.84
CA ARG D 521 29.03 -37.17 25.97
C ARG D 521 27.50 -37.30 26.03
N SER D 522 26.77 -36.48 25.27
CA SER D 522 25.31 -36.60 25.13
C SER D 522 24.58 -36.61 26.47
N VAL D 523 25.01 -35.74 27.37
CA VAL D 523 24.43 -35.67 28.71
C VAL D 523 24.39 -34.22 29.12
N LEU D 524 23.22 -33.75 29.57
CA LEU D 524 23.03 -32.33 29.83
C LEU D 524 22.26 -32.10 31.12
N ILE D 525 22.52 -30.92 31.72
CA ILE D 525 22.36 -30.65 33.16
C ILE D 525 21.87 -29.21 33.41
N PHE D 526 20.67 -29.09 33.99
CA PHE D 526 20.04 -27.78 34.22
C PHE D 526 19.44 -27.74 35.62
N VAL D 527 18.85 -26.59 35.97
CA VAL D 527 18.35 -26.34 37.32
C VAL D 527 17.10 -25.46 37.24
N ARG D 528 16.27 -25.52 38.30
CA ARG D 528 15.01 -24.79 38.32
C ARG D 528 14.88 -24.00 39.63
N ARG D 529 14.99 -22.68 39.53
CA ARG D 529 14.81 -21.79 40.67
C ARG D 529 13.32 -21.65 40.99
N ASP D 530 13.04 -21.25 42.26
CA ASP D 530 11.68 -21.19 42.81
C ASP D 530 11.54 -19.88 43.59
N LYS D 531 11.20 -18.82 42.86
CA LYS D 531 11.03 -17.47 43.39
C LYS D 531 12.16 -17.11 44.36
N GLU D 532 12.39 -17.96 45.36
CA GLU D 532 13.57 -17.84 46.20
C GLU D 532 14.75 -18.56 45.56
N GLY D 533 15.97 -18.22 46.03
CA GLY D 533 17.22 -18.77 45.51
C GLY D 533 17.30 -20.28 45.46
N ASN D 534 16.35 -20.98 46.09
CA ASN D 534 16.40 -22.44 46.12
C ASN D 534 16.36 -22.98 44.70
N GLU D 535 16.96 -24.15 44.53
CA GLU D 535 17.02 -24.76 43.21
C GLU D 535 17.36 -26.24 43.34
N ILE D 536 16.73 -27.06 42.51
CA ILE D 536 17.08 -28.46 42.45
C ILE D 536 17.81 -28.68 41.14
N ILE D 537 18.78 -29.57 41.16
CA ILE D 537 19.62 -29.85 40.02
C ILE D 537 19.10 -31.13 39.38
N VAL D 538 18.96 -31.11 38.05
CA VAL D 538 18.44 -32.22 37.28
C VAL D 538 19.55 -32.72 36.35
N ALA D 539 19.88 -34.01 36.45
CA ALA D 539 21.05 -34.55 35.78
C ALA D 539 20.70 -35.75 34.91
N SER D 540 20.89 -35.59 33.60
CA SER D 540 20.47 -36.57 32.63
C SER D 540 21.66 -37.08 31.84
N ASN D 541 21.83 -38.41 31.82
CA ASN D 541 22.73 -39.09 30.91
C ASN D 541 21.90 -39.87 29.91
N PHE D 542 22.07 -39.57 28.61
CA PHE D 542 21.35 -40.25 27.54
C PHE D 542 22.22 -41.23 26.77
N THR D 543 23.48 -41.42 27.20
CA THR D 543 24.36 -42.44 26.67
C THR D 543 24.48 -43.60 27.67
N PRO D 544 24.58 -44.86 27.20
CA PRO D 544 24.66 -45.99 28.16
C PRO D 544 25.86 -45.89 29.10
N VAL D 545 27.01 -45.48 28.58
CA VAL D 545 28.24 -45.29 29.37
C VAL D 545 28.02 -44.41 30.59
N PRO D 546 28.32 -44.89 31.78
CA PRO D 546 28.28 -44.00 32.96
C PRO D 546 29.49 -43.07 32.98
N ARG D 547 29.26 -41.87 33.48
CA ARG D 547 30.29 -40.85 33.57
C ARG D 547 30.57 -40.61 35.05
N HIS D 548 31.82 -40.84 35.44
CA HIS D 548 32.24 -40.80 36.83
C HIS D 548 33.09 -39.57 37.05
N ASP D 549 32.77 -38.82 38.11
CA ASP D 549 33.41 -37.55 38.37
C ASP D 549 33.13 -36.54 37.26
N TYR D 550 31.84 -36.39 36.94
CA TYR D 550 31.42 -35.30 36.06
C TYR D 550 31.50 -33.98 36.83
N ARG D 551 32.16 -32.98 36.25
CA ARG D 551 32.32 -31.70 36.91
C ARG D 551 31.42 -30.67 36.25
N PHE D 552 30.76 -29.84 37.08
CA PHE D 552 29.97 -28.71 36.59
C PHE D 552 29.60 -27.82 37.75
N GLY D 553 29.85 -26.53 37.61
CA GLY D 553 29.61 -25.60 38.70
C GLY D 553 28.14 -25.49 39.06
N ILE D 554 27.87 -24.90 40.22
CA ILE D 554 26.50 -24.81 40.74
C ILE D 554 26.23 -23.39 41.22
N ASN D 555 24.97 -23.18 41.63
CA ASN D 555 24.47 -21.87 42.02
C ASN D 555 24.70 -21.58 43.51
N GLN D 556 24.22 -22.46 44.40
CA GLN D 556 24.37 -22.27 45.84
C GLN D 556 25.15 -23.44 46.42
N PRO D 557 26.18 -23.18 47.24
CA PRO D 557 27.03 -24.27 47.73
C PRO D 557 26.44 -25.02 48.93
N GLY D 558 26.96 -26.25 49.13
CA GLY D 558 26.68 -27.02 50.33
C GLY D 558 26.17 -28.44 50.18
N LYS D 559 25.05 -28.71 50.86
CA LYS D 559 24.50 -30.06 51.00
C LYS D 559 23.52 -30.34 49.86
N TRP D 560 23.89 -31.26 48.97
CA TRP D 560 23.06 -31.65 47.83
C TRP D 560 22.95 -33.16 47.83
N ARG D 561 21.71 -33.65 47.93
CA ARG D 561 21.41 -35.08 48.05
C ARG D 561 20.58 -35.54 46.87
N GLU D 562 21.02 -36.62 46.23
CA GLU D 562 20.15 -37.29 45.27
C GLU D 562 18.75 -37.42 45.82
N ILE D 563 17.76 -37.07 45.00
CA ILE D 563 16.37 -37.24 45.37
C ILE D 563 15.59 -38.07 44.37
N LEU D 564 16.16 -38.35 43.20
CA LEU D 564 15.46 -39.18 42.25
C LEU D 564 16.47 -39.86 41.35
N ASN D 565 16.05 -40.99 40.78
CA ASN D 565 16.91 -41.70 39.84
C ASN D 565 16.08 -42.74 39.12
N THR D 566 16.00 -42.63 37.78
CA THR D 566 15.14 -43.48 36.97
C THR D 566 15.76 -44.85 36.65
N ASP D 567 17.08 -45.00 36.77
CA ASP D 567 17.73 -46.30 36.68
C ASP D 567 17.69 -47.06 38.00
N SER D 568 16.75 -46.76 38.89
CA SER D 568 16.81 -47.24 40.26
C SER D 568 16.45 -48.72 40.37
N MET D 569 17.07 -49.40 41.32
CA MET D 569 16.67 -50.78 41.64
C MET D 569 15.17 -50.85 41.88
N HIS D 570 14.59 -49.85 42.54
CA HIS D 570 13.16 -49.87 42.84
C HIS D 570 12.32 -49.76 41.58
N TYR D 571 12.78 -49.00 40.59
CA TYR D 571 12.23 -49.09 39.23
C TYR D 571 13.19 -49.85 38.31
N HIS D 572 13.75 -50.96 38.80
CA HIS D 572 14.50 -52.01 38.09
C HIS D 572 15.63 -51.57 37.17
N GLY D 573 16.30 -50.47 37.50
CA GLY D 573 17.57 -50.16 36.88
C GLY D 573 18.63 -50.52 37.90
N SER D 574 19.77 -50.99 37.39
CA SER D 574 20.91 -51.20 38.28
C SER D 574 21.16 -49.94 39.10
N ASN D 575 21.04 -50.02 40.44
CA ASN D 575 21.43 -48.88 41.26
C ASN D 575 22.73 -48.34 40.70
N ALA D 576 22.81 -47.03 40.58
CA ALA D 576 23.95 -46.43 39.93
C ALA D 576 24.10 -45.01 40.45
N GLY D 577 25.15 -44.34 39.99
CA GLY D 577 25.55 -43.08 40.56
C GLY D 577 25.64 -43.19 42.07
N ASN D 578 26.09 -42.14 42.75
CA ASN D 578 26.06 -42.15 44.21
C ASN D 578 24.70 -42.68 44.67
N GLY D 579 24.67 -43.36 45.82
CA GLY D 579 23.43 -43.65 46.48
C GLY D 579 23.22 -42.76 47.67
N GLY D 580 24.08 -41.76 47.87
CA GLY D 580 24.14 -40.97 49.09
C GLY D 580 24.07 -39.47 48.89
N THR D 581 24.93 -38.76 49.60
CA THR D 581 24.97 -37.30 49.63
C THR D 581 26.36 -36.87 49.19
N VAL D 582 26.47 -35.62 48.69
CA VAL D 582 27.76 -35.06 48.26
C VAL D 582 27.78 -33.57 48.59
N HIS D 583 28.92 -32.93 48.34
CA HIS D 583 29.14 -31.55 48.76
C HIS D 583 29.79 -30.74 47.65
N SER D 584 29.45 -29.46 47.58
CA SER D 584 30.06 -28.54 46.63
C SER D 584 31.53 -28.28 46.98
N ASP D 585 32.28 -27.79 45.98
CA ASP D 585 33.73 -27.63 46.08
C ASP D 585 34.11 -26.23 45.61
N GLU D 586 35.28 -25.79 46.06
CA GLU D 586 35.73 -24.42 45.78
C GLU D 586 36.41 -24.25 44.44
N ILE D 587 36.96 -25.33 43.87
CA ILE D 587 37.52 -25.22 42.53
C ILE D 587 36.41 -24.83 41.55
N ALA D 588 36.68 -23.79 40.76
CA ALA D 588 35.68 -23.28 39.83
C ALA D 588 35.46 -24.25 38.66
N SER D 589 34.33 -24.06 37.98
CA SER D 589 34.01 -24.77 36.76
C SER D 589 32.96 -23.99 36.00
N HIS D 590 33.04 -24.02 34.67
CA HIS D 590 31.98 -23.47 33.83
C HIS D 590 31.67 -22.02 34.21
N GLY D 591 32.67 -21.29 34.71
CA GLY D 591 32.50 -19.91 35.10
C GLY D 591 31.68 -19.68 36.34
N ARG D 592 30.92 -20.68 36.79
CA ARG D 592 30.35 -20.65 38.13
C ARG D 592 31.41 -21.11 39.13
N GLN D 593 31.45 -20.50 40.32
CA GLN D 593 32.63 -20.63 41.18
C GLN D 593 32.74 -21.99 41.88
N HIS D 594 31.61 -22.65 42.12
CA HIS D 594 31.62 -23.89 42.89
C HIS D 594 31.36 -25.07 41.97
N SER D 595 32.28 -26.02 41.99
CA SER D 595 32.17 -27.22 41.18
C SER D 595 31.16 -28.18 41.78
N LEU D 596 30.98 -29.32 41.13
CA LEU D 596 30.25 -30.46 41.66
C LEU D 596 30.70 -31.69 40.88
N SER D 597 31.24 -32.68 41.58
CA SER D 597 31.57 -33.96 40.95
C SER D 597 30.39 -34.89 41.13
N LEU D 598 30.27 -35.86 40.23
CA LEU D 598 29.05 -36.66 40.28
C LEU D 598 29.20 -37.84 39.35
N THR D 599 28.38 -38.85 39.64
CA THR D 599 28.22 -40.02 38.80
C THR D 599 26.91 -39.89 38.03
N LEU D 600 26.98 -40.07 36.71
CA LEU D 600 25.79 -40.10 35.90
C LEU D 600 25.41 -41.52 35.62
N PRO D 601 24.23 -41.95 36.07
CA PRO D 601 23.94 -43.36 36.13
C PRO D 601 23.85 -43.97 34.75
N PRO D 602 23.19 -45.12 34.59
CA PRO D 602 22.85 -45.58 33.25
C PRO D 602 21.81 -44.67 32.61
N LEU D 603 21.19 -45.12 31.52
CA LEU D 603 20.31 -44.23 30.78
C LEU D 603 19.17 -43.85 31.70
N ALA D 604 19.51 -42.99 32.66
CA ALA D 604 18.59 -42.50 33.64
C ALA D 604 18.86 -41.02 33.85
N THR D 605 17.99 -40.41 34.64
CA THR D 605 18.04 -38.98 34.91
C THR D 605 17.68 -38.76 36.38
N ILE D 606 18.31 -37.76 37.01
CA ILE D 606 18.32 -37.63 38.46
C ILE D 606 18.10 -36.17 38.83
N TRP D 607 17.59 -35.91 40.07
CA TRP D 607 17.40 -34.57 40.61
C TRP D 607 18.04 -34.44 42.00
N LEU D 608 18.44 -33.21 42.37
CA LEU D 608 19.22 -32.97 43.59
C LEU D 608 18.76 -31.69 44.30
N VAL D 609 19.20 -31.51 45.55
CA VAL D 609 18.66 -30.52 46.50
C VAL D 609 19.67 -29.88 47.46
#